data_2JP2
#
_entry.id   2JP2
#
_entity_poly.entity_id   1
_entity_poly.type   'polypeptide(L)'
_entity_poly.pdbx_seq_one_letter_code
;GSMTEETHPDDDSYIVRVKAVVMTRDDSSGGWFPQEGGGISRVGVCKVMHPEGNGRSGFLIHGERQKDKLVVLECYVRKD
LVYTKANPTFHHWKVDNRKFGLTFQSPADARAFDRGVRKAIEDLIE
;
_entity_poly.pdbx_strand_id   A
#
# COMPACT_ATOMS: atom_id res chain seq x y z
N GLY A 1 7.04 -1.04 -19.01
CA GLY A 1 5.77 -0.43 -19.48
C GLY A 1 4.71 -1.50 -19.71
N SER A 2 4.05 -1.44 -20.87
CA SER A 2 3.11 -2.48 -21.27
C SER A 2 3.87 -3.79 -21.40
N MET A 3 5.03 -3.72 -22.06
CA MET A 3 5.99 -4.81 -22.07
C MET A 3 7.09 -4.48 -21.05
N THR A 4 7.63 -5.52 -20.40
CA THR A 4 8.63 -5.34 -19.36
C THR A 4 8.06 -4.51 -18.21
N GLU A 5 7.50 -5.18 -17.21
CA GLU A 5 6.86 -4.50 -16.10
C GLU A 5 7.82 -4.29 -14.94
N GLU A 6 8.29 -3.06 -14.79
CA GLU A 6 9.09 -2.66 -13.63
C GLU A 6 8.16 -2.05 -12.56
N THR A 7 8.75 -1.37 -11.58
CA THR A 7 7.97 -0.71 -10.52
C THR A 7 7.31 -1.75 -9.58
N HIS A 8 7.67 -3.03 -9.75
CA HIS A 8 7.13 -4.10 -8.91
C HIS A 8 8.27 -4.95 -8.30
N PRO A 9 9.09 -5.67 -9.13
CA PRO A 9 10.14 -6.54 -8.60
C PRO A 9 11.40 -5.75 -8.21
N ASP A 10 11.90 -4.95 -9.14
CA ASP A 10 13.09 -4.12 -8.92
C ASP A 10 12.72 -2.86 -8.13
N ASP A 11 11.42 -2.72 -7.84
CA ASP A 11 10.90 -1.57 -7.11
C ASP A 11 11.04 -0.29 -7.93
N ASP A 12 12.25 0.28 -7.93
CA ASP A 12 12.58 1.44 -8.76
C ASP A 12 11.79 2.69 -8.34
N SER A 13 10.50 2.72 -8.71
CA SER A 13 9.66 3.91 -8.56
C SER A 13 9.07 4.04 -7.16
N TYR A 14 9.56 3.24 -6.22
CA TYR A 14 9.12 3.35 -4.83
C TYR A 14 9.58 4.67 -4.22
N ILE A 15 8.63 5.54 -3.90
CA ILE A 15 8.93 6.83 -3.28
C ILE A 15 8.86 6.71 -1.76
N VAL A 16 8.06 5.75 -1.28
CA VAL A 16 7.91 5.51 0.16
C VAL A 16 7.96 4.01 0.44
N ARG A 17 8.67 3.63 1.51
CA ARG A 17 8.72 2.24 1.97
C ARG A 17 8.48 2.18 3.47
N VAL A 18 7.48 1.41 3.88
CA VAL A 18 7.15 1.24 5.29
C VAL A 18 7.16 -0.25 5.66
N LYS A 19 6.94 -0.54 6.93
CA LYS A 19 6.90 -1.92 7.42
C LYS A 19 5.67 -2.12 8.30
N ALA A 20 4.88 -3.13 7.96
CA ALA A 20 3.66 -3.43 8.70
C ALA A 20 3.16 -4.82 8.29
N VAL A 21 2.08 -5.27 8.91
CA VAL A 21 1.47 -6.55 8.53
C VAL A 21 0.25 -6.31 7.64
N VAL A 22 0.31 -6.82 6.41
CA VAL A 22 -0.78 -6.66 5.46
C VAL A 22 -2.03 -7.43 5.91
N MET A 23 -3.05 -6.69 6.33
CA MET A 23 -4.30 -7.27 6.79
C MET A 23 -5.39 -7.05 5.74
N THR A 24 -6.48 -7.75 5.90
CA THR A 24 -7.63 -7.63 5.02
C THR A 24 -8.87 -8.16 5.69
N ARG A 25 -10.02 -7.62 5.33
CA ARG A 25 -11.30 -8.13 5.80
C ARG A 25 -12.14 -8.55 4.61
N ASP A 26 -12.16 -9.86 4.35
CA ASP A 26 -12.95 -10.40 3.25
C ASP A 26 -14.43 -10.25 3.56
N ASP A 27 -14.98 -9.07 3.26
CA ASP A 27 -16.36 -8.72 3.57
C ASP A 27 -16.57 -8.70 5.09
N SER A 28 -16.77 -9.87 5.68
CA SER A 28 -16.95 -10.00 7.13
C SER A 28 -16.42 -11.36 7.61
N SER A 29 -15.61 -12.00 6.78
CA SER A 29 -15.03 -13.30 7.10
C SER A 29 -14.10 -13.20 8.31
N GLY A 30 -14.66 -13.39 9.50
CA GLY A 30 -13.90 -13.33 10.73
C GLY A 30 -13.57 -11.90 11.13
N GLY A 31 -12.79 -11.22 10.29
CA GLY A 31 -12.40 -9.86 10.54
C GLY A 31 -11.14 -9.51 9.77
N TRP A 32 -10.24 -8.76 10.39
CA TRP A 32 -8.97 -8.40 9.76
C TRP A 32 -8.00 -9.58 9.85
N PHE A 33 -7.97 -10.39 8.81
CA PHE A 33 -7.12 -11.58 8.79
C PHE A 33 -5.90 -11.34 7.91
N PRO A 34 -4.73 -11.87 8.30
CA PRO A 34 -3.51 -11.77 7.50
C PRO A 34 -3.62 -12.62 6.23
N GLN A 35 -3.86 -11.93 5.11
CA GLN A 35 -3.99 -12.58 3.81
C GLN A 35 -2.75 -13.41 3.45
N GLU A 36 -1.59 -12.80 3.60
CA GLU A 36 -0.31 -13.47 3.31
C GLU A 36 0.80 -12.76 4.08
N GLY A 37 1.99 -13.34 4.08
CA GLY A 37 3.11 -12.76 4.78
C GLY A 37 3.04 -13.02 6.27
N GLY A 38 2.15 -12.29 6.95
CA GLY A 38 1.98 -12.44 8.39
C GLY A 38 3.17 -11.89 9.16
N GLY A 39 4.28 -12.61 9.12
CA GLY A 39 5.49 -12.18 9.81
C GLY A 39 6.13 -10.98 9.13
N ILE A 40 5.55 -9.81 9.35
CA ILE A 40 6.05 -8.54 8.81
C ILE A 40 5.92 -8.49 7.28
N SER A 41 5.59 -7.32 6.74
CA SER A 41 5.46 -7.15 5.30
C SER A 41 6.20 -5.89 4.85
N ARG A 42 6.97 -6.02 3.78
CA ARG A 42 7.75 -4.93 3.21
C ARG A 42 6.87 -4.14 2.23
N VAL A 43 6.09 -3.21 2.77
CA VAL A 43 5.08 -2.49 1.99
C VAL A 43 5.59 -1.10 1.62
N GLY A 44 5.06 -0.53 0.54
CA GLY A 44 5.45 0.80 0.14
C GLY A 44 4.47 1.44 -0.83
N VAL A 45 4.79 2.65 -1.27
CA VAL A 45 3.96 3.38 -2.22
C VAL A 45 4.82 3.87 -3.36
N CYS A 46 4.38 3.58 -4.58
CA CYS A 46 5.06 4.05 -5.79
C CYS A 46 4.10 4.92 -6.60
N LYS A 47 4.54 6.14 -6.94
CA LYS A 47 3.72 7.05 -7.72
C LYS A 47 3.85 6.70 -9.20
N VAL A 48 2.88 5.96 -9.71
CA VAL A 48 2.86 5.55 -11.11
C VAL A 48 2.21 6.63 -11.96
N MET A 49 1.92 6.30 -13.22
CA MET A 49 1.24 7.22 -14.13
C MET A 49 0.82 6.50 -15.39
N HIS A 50 0.01 7.16 -16.21
CA HIS A 50 -0.40 6.60 -17.49
C HIS A 50 0.68 6.84 -18.54
N PRO A 51 1.08 5.79 -19.29
CA PRO A 51 2.21 5.86 -20.23
C PRO A 51 2.08 6.97 -21.28
N GLU A 52 0.87 7.53 -21.38
CA GLU A 52 0.60 8.62 -22.30
C GLU A 52 1.53 9.80 -22.02
N GLY A 53 1.82 10.02 -20.74
CA GLY A 53 2.71 11.09 -20.33
C GLY A 53 2.07 12.46 -20.47
N ASN A 54 1.26 12.83 -19.48
CA ASN A 54 0.56 14.11 -19.47
C ASN A 54 0.71 14.80 -18.11
N GLY A 55 1.74 14.42 -17.36
CA GLY A 55 1.98 15.01 -16.05
C GLY A 55 1.19 14.32 -14.96
N ARG A 56 -0.12 14.17 -15.20
CA ARG A 56 -1.01 13.49 -14.28
C ARG A 56 -0.46 12.11 -13.89
N SER A 57 -0.38 11.86 -12.59
CA SER A 57 0.18 10.62 -12.07
C SER A 57 -0.86 9.86 -11.25
N GLY A 58 -0.60 8.57 -11.04
CA GLY A 58 -1.44 7.74 -10.22
C GLY A 58 -0.65 7.13 -9.08
N PHE A 59 -1.27 6.24 -8.32
CA PHE A 59 -0.60 5.63 -7.17
C PHE A 59 -0.85 4.14 -7.12
N LEU A 60 0.11 3.40 -6.60
CA LEU A 60 0.00 1.96 -6.49
C LEU A 60 0.43 1.53 -5.09
N ILE A 61 -0.51 1.04 -4.30
CA ILE A 61 -0.21 0.49 -2.99
C ILE A 61 0.33 -0.92 -3.17
N HIS A 62 1.65 -1.06 -3.15
CA HIS A 62 2.30 -2.33 -3.44
C HIS A 62 3.14 -2.76 -2.25
N GLY A 63 3.14 -4.05 -1.94
CA GLY A 63 3.86 -4.54 -0.79
C GLY A 63 4.25 -5.99 -0.90
N GLU A 64 5.53 -6.26 -0.71
CA GLU A 64 6.02 -7.63 -0.62
C GLU A 64 5.99 -8.05 0.85
N ARG A 65 6.10 -9.34 1.10
CA ARG A 65 6.24 -9.82 2.47
C ARG A 65 7.70 -9.70 2.90
N GLN A 66 7.96 -9.78 4.20
CA GLN A 66 9.33 -9.70 4.69
C GLN A 66 10.04 -11.03 4.47
N LYS A 67 10.28 -11.34 3.21
CA LYS A 67 10.88 -12.60 2.81
C LYS A 67 11.20 -12.54 1.31
N ASP A 68 11.86 -11.46 0.91
CA ASP A 68 12.21 -11.21 -0.51
C ASP A 68 10.96 -10.85 -1.31
N LYS A 69 11.16 -10.62 -2.61
CA LYS A 69 10.09 -10.17 -3.49
C LYS A 69 8.99 -11.22 -3.67
N LEU A 70 7.97 -11.12 -2.85
CA LEU A 70 6.72 -11.84 -3.03
C LEU A 70 5.55 -10.90 -2.79
N VAL A 71 4.91 -10.48 -3.87
CA VAL A 71 3.81 -9.52 -3.79
C VAL A 71 2.64 -10.10 -2.99
N VAL A 72 2.45 -9.56 -1.79
CA VAL A 72 1.35 -10.01 -0.93
C VAL A 72 0.26 -8.95 -0.85
N LEU A 73 0.55 -7.76 -1.38
CA LEU A 73 -0.41 -6.67 -1.39
C LEU A 73 -0.24 -5.87 -2.69
N GLU A 74 -1.35 -5.67 -3.40
CA GLU A 74 -1.35 -4.89 -4.63
C GLU A 74 -2.69 -4.17 -4.78
N CYS A 75 -2.66 -2.85 -4.73
CA CYS A 75 -3.84 -2.03 -4.91
C CYS A 75 -3.54 -0.83 -5.79
N TYR A 76 -3.63 -1.05 -7.11
CA TYR A 76 -3.44 0.00 -8.09
C TYR A 76 -4.65 0.92 -8.14
N VAL A 77 -4.39 2.23 -8.16
CA VAL A 77 -5.45 3.23 -8.26
C VAL A 77 -5.08 4.27 -9.31
N ARG A 78 -6.07 4.83 -9.96
CA ARG A 78 -5.84 5.75 -11.07
C ARG A 78 -6.17 7.18 -10.67
N LYS A 79 -7.21 7.35 -9.85
CA LYS A 79 -7.66 8.68 -9.44
C LYS A 79 -8.61 8.56 -8.24
N ASP A 80 -8.47 7.46 -7.51
CA ASP A 80 -9.43 7.09 -6.48
C ASP A 80 -8.74 6.38 -5.32
N LEU A 81 -8.92 6.90 -4.11
CA LEU A 81 -8.38 6.29 -2.89
C LEU A 81 -9.13 6.82 -1.67
N VAL A 82 -9.72 5.91 -0.90
CA VAL A 82 -10.42 6.27 0.32
C VAL A 82 -9.85 5.51 1.51
N TYR A 83 -8.97 6.17 2.26
CA TYR A 83 -8.39 5.57 3.46
C TYR A 83 -9.24 5.90 4.68
N THR A 84 -9.04 5.11 5.73
CA THR A 84 -9.68 5.33 7.01
C THR A 84 -8.86 4.62 8.09
N LYS A 85 -8.28 5.39 9.01
CA LYS A 85 -7.51 4.80 10.09
C LYS A 85 -8.42 4.49 11.27
N ALA A 86 -8.68 3.21 11.49
CA ALA A 86 -9.63 2.77 12.51
C ALA A 86 -9.02 2.94 13.90
N ASN A 87 -7.75 2.58 14.00
CA ASN A 87 -7.00 2.70 15.25
C ASN A 87 -5.62 3.27 14.93
N PRO A 88 -4.97 3.94 15.90
CA PRO A 88 -3.65 4.55 15.69
C PRO A 88 -2.61 3.55 15.15
N THR A 89 -2.87 2.26 15.40
CA THR A 89 -1.96 1.21 14.99
C THR A 89 -2.51 0.39 13.82
N PHE A 90 -3.61 0.86 13.22
CA PHE A 90 -4.25 0.15 12.11
C PHE A 90 -4.91 1.12 11.13
N HIS A 91 -4.34 1.20 9.93
CA HIS A 91 -4.88 2.05 8.87
C HIS A 91 -5.41 1.14 7.77
N HIS A 92 -6.62 1.42 7.27
CA HIS A 92 -7.25 0.57 6.26
C HIS A 92 -7.85 1.42 5.13
N TRP A 93 -8.17 0.75 4.02
CA TRP A 93 -8.75 1.40 2.86
C TRP A 93 -9.69 0.45 2.13
N LYS A 94 -10.78 0.99 1.59
CA LYS A 94 -11.76 0.19 0.85
C LYS A 94 -11.76 0.58 -0.62
N VAL A 95 -11.52 -0.40 -1.48
CA VAL A 95 -11.44 -0.17 -2.93
C VAL A 95 -12.65 -0.78 -3.63
N ASP A 96 -13.77 -0.76 -2.91
CA ASP A 96 -15.02 -1.42 -3.34
C ASP A 96 -14.87 -2.93 -3.23
N ASN A 97 -13.86 -3.47 -3.91
CA ASN A 97 -13.51 -4.88 -3.77
C ASN A 97 -12.80 -5.10 -2.43
N ARG A 98 -13.57 -5.53 -1.44
CA ARG A 98 -13.07 -5.73 -0.08
C ARG A 98 -12.54 -4.43 0.54
N LYS A 99 -12.15 -4.54 1.79
CA LYS A 99 -11.56 -3.45 2.53
C LYS A 99 -10.23 -3.94 3.11
N PHE A 100 -9.13 -3.46 2.53
CA PHE A 100 -7.80 -3.91 2.93
C PHE A 100 -7.27 -3.03 4.05
N GLY A 101 -6.12 -3.38 4.60
CA GLY A 101 -5.51 -2.59 5.63
C GLY A 101 -4.18 -3.15 6.07
N LEU A 102 -3.59 -2.53 7.09
CA LEU A 102 -2.34 -3.02 7.65
C LEU A 102 -2.21 -2.65 9.12
N THR A 103 -1.51 -3.47 9.88
CA THR A 103 -1.25 -3.22 11.27
C THR A 103 0.17 -2.68 11.45
N PHE A 104 0.28 -1.44 11.92
CA PHE A 104 1.57 -0.81 12.17
C PHE A 104 2.34 -1.56 13.25
N GLN A 105 3.65 -1.58 13.13
CA GLN A 105 4.50 -2.30 14.09
C GLN A 105 5.37 -1.34 14.89
N SER A 106 5.40 -0.08 14.46
CA SER A 106 6.10 0.97 15.19
C SER A 106 5.49 2.34 14.86
N PRO A 107 5.57 3.31 15.80
CA PRO A 107 5.09 4.68 15.55
C PRO A 107 5.83 5.34 14.38
N ALA A 108 7.00 4.78 14.05
CA ALA A 108 7.79 5.27 12.92
C ALA A 108 7.07 5.01 11.61
N ASP A 109 6.79 3.73 11.32
CA ASP A 109 6.08 3.36 10.09
C ASP A 109 4.65 3.89 10.12
N ALA A 110 4.07 3.97 11.31
CA ALA A 110 2.74 4.55 11.48
C ALA A 110 2.70 5.98 10.94
N ARG A 111 3.51 6.85 11.53
CA ARG A 111 3.54 8.26 11.17
C ARG A 111 3.98 8.42 9.71
N ALA A 112 4.94 7.59 9.31
CA ALA A 112 5.46 7.64 7.94
C ALA A 112 4.38 7.30 6.92
N PHE A 113 3.59 6.27 7.23
CA PHE A 113 2.53 5.82 6.33
C PHE A 113 1.44 6.87 6.25
N ASP A 114 1.02 7.39 7.40
CA ASP A 114 0.00 8.43 7.45
C ASP A 114 0.46 9.65 6.64
N ARG A 115 1.74 9.98 6.75
CA ARG A 115 2.33 11.10 6.00
C ARG A 115 2.21 10.86 4.51
N GLY A 116 2.63 9.67 4.08
CA GLY A 116 2.57 9.29 2.68
C GLY A 116 1.14 9.30 2.15
N VAL A 117 0.23 8.76 2.95
CA VAL A 117 -1.19 8.73 2.62
C VAL A 117 -1.74 10.13 2.45
N ARG A 118 -1.41 11.00 3.39
CA ARG A 118 -1.90 12.37 3.40
C ARG A 118 -1.46 13.09 2.12
N LYS A 119 -0.16 13.00 1.82
CA LYS A 119 0.39 13.62 0.61
C LYS A 119 -0.20 12.98 -0.64
N ALA A 120 -0.34 11.67 -0.62
CA ALA A 120 -0.88 10.93 -1.77
C ALA A 120 -2.27 11.43 -2.11
N ILE A 121 -3.17 11.40 -1.13
CA ILE A 121 -4.54 11.88 -1.31
C ILE A 121 -4.53 13.34 -1.76
N GLU A 122 -3.68 14.13 -1.12
CA GLU A 122 -3.55 15.55 -1.40
C GLU A 122 -3.31 15.81 -2.89
N ASP A 123 -2.23 15.25 -3.42
CA ASP A 123 -1.87 15.47 -4.83
C ASP A 123 -2.78 14.69 -5.77
N LEU A 124 -3.38 13.62 -5.26
CA LEU A 124 -4.30 12.80 -6.06
C LEU A 124 -5.59 13.58 -6.33
N ILE A 125 -6.06 14.33 -5.33
CA ILE A 125 -7.32 15.07 -5.45
C ILE A 125 -7.09 16.47 -6.00
N GLU A 126 -6.01 17.11 -5.58
CA GLU A 126 -5.72 18.49 -5.98
C GLU A 126 -4.24 18.81 -5.76
N GLY A 1 11.06 6.68 -16.55
CA GLY A 1 9.65 6.27 -16.84
C GLY A 1 9.54 5.57 -18.18
N SER A 2 8.30 5.20 -18.54
CA SER A 2 8.01 4.48 -19.78
C SER A 2 8.63 3.07 -19.77
N MET A 3 8.05 2.16 -20.56
CA MET A 3 8.51 0.77 -20.66
C MET A 3 8.14 -0.04 -19.41
N THR A 4 8.50 0.49 -18.24
CA THR A 4 8.13 -0.13 -16.97
C THR A 4 7.31 0.84 -16.13
N GLU A 5 5.99 0.80 -16.30
CA GLU A 5 5.09 1.60 -15.49
C GLU A 5 5.13 1.08 -14.05
N GLU A 6 4.82 -0.20 -13.89
CA GLU A 6 4.99 -0.89 -12.62
C GLU A 6 6.39 -1.50 -12.55
N THR A 7 6.78 -1.97 -11.37
CA THR A 7 8.13 -2.51 -11.19
C THR A 7 8.24 -3.29 -9.88
N HIS A 8 9.43 -3.84 -9.64
CA HIS A 8 9.69 -4.77 -8.54
C HIS A 8 11.14 -5.27 -8.60
N PRO A 9 11.67 -5.61 -9.83
CA PRO A 9 13.07 -5.99 -10.02
C PRO A 9 13.95 -4.86 -10.57
N ASP A 10 13.45 -3.63 -10.52
CA ASP A 10 14.14 -2.47 -11.12
C ASP A 10 13.95 -1.24 -10.23
N ASP A 11 12.73 -0.71 -10.26
CA ASP A 11 12.25 0.25 -9.28
C ASP A 11 12.84 1.65 -9.46
N ASP A 12 12.10 2.48 -10.18
CA ASP A 12 12.41 3.91 -10.30
C ASP A 12 11.13 4.71 -10.03
N SER A 13 10.19 4.07 -9.35
CA SER A 13 8.86 4.64 -9.08
C SER A 13 8.51 4.57 -7.58
N TYR A 14 9.11 3.63 -6.87
CA TYR A 14 8.82 3.44 -5.44
C TYR A 14 9.24 4.66 -4.62
N ILE A 15 8.42 5.00 -3.63
CA ILE A 15 8.67 6.15 -2.76
C ILE A 15 8.61 5.72 -1.30
N VAL A 16 7.43 5.30 -0.86
CA VAL A 16 7.22 4.90 0.53
C VAL A 16 7.29 3.38 0.65
N ARG A 17 8.39 2.87 1.21
CA ARG A 17 8.57 1.44 1.40
C ARG A 17 8.75 1.12 2.88
N VAL A 18 7.64 0.86 3.56
CA VAL A 18 7.65 0.61 5.00
C VAL A 18 7.39 -0.86 5.29
N LYS A 19 8.16 -1.41 6.21
CA LYS A 19 7.95 -2.77 6.69
C LYS A 19 6.91 -2.75 7.81
N ALA A 20 5.71 -3.21 7.51
CA ALA A 20 4.60 -3.21 8.46
C ALA A 20 3.73 -4.44 8.24
N VAL A 21 2.59 -4.50 8.94
CA VAL A 21 1.69 -5.63 8.84
C VAL A 21 0.50 -5.29 7.94
N VAL A 22 0.32 -6.06 6.87
CA VAL A 22 -0.81 -5.88 5.99
C VAL A 22 -1.94 -6.86 6.34
N MET A 23 -2.91 -6.38 7.10
CA MET A 23 -4.11 -7.16 7.41
C MET A 23 -4.99 -7.20 6.18
N THR A 24 -5.04 -8.35 5.53
CA THR A 24 -5.74 -8.46 4.25
C THR A 24 -7.25 -8.52 4.45
N ARG A 25 -7.70 -9.36 5.39
CA ARG A 25 -9.12 -9.65 5.58
C ARG A 25 -9.73 -10.23 4.29
N ASP A 26 -10.51 -11.28 4.41
CA ASP A 26 -11.17 -11.86 3.25
C ASP A 26 -12.42 -11.04 2.95
N ASP A 27 -12.19 -9.77 2.58
CA ASP A 27 -13.23 -8.76 2.40
C ASP A 27 -14.02 -8.56 3.68
N SER A 28 -14.89 -9.51 4.00
CA SER A 28 -15.67 -9.49 5.23
C SER A 28 -15.38 -10.75 6.04
N SER A 29 -14.51 -10.62 7.03
CA SER A 29 -14.14 -11.72 7.90
C SER A 29 -14.35 -11.35 9.36
N GLY A 30 -14.46 -12.34 10.24
CA GLY A 30 -14.59 -12.08 11.66
C GLY A 30 -13.31 -11.52 12.25
N GLY A 31 -13.07 -10.24 12.00
CA GLY A 31 -11.83 -9.60 12.40
C GLY A 31 -10.93 -9.35 11.21
N TRP A 32 -9.63 -9.19 11.48
CA TRP A 32 -8.65 -8.93 10.43
C TRP A 32 -7.49 -9.93 10.52
N PHE A 33 -7.20 -10.60 9.42
CA PHE A 33 -6.13 -11.59 9.39
C PHE A 33 -5.02 -11.12 8.44
N PRO A 34 -3.75 -11.29 8.85
CA PRO A 34 -2.60 -10.97 8.01
C PRO A 34 -2.41 -12.00 6.91
N GLN A 35 -1.79 -11.59 5.81
CA GLN A 35 -1.45 -12.51 4.72
C GLN A 35 -0.24 -13.37 5.11
N GLU A 36 0.39 -14.01 4.12
CA GLU A 36 1.48 -14.96 4.36
C GLU A 36 2.51 -14.45 5.37
N GLY A 37 2.75 -13.14 5.37
CA GLY A 37 3.77 -12.56 6.21
C GLY A 37 3.45 -12.64 7.70
N GLY A 38 2.16 -12.63 8.01
CA GLY A 38 1.70 -12.72 9.40
C GLY A 38 2.26 -11.61 10.28
N GLY A 39 2.82 -10.58 9.65
CA GLY A 39 3.44 -9.50 10.38
C GLY A 39 4.49 -8.80 9.55
N ILE A 40 5.31 -9.58 8.85
CA ILE A 40 6.36 -9.03 8.01
C ILE A 40 5.83 -8.79 6.58
N SER A 41 5.71 -7.52 6.21
CA SER A 41 5.26 -7.15 4.87
C SER A 41 5.95 -5.86 4.41
N ARG A 42 6.49 -5.88 3.20
CA ARG A 42 7.11 -4.70 2.60
C ARG A 42 6.05 -3.93 1.80
N VAL A 43 5.58 -2.83 2.38
CA VAL A 43 4.58 -2.00 1.73
C VAL A 43 5.25 -1.06 0.72
N GLY A 44 5.27 -1.50 -0.54
CA GLY A 44 5.92 -0.73 -1.59
C GLY A 44 4.96 0.23 -2.27
N VAL A 45 4.76 1.39 -1.65
CA VAL A 45 3.92 2.44 -2.25
C VAL A 45 4.70 3.15 -3.36
N CYS A 46 4.30 2.91 -4.60
CA CYS A 46 4.96 3.48 -5.76
C CYS A 46 4.04 4.43 -6.52
N LYS A 47 4.58 5.58 -6.93
CA LYS A 47 3.84 6.54 -7.72
C LYS A 47 4.07 6.25 -9.20
N VAL A 48 3.19 5.45 -9.78
CA VAL A 48 3.32 5.02 -11.17
C VAL A 48 2.74 6.09 -12.12
N MET A 49 3.62 6.73 -12.87
CA MET A 49 3.22 7.77 -13.81
C MET A 49 3.14 7.20 -15.22
N HIS A 50 1.98 7.36 -15.85
CA HIS A 50 1.78 6.90 -17.22
C HIS A 50 2.58 7.76 -18.18
N PRO A 51 3.31 7.12 -19.12
CA PRO A 51 4.21 7.81 -20.05
C PRO A 51 3.48 8.88 -20.87
N GLU A 52 4.14 10.03 -21.05
CA GLU A 52 3.61 11.14 -21.83
C GLU A 52 2.37 11.75 -21.17
N GLY A 53 2.18 11.42 -19.89
CA GLY A 53 1.05 11.94 -19.15
C GLY A 53 1.12 13.45 -18.96
N ASN A 54 -0.04 14.08 -18.91
CA ASN A 54 -0.12 15.55 -18.78
C ASN A 54 0.13 15.99 -17.34
N GLY A 55 -0.07 15.08 -16.39
CA GLY A 55 0.17 15.39 -15.00
C GLY A 55 -0.49 14.39 -14.07
N ARG A 56 -0.01 14.37 -12.82
CA ARG A 56 -0.48 13.42 -11.80
C ARG A 56 -0.10 11.99 -12.15
N SER A 57 -0.27 11.09 -11.19
CA SER A 57 0.11 9.69 -11.37
C SER A 57 -0.73 8.79 -10.47
N GLY A 58 -0.77 7.51 -10.80
CA GLY A 58 -1.49 6.55 -9.97
C GLY A 58 -0.61 6.02 -8.86
N PHE A 59 -1.23 5.46 -7.83
CA PHE A 59 -0.48 4.91 -6.70
C PHE A 59 -0.75 3.42 -6.58
N LEU A 60 0.24 2.62 -6.94
CA LEU A 60 0.11 1.17 -6.87
C LEU A 60 0.57 0.72 -5.48
N ILE A 61 -0.39 0.36 -4.63
CA ILE A 61 -0.07 -0.20 -3.33
C ILE A 61 0.44 -1.62 -3.51
N HIS A 62 1.74 -1.75 -3.72
CA HIS A 62 2.37 -3.02 -4.01
C HIS A 62 2.82 -3.69 -2.72
N GLY A 63 2.03 -4.64 -2.24
CA GLY A 63 2.34 -5.34 -1.02
C GLY A 63 3.24 -6.53 -1.23
N GLU A 64 4.54 -6.32 -1.07
CA GLU A 64 5.52 -7.40 -1.20
C GLU A 64 5.61 -8.16 0.13
N ARG A 65 5.68 -9.49 0.04
CA ARG A 65 5.80 -10.33 1.24
C ARG A 65 7.15 -11.02 1.22
N GLN A 66 7.90 -10.87 2.32
CA GLN A 66 9.28 -11.36 2.41
C GLN A 66 9.34 -12.90 2.42
N LYS A 67 10.47 -13.45 2.89
CA LYS A 67 10.74 -14.89 2.84
C LYS A 67 10.87 -15.33 1.40
N ASP A 68 9.72 -15.59 0.78
CA ASP A 68 9.63 -15.96 -0.63
C ASP A 68 9.90 -14.72 -1.49
N LYS A 69 9.51 -13.57 -0.96
CA LYS A 69 9.60 -12.29 -1.66
C LYS A 69 8.78 -12.34 -2.95
N LEU A 70 7.48 -12.11 -2.80
CA LEU A 70 6.55 -12.16 -3.93
C LEU A 70 5.38 -11.21 -3.69
N VAL A 71 4.58 -11.00 -4.73
CA VAL A 71 3.47 -10.06 -4.69
C VAL A 71 2.23 -10.72 -4.07
N VAL A 72 1.86 -10.31 -2.86
CA VAL A 72 0.65 -10.84 -2.20
C VAL A 72 -0.50 -9.85 -2.30
N LEU A 73 -0.19 -8.56 -2.22
CA LEU A 73 -1.20 -7.50 -2.33
C LEU A 73 -0.95 -6.66 -3.58
N GLU A 74 -1.91 -6.68 -4.49
CA GLU A 74 -1.86 -5.86 -5.69
C GLU A 74 -3.07 -4.93 -5.68
N CYS A 75 -2.84 -3.67 -5.37
CA CYS A 75 -3.93 -2.70 -5.31
C CYS A 75 -3.53 -1.40 -6.01
N TYR A 76 -3.68 -1.39 -7.33
CA TYR A 76 -3.49 -0.18 -8.12
C TYR A 76 -4.63 0.79 -7.81
N VAL A 77 -4.32 1.84 -7.06
CA VAL A 77 -5.34 2.79 -6.61
C VAL A 77 -5.31 4.02 -7.49
N ARG A 78 -6.49 4.45 -7.93
CA ARG A 78 -6.60 5.55 -8.87
C ARG A 78 -7.72 6.51 -8.45
N LYS A 79 -7.33 7.61 -7.82
CA LYS A 79 -8.27 8.66 -7.37
C LYS A 79 -9.10 8.23 -6.16
N ASP A 80 -9.38 6.92 -6.04
CA ASP A 80 -10.23 6.41 -4.97
C ASP A 80 -9.39 6.08 -3.73
N LEU A 81 -8.24 6.72 -3.63
CA LEU A 81 -7.32 6.50 -2.51
C LEU A 81 -7.90 7.13 -1.24
N VAL A 82 -8.67 6.33 -0.50
CA VAL A 82 -9.28 6.80 0.75
C VAL A 82 -8.88 5.90 1.91
N TYR A 83 -7.90 6.36 2.68
CA TYR A 83 -7.46 5.68 3.89
C TYR A 83 -8.30 6.10 5.08
N THR A 84 -9.04 5.15 5.64
CA THR A 84 -9.79 5.37 6.87
C THR A 84 -9.01 4.82 8.06
N LYS A 85 -8.66 5.67 9.01
CA LYS A 85 -7.98 5.24 10.22
C LYS A 85 -9.01 4.81 11.26
N ALA A 86 -9.16 3.50 11.44
CA ALA A 86 -10.13 2.95 12.39
C ALA A 86 -9.55 2.96 13.80
N ASN A 87 -8.22 3.04 13.87
CA ASN A 87 -7.49 3.09 15.12
C ASN A 87 -6.13 3.74 14.86
N PRO A 88 -5.60 4.53 15.83
CA PRO A 88 -4.30 5.20 15.70
C PRO A 88 -3.26 4.38 14.91
N THR A 89 -3.08 3.11 15.28
CA THR A 89 -2.08 2.26 14.65
C THR A 89 -2.70 1.28 13.65
N PHE A 90 -4.02 1.32 13.50
CA PHE A 90 -4.72 0.48 12.53
C PHE A 90 -5.39 1.36 11.46
N HIS A 91 -4.73 1.47 10.33
CA HIS A 91 -5.24 2.23 9.19
C HIS A 91 -5.77 1.23 8.16
N HIS A 92 -6.78 1.60 7.38
CA HIS A 92 -7.29 0.71 6.33
C HIS A 92 -7.84 1.52 5.17
N TRP A 93 -7.95 0.88 4.01
CA TRP A 93 -8.50 1.53 2.82
C TRP A 93 -9.43 0.57 2.09
N LYS A 94 -10.46 1.11 1.48
CA LYS A 94 -11.45 0.32 0.76
C LYS A 94 -11.41 0.62 -0.73
N VAL A 95 -10.75 -0.24 -1.49
CA VAL A 95 -10.70 -0.11 -2.94
C VAL A 95 -11.94 -0.78 -3.55
N ASP A 96 -12.79 0.04 -4.15
CA ASP A 96 -14.08 -0.40 -4.67
C ASP A 96 -14.91 -1.06 -3.56
N ASN A 97 -14.70 -2.36 -3.35
CA ASN A 97 -15.46 -3.12 -2.35
C ASN A 97 -14.53 -3.85 -1.38
N ARG A 98 -13.26 -4.01 -1.75
CA ARG A 98 -12.30 -4.75 -0.92
C ARG A 98 -11.66 -3.82 0.12
N LYS A 99 -11.59 -4.31 1.35
CA LYS A 99 -11.00 -3.56 2.46
C LYS A 99 -9.68 -4.19 2.88
N PHE A 100 -8.61 -3.42 2.85
CA PHE A 100 -7.30 -3.87 3.31
C PHE A 100 -6.81 -2.96 4.42
N GLY A 101 -6.16 -3.53 5.42
CA GLY A 101 -5.75 -2.78 6.60
C GLY A 101 -4.24 -2.72 6.78
N LEU A 102 -3.70 -1.51 6.88
CA LEU A 102 -2.29 -1.30 7.13
C LEU A 102 -2.08 -1.10 8.65
N THR A 103 -1.57 -2.13 9.30
CA THR A 103 -1.27 -2.07 10.72
C THR A 103 0.18 -1.64 10.93
N PHE A 104 0.36 -0.51 11.60
CA PHE A 104 1.68 0.09 11.79
C PHE A 104 2.52 -0.69 12.80
N GLN A 105 3.83 -0.69 12.58
CA GLN A 105 4.75 -1.45 13.41
C GLN A 105 5.22 -0.62 14.61
N SER A 106 5.71 0.58 14.31
CA SER A 106 6.24 1.48 15.34
C SER A 106 5.70 2.89 15.13
N PRO A 107 5.71 3.75 16.18
CA PRO A 107 5.20 5.12 16.09
C PRO A 107 5.89 5.92 14.97
N ALA A 108 7.13 5.56 14.69
CA ALA A 108 7.91 6.22 13.65
C ALA A 108 7.25 6.02 12.28
N ASP A 109 7.14 4.76 11.85
CA ASP A 109 6.54 4.43 10.56
C ASP A 109 5.06 4.77 10.56
N ALA A 110 4.43 4.70 11.73
CA ALA A 110 3.01 5.05 11.88
C ALA A 110 2.78 6.49 11.41
N ARG A 111 3.44 7.42 12.10
CA ARG A 111 3.29 8.84 11.81
C ARG A 111 3.79 9.16 10.40
N ALA A 112 4.93 8.58 10.03
CA ALA A 112 5.53 8.80 8.73
C ALA A 112 4.59 8.35 7.60
N PHE A 113 3.95 7.20 7.80
CA PHE A 113 3.08 6.63 6.80
C PHE A 113 1.75 7.39 6.76
N ASP A 114 1.27 7.82 7.94
CA ASP A 114 0.04 8.62 8.01
C ASP A 114 0.18 9.90 7.21
N ARG A 115 1.23 10.66 7.49
CA ARG A 115 1.50 11.90 6.77
C ARG A 115 1.83 11.61 5.31
N GLY A 116 2.56 10.53 5.08
CA GLY A 116 2.95 10.15 3.72
C GLY A 116 1.75 9.83 2.85
N VAL A 117 0.86 8.98 3.36
CA VAL A 117 -0.31 8.56 2.61
C VAL A 117 -1.29 9.73 2.47
N ARG A 118 -1.37 10.56 3.51
CA ARG A 118 -2.21 11.76 3.46
C ARG A 118 -1.77 12.63 2.29
N LYS A 119 -0.47 12.90 2.23
CA LYS A 119 0.11 13.67 1.14
C LYS A 119 -0.20 13.03 -0.20
N ALA A 120 -0.06 11.71 -0.26
CA ALA A 120 -0.32 10.95 -1.49
C ALA A 120 -1.78 11.12 -1.93
N ILE A 121 -2.70 11.05 -0.97
CA ILE A 121 -4.13 11.20 -1.25
C ILE A 121 -4.42 12.58 -1.82
N GLU A 122 -3.94 13.61 -1.12
CA GLU A 122 -4.17 15.00 -1.51
C GLU A 122 -3.60 15.28 -2.89
N ASP A 123 -2.37 14.80 -3.10
CA ASP A 123 -1.68 14.96 -4.39
C ASP A 123 -2.47 14.28 -5.50
N LEU A 124 -2.98 13.09 -5.20
CA LEU A 124 -3.72 12.30 -6.16
C LEU A 124 -5.04 12.97 -6.54
N ILE A 125 -5.79 13.43 -5.54
CA ILE A 125 -7.10 14.02 -5.80
C ILE A 125 -6.97 15.43 -6.38
N GLU A 126 -6.43 16.37 -5.61
CA GLU A 126 -6.40 17.77 -6.02
C GLU A 126 -5.06 18.41 -5.65
N GLY A 1 20.22 1.28 -11.26
CA GLY A 1 20.50 1.65 -9.85
C GLY A 1 20.59 0.43 -8.95
N SER A 2 19.45 -0.21 -8.72
CA SER A 2 19.40 -1.40 -7.88
C SER A 2 19.75 -2.65 -8.69
N MET A 3 21.05 -2.92 -8.79
CA MET A 3 21.54 -4.12 -9.47
C MET A 3 21.25 -5.36 -8.63
N THR A 4 21.10 -5.14 -7.33
CA THR A 4 20.75 -6.21 -6.40
C THR A 4 19.55 -5.75 -5.54
N GLU A 5 19.17 -6.54 -4.55
CA GLU A 5 17.92 -6.32 -3.80
C GLU A 5 16.71 -6.53 -4.72
N GLU A 6 16.95 -7.22 -5.83
CA GLU A 6 15.93 -7.47 -6.85
C GLU A 6 15.37 -6.17 -7.41
N THR A 7 14.34 -6.27 -8.26
CA THR A 7 13.75 -5.12 -8.90
C THR A 7 12.27 -5.36 -9.22
N HIS A 8 11.40 -4.49 -8.72
CA HIS A 8 9.97 -4.55 -9.04
C HIS A 8 9.79 -4.23 -10.52
N PRO A 9 8.74 -4.81 -11.19
CA PRO A 9 8.44 -4.50 -12.61
C PRO A 9 8.71 -3.04 -12.96
N ASP A 10 8.39 -2.16 -12.01
CA ASP A 10 8.90 -0.79 -12.04
C ASP A 10 9.37 -0.44 -10.63
N ASP A 11 10.66 -0.19 -10.49
CA ASP A 11 11.26 0.10 -9.20
C ASP A 11 11.83 1.52 -9.23
N ASP A 12 11.29 2.34 -10.13
CA ASP A 12 11.79 3.70 -10.35
C ASP A 12 10.84 4.74 -9.77
N SER A 13 9.55 4.51 -9.93
CA SER A 13 8.53 5.49 -9.54
C SER A 13 8.04 5.24 -8.11
N TYR A 14 8.84 4.53 -7.33
CA TYR A 14 8.53 4.26 -5.92
C TYR A 14 8.79 5.49 -5.06
N ILE A 15 7.86 5.75 -4.12
CA ILE A 15 8.05 6.81 -3.14
C ILE A 15 8.77 6.26 -1.92
N VAL A 16 8.23 5.17 -1.37
CA VAL A 16 8.83 4.54 -0.19
C VAL A 16 8.25 3.15 0.06
N ARG A 17 9.10 2.25 0.56
CA ARG A 17 8.68 0.91 0.99
C ARG A 17 8.95 0.76 2.49
N VAL A 18 7.88 0.74 3.27
CA VAL A 18 7.99 0.65 4.73
C VAL A 18 7.54 -0.72 5.24
N LYS A 19 7.91 -1.05 6.47
CA LYS A 19 7.50 -2.29 7.09
C LYS A 19 6.11 -2.14 7.73
N ALA A 20 5.23 -3.07 7.42
CA ALA A 20 3.90 -3.13 8.02
C ALA A 20 3.39 -4.56 8.00
N VAL A 21 2.10 -4.76 8.26
CA VAL A 21 1.47 -6.08 8.17
C VAL A 21 0.28 -6.02 7.22
N VAL A 22 0.37 -6.73 6.10
CA VAL A 22 -0.70 -6.72 5.09
C VAL A 22 -1.93 -7.51 5.56
N MET A 23 -3.00 -6.80 5.83
CA MET A 23 -4.26 -7.39 6.33
C MET A 23 -5.28 -7.43 5.19
N THR A 24 -6.14 -8.46 5.16
CA THR A 24 -7.17 -8.57 4.12
C THR A 24 -8.53 -8.97 4.72
N ARG A 25 -8.54 -9.28 6.00
CA ARG A 25 -9.76 -9.71 6.72
C ARG A 25 -10.42 -10.89 6.01
N ASP A 26 -9.59 -11.89 5.66
CA ASP A 26 -10.03 -13.17 5.08
C ASP A 26 -11.07 -13.01 3.97
N ASP A 27 -11.06 -11.86 3.28
CA ASP A 27 -11.97 -11.57 2.17
C ASP A 27 -13.39 -11.25 2.68
N SER A 28 -13.84 -11.99 3.69
CA SER A 28 -15.19 -11.84 4.20
C SER A 28 -15.23 -10.92 5.42
N SER A 29 -15.13 -11.48 6.63
CA SER A 29 -15.26 -10.71 7.86
C SER A 29 -15.01 -11.55 9.11
N GLY A 30 -14.21 -12.59 8.99
CA GLY A 30 -13.91 -13.43 10.13
C GLY A 30 -12.89 -12.78 11.07
N GLY A 31 -12.03 -11.94 10.50
CA GLY A 31 -11.04 -11.23 11.29
C GLY A 31 -9.87 -10.75 10.44
N TRP A 32 -9.24 -9.66 10.86
CA TRP A 32 -8.09 -9.12 10.14
C TRP A 32 -6.85 -9.94 10.44
N PHE A 33 -6.47 -10.80 9.50
CA PHE A 33 -5.26 -11.62 9.63
C PHE A 33 -4.24 -11.21 8.56
N PRO A 34 -2.94 -11.42 8.84
CA PRO A 34 -1.87 -11.18 7.86
C PRO A 34 -1.95 -12.15 6.68
N GLN A 35 -1.90 -11.61 5.45
CA GLN A 35 -2.01 -12.44 4.26
C GLN A 35 -0.61 -12.87 3.76
N GLU A 36 -0.13 -13.98 4.33
CA GLU A 36 1.14 -14.60 3.95
C GLU A 36 2.37 -13.80 4.39
N GLY A 37 2.28 -12.47 4.41
CA GLY A 37 3.39 -11.64 4.81
C GLY A 37 3.77 -11.84 6.27
N GLY A 38 2.77 -11.80 7.14
CA GLY A 38 3.02 -11.94 8.56
C GLY A 38 3.48 -10.64 9.19
N GLY A 39 4.35 -10.74 10.19
CA GLY A 39 4.83 -9.56 10.89
C GLY A 39 5.65 -8.64 10.00
N ILE A 40 6.22 -9.21 8.94
CA ILE A 40 7.02 -8.43 8.00
C ILE A 40 6.34 -8.37 6.64
N SER A 41 5.74 -7.22 6.34
CA SER A 41 5.16 -6.96 5.02
C SER A 41 5.66 -5.60 4.52
N ARG A 42 6.53 -5.63 3.53
CA ARG A 42 7.13 -4.42 2.99
C ARG A 42 6.13 -3.70 2.08
N VAL A 43 5.36 -2.79 2.65
CA VAL A 43 4.36 -2.04 1.92
C VAL A 43 5.01 -0.91 1.14
N GLY A 44 4.85 -0.94 -0.19
CA GLY A 44 5.47 0.05 -1.04
C GLY A 44 4.46 0.88 -1.79
N VAL A 45 4.54 2.20 -1.61
CA VAL A 45 3.70 3.13 -2.35
C VAL A 45 4.49 3.71 -3.52
N CYS A 46 3.95 3.54 -4.73
CA CYS A 46 4.58 4.06 -5.94
C CYS A 46 3.58 4.93 -6.72
N LYS A 47 4.08 6.01 -7.30
CA LYS A 47 3.25 6.97 -8.01
C LYS A 47 3.11 6.56 -9.47
N VAL A 48 1.97 5.97 -9.82
CA VAL A 48 1.75 5.48 -11.16
C VAL A 48 1.50 6.63 -12.14
N MET A 49 2.56 7.04 -12.81
CA MET A 49 2.48 8.12 -13.80
C MET A 49 2.09 7.56 -15.17
N HIS A 50 1.68 8.44 -16.06
CA HIS A 50 1.18 8.04 -17.37
C HIS A 50 1.47 9.13 -18.40
N PRO A 51 1.42 8.80 -19.71
CA PRO A 51 1.55 9.80 -20.77
C PRO A 51 0.54 10.94 -20.61
N GLU A 52 0.96 12.16 -20.96
CA GLU A 52 0.12 13.35 -20.80
C GLU A 52 -1.25 13.14 -21.44
N GLY A 53 -2.26 12.93 -20.60
CA GLY A 53 -3.62 12.70 -21.09
C GLY A 53 -4.66 13.17 -20.10
N ASN A 54 -5.01 12.29 -19.15
CA ASN A 54 -6.02 12.62 -18.14
C ASN A 54 -5.48 13.64 -17.13
N GLY A 55 -4.64 13.17 -16.21
CA GLY A 55 -4.09 14.04 -15.18
C GLY A 55 -4.22 13.41 -13.81
N ARG A 56 -3.36 13.84 -12.88
CA ARG A 56 -3.31 13.28 -11.52
C ARG A 56 -2.99 11.78 -11.57
N SER A 57 -1.70 11.48 -11.53
CA SER A 57 -1.22 10.11 -11.58
C SER A 57 -1.76 9.27 -10.43
N GLY A 58 -2.05 8.00 -10.71
CA GLY A 58 -2.56 7.10 -9.69
C GLY A 58 -1.45 6.54 -8.83
N PHE A 59 -1.77 5.52 -8.04
CA PHE A 59 -0.79 4.90 -7.15
C PHE A 59 -0.96 3.39 -7.13
N LEU A 60 0.15 2.66 -7.02
CA LEU A 60 0.10 1.22 -6.83
C LEU A 60 0.43 0.93 -5.37
N ILE A 61 -0.57 0.50 -4.61
CA ILE A 61 -0.34 0.08 -3.24
C ILE A 61 0.17 -1.36 -3.26
N HIS A 62 1.49 -1.49 -3.33
CA HIS A 62 2.13 -2.79 -3.49
C HIS A 62 2.50 -3.37 -2.13
N GLY A 63 2.39 -4.68 -2.00
CA GLY A 63 2.74 -5.35 -0.77
C GLY A 63 3.64 -6.55 -1.00
N GLU A 64 4.94 -6.29 -1.03
CA GLU A 64 5.94 -7.34 -1.11
C GLU A 64 6.29 -7.77 0.31
N ARG A 65 6.38 -9.08 0.56
CA ARG A 65 6.54 -9.59 1.92
C ARG A 65 7.75 -8.97 2.62
N GLN A 66 8.93 -9.29 2.14
CA GLN A 66 10.17 -8.84 2.77
C GLN A 66 10.97 -7.96 1.83
N LYS A 67 11.06 -8.39 0.57
CA LYS A 67 11.81 -7.68 -0.45
C LYS A 67 11.57 -8.34 -1.81
N ASP A 68 10.59 -7.81 -2.55
CA ASP A 68 10.19 -8.40 -3.83
C ASP A 68 9.90 -9.90 -3.62
N LYS A 69 10.24 -10.74 -4.61
CA LYS A 69 10.11 -12.19 -4.51
C LYS A 69 8.65 -12.66 -4.52
N LEU A 70 7.89 -12.28 -3.50
CA LEU A 70 6.51 -12.74 -3.35
C LEU A 70 5.58 -11.54 -3.11
N VAL A 71 4.70 -11.28 -4.07
CA VAL A 71 3.71 -10.22 -3.95
C VAL A 71 2.44 -10.76 -3.29
N VAL A 72 2.14 -10.28 -2.09
CA VAL A 72 0.98 -10.77 -1.34
C VAL A 72 -0.17 -9.77 -1.36
N LEU A 73 0.12 -8.54 -1.78
CA LEU A 73 -0.89 -7.50 -1.83
C LEU A 73 -0.67 -6.63 -3.06
N GLU A 74 -1.68 -6.58 -3.92
CA GLU A 74 -1.64 -5.79 -5.14
C GLU A 74 -2.89 -4.92 -5.18
N CYS A 75 -2.75 -3.66 -4.77
CA CYS A 75 -3.86 -2.73 -4.72
C CYS A 75 -3.57 -1.48 -5.54
N TYR A 76 -3.48 -1.69 -6.84
CA TYR A 76 -3.34 -0.59 -7.80
C TYR A 76 -4.57 0.30 -7.73
N VAL A 77 -4.46 1.43 -7.06
CA VAL A 77 -5.61 2.33 -6.93
C VAL A 77 -5.69 3.22 -8.17
N ARG A 78 -6.74 2.99 -8.96
CA ARG A 78 -6.92 3.74 -10.21
C ARG A 78 -7.45 5.13 -9.91
N LYS A 79 -6.62 5.95 -9.24
CA LYS A 79 -6.97 7.31 -8.82
C LYS A 79 -7.98 7.33 -7.67
N ASP A 80 -8.89 6.36 -7.64
CA ASP A 80 -9.80 6.19 -6.51
C ASP A 80 -9.04 5.56 -5.34
N LEU A 81 -8.80 6.37 -4.31
CA LEU A 81 -8.03 5.94 -3.15
C LEU A 81 -8.75 6.40 -1.87
N VAL A 82 -9.25 5.44 -1.09
CA VAL A 82 -9.98 5.76 0.14
C VAL A 82 -9.35 5.06 1.35
N TYR A 83 -8.39 5.73 2.00
CA TYR A 83 -7.79 5.22 3.24
C TYR A 83 -8.61 5.70 4.44
N THR A 84 -8.56 4.92 5.51
CA THR A 84 -9.23 5.22 6.76
C THR A 84 -8.52 4.51 7.91
N LYS A 85 -7.98 5.28 8.86
CA LYS A 85 -7.29 4.68 9.99
C LYS A 85 -8.27 4.44 11.14
N ALA A 86 -8.23 3.25 11.71
CA ALA A 86 -9.05 2.91 12.87
C ALA A 86 -8.24 3.09 14.14
N ASN A 87 -6.94 2.86 14.02
CA ASN A 87 -6.01 3.00 15.14
C ASN A 87 -4.69 3.56 14.62
N PRO A 88 -3.86 4.16 15.50
CA PRO A 88 -2.53 4.66 15.11
C PRO A 88 -1.68 3.55 14.49
N THR A 89 -1.95 2.32 14.90
CA THR A 89 -1.20 1.16 14.43
C THR A 89 -2.06 0.28 13.50
N PHE A 90 -3.16 0.83 13.00
CA PHE A 90 -4.06 0.08 12.12
C PHE A 90 -4.77 1.01 11.14
N HIS A 91 -4.35 0.96 9.88
CA HIS A 91 -4.96 1.76 8.81
C HIS A 91 -5.52 0.80 7.75
N HIS A 92 -6.67 1.13 7.18
CA HIS A 92 -7.30 0.28 6.17
C HIS A 92 -7.86 1.12 5.02
N TRP A 93 -7.93 0.54 3.83
CA TRP A 93 -8.44 1.26 2.66
C TRP A 93 -9.56 0.49 1.98
N LYS A 94 -10.51 1.23 1.44
CA LYS A 94 -11.70 0.66 0.80
C LYS A 94 -11.47 0.47 -0.69
N VAL A 95 -11.83 -0.71 -1.20
CA VAL A 95 -11.71 -1.00 -2.63
C VAL A 95 -12.99 -1.67 -3.16
N ASP A 96 -13.97 -0.82 -3.46
CA ASP A 96 -15.26 -1.25 -4.01
C ASP A 96 -15.99 -2.21 -3.06
N ASN A 97 -15.67 -3.50 -3.15
CA ASN A 97 -16.34 -4.53 -2.37
C ASN A 97 -15.52 -4.91 -1.14
N ARG A 98 -14.23 -5.17 -1.36
CA ARG A 98 -13.34 -5.56 -0.27
C ARG A 98 -12.74 -4.34 0.41
N LYS A 99 -11.97 -4.59 1.46
CA LYS A 99 -11.36 -3.52 2.24
C LYS A 99 -10.10 -4.07 2.92
N PHE A 100 -8.95 -3.72 2.38
CA PHE A 100 -7.68 -4.23 2.89
C PHE A 100 -7.13 -3.25 3.93
N GLY A 101 -5.98 -3.59 4.51
CA GLY A 101 -5.36 -2.71 5.49
C GLY A 101 -3.95 -3.12 5.80
N LEU A 102 -3.30 -2.34 6.66
CA LEU A 102 -1.95 -2.65 7.11
C LEU A 102 -1.79 -2.28 8.58
N THR A 103 -1.22 -3.20 9.35
CA THR A 103 -0.94 -2.96 10.76
C THR A 103 0.48 -2.44 10.92
N PHE A 104 0.63 -1.31 11.62
CA PHE A 104 1.93 -0.71 11.84
C PHE A 104 2.58 -1.31 13.09
N GLN A 105 3.90 -1.21 13.16
CA GLN A 105 4.64 -1.80 14.27
C GLN A 105 5.08 -0.73 15.28
N SER A 106 5.39 0.47 14.79
CA SER A 106 5.85 1.55 15.66
C SER A 106 5.18 2.88 15.27
N PRO A 107 4.88 3.74 16.26
CA PRO A 107 4.31 5.08 16.01
C PRO A 107 5.14 5.90 15.01
N ALA A 108 6.41 5.53 14.87
CA ALA A 108 7.30 6.17 13.90
C ALA A 108 6.81 5.90 12.48
N ASP A 109 6.85 4.63 12.07
CA ASP A 109 6.42 4.23 10.73
C ASP A 109 4.93 4.53 10.55
N ALA A 110 4.17 4.33 11.61
CA ALA A 110 2.74 4.62 11.60
C ALA A 110 2.46 6.06 11.19
N ARG A 111 2.86 7.01 12.04
CA ARG A 111 2.59 8.42 11.82
C ARG A 111 3.24 8.91 10.53
N ALA A 112 4.41 8.37 10.22
CA ALA A 112 5.12 8.72 8.99
C ALA A 112 4.29 8.33 7.77
N PHE A 113 3.71 7.14 7.82
CA PHE A 113 2.89 6.63 6.72
C PHE A 113 1.60 7.43 6.63
N ASP A 114 0.98 7.69 7.79
CA ASP A 114 -0.25 8.50 7.84
C ASP A 114 -0.03 9.86 7.18
N ARG A 115 1.10 10.49 7.52
CA ARG A 115 1.42 11.79 6.94
C ARG A 115 1.69 11.64 5.44
N GLY A 116 2.28 10.50 5.08
CA GLY A 116 2.47 10.18 3.67
C GLY A 116 1.15 10.07 2.93
N VAL A 117 0.16 9.48 3.61
CA VAL A 117 -1.19 9.37 3.07
C VAL A 117 -1.79 10.76 2.84
N ARG A 118 -1.62 11.62 3.84
CA ARG A 118 -2.05 13.02 3.75
C ARG A 118 -1.48 13.69 2.50
N LYS A 119 -0.16 13.58 2.35
CA LYS A 119 0.56 14.18 1.22
C LYS A 119 0.04 13.61 -0.10
N ALA A 120 -0.07 12.28 -0.15
CA ALA A 120 -0.55 11.59 -1.34
C ALA A 120 -1.94 12.08 -1.74
N ILE A 121 -2.85 12.14 -0.75
CA ILE A 121 -4.21 12.59 -1.00
C ILE A 121 -4.22 13.99 -1.60
N GLU A 122 -3.36 14.86 -1.07
CA GLU A 122 -3.23 16.23 -1.60
C GLU A 122 -2.87 16.20 -3.09
N ASP A 123 -1.77 15.52 -3.41
CA ASP A 123 -1.26 15.45 -4.78
C ASP A 123 -2.16 14.57 -5.66
N LEU A 124 -3.05 13.81 -5.04
CA LEU A 124 -3.96 12.95 -5.77
C LEU A 124 -5.23 13.71 -6.17
N ILE A 125 -6.05 14.06 -5.17
CA ILE A 125 -7.37 14.65 -5.43
C ILE A 125 -7.32 16.17 -5.53
N GLU A 126 -6.23 16.77 -5.00
CA GLU A 126 -6.09 18.23 -4.99
C GLU A 126 -7.08 18.86 -4.01
N GLY A 1 21.97 -3.95 -1.76
CA GLY A 1 23.43 -3.88 -1.58
C GLY A 1 24.12 -5.17 -2.01
N SER A 2 25.32 -5.38 -1.51
CA SER A 2 26.13 -6.55 -1.86
C SER A 2 25.55 -7.84 -1.28
N MET A 3 24.53 -7.71 -0.44
CA MET A 3 23.82 -8.87 0.09
C MET A 3 23.16 -9.64 -1.05
N THR A 4 22.13 -9.03 -1.63
CA THR A 4 21.42 -9.55 -2.80
C THR A 4 20.52 -8.45 -3.35
N GLU A 5 21.06 -7.63 -4.24
CA GLU A 5 20.35 -6.46 -4.74
C GLU A 5 19.22 -6.88 -5.68
N GLU A 6 18.01 -6.47 -5.34
CA GLU A 6 16.83 -6.74 -6.15
C GLU A 6 15.75 -5.72 -5.82
N THR A 7 14.99 -5.31 -6.83
CA THR A 7 13.98 -4.27 -6.69
C THR A 7 12.58 -4.88 -6.78
N HIS A 8 11.56 -4.02 -6.80
CA HIS A 8 10.18 -4.48 -6.97
C HIS A 8 10.02 -5.15 -8.33
N PRO A 9 9.01 -6.03 -8.51
CA PRO A 9 8.71 -6.66 -9.81
C PRO A 9 8.77 -5.64 -10.94
N ASP A 10 8.18 -4.48 -10.68
CA ASP A 10 8.33 -3.31 -11.54
C ASP A 10 8.63 -2.11 -10.64
N ASP A 11 9.86 -1.62 -10.70
CA ASP A 11 10.31 -0.57 -9.79
C ASP A 11 10.35 0.78 -10.50
N ASP A 12 9.20 1.43 -10.61
CA ASP A 12 9.10 2.75 -11.25
C ASP A 12 9.88 3.80 -10.45
N SER A 13 9.56 3.91 -9.16
CA SER A 13 10.18 4.92 -8.30
C SER A 13 9.91 4.58 -6.83
N TYR A 14 8.62 4.48 -6.48
CA TYR A 14 8.18 4.14 -5.13
C TYR A 14 8.61 5.19 -4.10
N ILE A 15 7.66 6.04 -3.72
CA ILE A 15 7.91 7.11 -2.76
C ILE A 15 7.87 6.58 -1.33
N VAL A 16 7.03 5.58 -1.10
CA VAL A 16 6.88 4.96 0.22
C VAL A 16 7.31 3.49 0.17
N ARG A 17 8.40 3.18 0.87
CA ARG A 17 8.88 1.80 0.99
C ARG A 17 9.28 1.53 2.44
N VAL A 18 8.30 1.12 3.26
CA VAL A 18 8.51 0.90 4.69
C VAL A 18 7.96 -0.47 5.10
N LYS A 19 8.52 -1.04 6.16
CA LYS A 19 8.06 -2.33 6.69
C LYS A 19 6.64 -2.21 7.23
N ALA A 20 5.93 -3.33 7.25
CA ALA A 20 4.59 -3.39 7.83
C ALA A 20 4.02 -4.80 7.72
N VAL A 21 2.86 -5.01 8.33
CA VAL A 21 2.09 -6.24 8.16
C VAL A 21 0.71 -5.88 7.66
N VAL A 22 0.14 -6.71 6.80
CA VAL A 22 -1.15 -6.40 6.19
C VAL A 22 -2.21 -7.39 6.61
N MET A 23 -3.35 -6.86 7.03
CA MET A 23 -4.48 -7.66 7.47
C MET A 23 -5.52 -7.76 6.37
N THR A 24 -5.70 -8.97 5.85
CA THR A 24 -6.69 -9.20 4.80
C THR A 24 -8.06 -9.39 5.46
N ARG A 25 -9.12 -9.08 4.74
CA ARG A 25 -10.46 -9.07 5.33
C ARG A 25 -11.41 -10.00 4.61
N ASP A 26 -11.85 -11.03 5.32
CA ASP A 26 -12.98 -11.83 4.87
C ASP A 26 -14.24 -10.99 5.06
N ASP A 27 -14.63 -10.28 4.01
CA ASP A 27 -15.67 -9.25 4.10
C ASP A 27 -16.97 -9.78 4.70
N SER A 28 -17.68 -8.87 5.37
CA SER A 28 -18.97 -9.14 6.00
C SER A 28 -18.82 -9.99 7.27
N SER A 29 -17.89 -10.94 7.28
CA SER A 29 -17.62 -11.73 8.47
C SER A 29 -16.75 -10.92 9.44
N GLY A 30 -15.73 -10.25 8.90
CA GLY A 30 -14.86 -9.41 9.69
C GLY A 30 -13.46 -9.37 9.13
N GLY A 31 -12.78 -10.51 9.20
CA GLY A 31 -11.44 -10.61 8.67
C GLY A 31 -10.41 -9.88 9.51
N TRP A 32 -9.66 -8.99 8.85
CA TRP A 32 -8.56 -8.27 9.48
C TRP A 32 -7.53 -9.26 10.02
N PHE A 33 -7.31 -10.33 9.27
CA PHE A 33 -6.40 -11.41 9.68
C PHE A 33 -5.17 -11.45 8.78
N PRO A 34 -4.01 -11.86 9.31
CA PRO A 34 -2.76 -11.93 8.54
C PRO A 34 -2.82 -13.05 7.48
N GLN A 35 -2.88 -12.65 6.21
CA GLN A 35 -3.00 -13.58 5.10
C GLN A 35 -1.82 -14.55 5.07
N GLU A 36 -2.13 -15.84 4.92
CA GLU A 36 -1.12 -16.90 4.82
C GLU A 36 -0.26 -16.95 6.09
N GLY A 37 -0.79 -16.40 7.18
CA GLY A 37 -0.07 -16.38 8.44
C GLY A 37 0.60 -15.04 8.70
N GLY A 38 0.72 -14.23 7.64
CA GLY A 38 1.33 -12.92 7.77
C GLY A 38 2.77 -12.92 7.28
N GLY A 39 3.70 -12.65 8.20
CA GLY A 39 5.10 -12.55 7.85
C GLY A 39 5.53 -11.12 7.61
N ILE A 40 6.80 -10.82 7.89
CA ILE A 40 7.33 -9.47 7.69
C ILE A 40 7.13 -9.02 6.24
N SER A 41 6.33 -7.97 6.06
CA SER A 41 6.01 -7.46 4.74
C SER A 41 6.53 -6.03 4.59
N ARG A 42 6.38 -5.49 3.38
CA ARG A 42 6.77 -4.12 3.09
C ARG A 42 5.72 -3.47 2.22
N VAL A 43 5.37 -2.22 2.52
CA VAL A 43 4.43 -1.46 1.72
C VAL A 43 5.18 -0.55 0.76
N GLY A 44 4.95 -0.76 -0.54
CA GLY A 44 5.62 0.01 -1.57
C GLY A 44 4.63 0.81 -2.39
N VAL A 45 4.43 2.07 -2.02
CA VAL A 45 3.53 2.96 -2.74
C VAL A 45 4.30 3.74 -3.82
N CYS A 46 3.96 3.50 -5.08
CA CYS A 46 4.60 4.18 -6.19
C CYS A 46 3.60 5.01 -6.98
N LYS A 47 3.94 6.26 -7.26
CA LYS A 47 3.10 7.12 -8.09
C LYS A 47 3.22 6.68 -9.54
N VAL A 48 2.22 5.96 -10.03
CA VAL A 48 2.22 5.49 -11.42
C VAL A 48 1.94 6.66 -12.36
N MET A 49 2.84 6.84 -13.32
CA MET A 49 2.76 7.96 -14.25
C MET A 49 1.92 7.57 -15.47
N HIS A 50 1.79 8.50 -16.40
CA HIS A 50 1.00 8.31 -17.60
C HIS A 50 1.81 8.67 -18.84
N PRO A 51 1.91 7.74 -19.81
CA PRO A 51 2.67 7.99 -21.05
C PRO A 51 2.15 9.23 -21.79
N GLU A 52 0.83 9.30 -21.93
CA GLU A 52 0.17 10.47 -22.48
C GLU A 52 -1.30 10.44 -22.12
N GLY A 53 -1.85 11.60 -21.76
CA GLY A 53 -3.23 11.70 -21.33
C GLY A 53 -3.34 12.50 -20.06
N ASN A 54 -3.66 13.78 -20.21
CA ASN A 54 -3.76 14.70 -19.07
C ASN A 54 -4.73 14.15 -18.02
N GLY A 55 -4.44 14.44 -16.76
CA GLY A 55 -5.25 13.95 -15.67
C GLY A 55 -4.44 13.81 -14.39
N ARG A 56 -4.86 12.90 -13.52
CA ARG A 56 -4.20 12.69 -12.23
C ARG A 56 -3.41 11.39 -12.25
N SER A 57 -2.12 11.47 -11.93
CA SER A 57 -1.25 10.29 -11.89
C SER A 57 -1.48 9.54 -10.57
N GLY A 58 -1.65 8.22 -10.67
CA GLY A 58 -2.12 7.45 -9.53
C GLY A 58 -1.00 6.87 -8.69
N PHE A 59 -1.36 6.04 -7.72
CA PHE A 59 -0.41 5.35 -6.85
C PHE A 59 -0.74 3.87 -6.77
N LEU A 60 0.22 3.03 -7.14
CA LEU A 60 0.05 1.59 -7.02
C LEU A 60 0.33 1.19 -5.57
N ILE A 61 -0.70 0.74 -4.86
CA ILE A 61 -0.52 0.22 -3.51
C ILE A 61 0.08 -1.18 -3.60
N HIS A 62 1.39 -1.22 -3.77
CA HIS A 62 2.12 -2.47 -3.94
C HIS A 62 2.75 -2.88 -2.61
N GLY A 63 3.18 -4.13 -2.52
CA GLY A 63 3.87 -4.60 -1.33
C GLY A 63 4.15 -6.08 -1.39
N GLU A 64 5.24 -6.50 -0.75
CA GLU A 64 5.64 -7.90 -0.77
C GLU A 64 6.19 -8.32 0.59
N ARG A 65 6.42 -9.62 0.75
CA ARG A 65 6.99 -10.18 1.97
C ARG A 65 8.52 -10.06 1.91
N GLN A 66 9.11 -9.32 2.85
CA GLN A 66 10.54 -9.04 2.82
C GLN A 66 11.37 -10.32 2.91
N LYS A 67 11.63 -10.89 1.73
CA LYS A 67 12.43 -12.11 1.57
C LYS A 67 12.46 -12.48 0.09
N ASP A 68 11.37 -12.14 -0.60
CA ASP A 68 11.22 -12.36 -2.03
C ASP A 68 10.19 -11.37 -2.58
N LYS A 69 10.07 -11.31 -3.90
CA LYS A 69 9.09 -10.41 -4.54
C LYS A 69 7.67 -10.97 -4.41
N LEU A 70 7.48 -11.92 -3.49
CA LEU A 70 6.17 -12.48 -3.17
C LEU A 70 5.24 -11.35 -2.72
N VAL A 71 4.42 -10.87 -3.64
CA VAL A 71 3.56 -9.72 -3.38
C VAL A 71 2.42 -10.07 -2.40
N VAL A 72 2.27 -9.21 -1.40
CA VAL A 72 1.19 -9.33 -0.42
C VAL A 72 0.18 -8.19 -0.63
N LEU A 73 0.58 -7.17 -1.39
CA LEU A 73 -0.27 -6.03 -1.70
C LEU A 73 -0.23 -5.73 -3.19
N GLU A 74 -1.40 -5.51 -3.77
CA GLU A 74 -1.53 -5.10 -5.15
C GLU A 74 -2.90 -4.45 -5.35
N CYS A 75 -2.94 -3.13 -5.19
CA CYS A 75 -4.16 -2.36 -5.36
C CYS A 75 -3.88 -1.10 -6.17
N TYR A 76 -4.30 -1.10 -7.43
CA TYR A 76 -4.07 0.02 -8.32
C TYR A 76 -5.01 1.17 -7.99
N VAL A 77 -4.50 2.17 -7.28
CA VAL A 77 -5.30 3.31 -6.86
C VAL A 77 -4.99 4.53 -7.73
N ARG A 78 -5.86 4.77 -8.71
CA ARG A 78 -5.67 5.88 -9.65
C ARG A 78 -6.67 6.99 -9.38
N LYS A 79 -7.76 6.64 -8.71
CA LYS A 79 -8.87 7.57 -8.49
C LYS A 79 -9.15 7.70 -6.99
N ASP A 80 -8.31 8.50 -6.33
CA ASP A 80 -8.46 8.82 -4.90
C ASP A 80 -8.33 7.59 -4.01
N LEU A 81 -8.20 7.81 -2.71
CA LEU A 81 -8.03 6.73 -1.74
C LEU A 81 -8.72 7.12 -0.44
N VAL A 82 -9.46 6.18 0.15
CA VAL A 82 -10.23 6.46 1.38
C VAL A 82 -9.32 6.48 2.62
N TYR A 83 -8.95 5.27 3.08
CA TYR A 83 -8.13 5.10 4.29
C TYR A 83 -8.87 5.59 5.54
N THR A 84 -8.78 4.81 6.61
CA THR A 84 -9.43 5.12 7.87
C THR A 84 -8.66 4.43 9.01
N LYS A 85 -8.12 5.23 9.93
CA LYS A 85 -7.34 4.70 11.03
C LYS A 85 -8.21 4.55 12.27
N ALA A 86 -8.58 3.30 12.56
CA ALA A 86 -9.39 2.99 13.73
C ALA A 86 -8.49 2.83 14.95
N ASN A 87 -7.28 2.38 14.70
CA ASN A 87 -6.28 2.18 15.76
C ASN A 87 -4.89 2.54 15.22
N PRO A 88 -3.94 2.96 16.09
CA PRO A 88 -2.59 3.34 15.67
C PRO A 88 -1.80 2.17 15.05
N THR A 89 -2.41 0.99 15.07
CA THR A 89 -1.82 -0.22 14.49
C THR A 89 -2.80 -0.86 13.50
N PHE A 90 -3.81 -0.10 13.09
CA PHE A 90 -4.87 -0.61 12.22
C PHE A 90 -5.46 0.54 11.38
N HIS A 91 -5.03 0.61 10.13
CA HIS A 91 -5.48 1.65 9.18
C HIS A 91 -6.03 0.96 7.93
N HIS A 92 -7.36 0.97 7.76
CA HIS A 92 -7.99 0.23 6.66
C HIS A 92 -8.41 1.16 5.53
N TRP A 93 -8.42 0.63 4.30
CA TRP A 93 -8.88 1.37 3.14
C TRP A 93 -9.83 0.51 2.31
N LYS A 94 -10.97 1.08 1.95
CA LYS A 94 -11.90 0.43 1.04
C LYS A 94 -11.65 0.91 -0.39
N VAL A 95 -11.70 -0.02 -1.33
CA VAL A 95 -11.55 0.30 -2.74
C VAL A 95 -12.83 -0.05 -3.50
N ASP A 96 -12.74 -0.16 -4.83
CA ASP A 96 -13.91 -0.42 -5.67
C ASP A 96 -14.65 -1.69 -5.23
N ASN A 97 -13.93 -2.62 -4.59
CA ASN A 97 -14.54 -3.84 -4.07
C ASN A 97 -14.48 -3.89 -2.54
N ARG A 98 -13.45 -4.54 -1.99
CA ARG A 98 -13.39 -4.83 -0.56
C ARG A 98 -12.64 -3.75 0.21
N LYS A 99 -12.43 -3.99 1.50
CA LYS A 99 -11.77 -3.07 2.40
C LYS A 99 -10.61 -3.78 3.09
N PHE A 100 -9.38 -3.41 2.75
CA PHE A 100 -8.19 -4.07 3.28
C PHE A 100 -7.63 -3.26 4.46
N GLY A 101 -6.78 -3.88 5.28
CA GLY A 101 -6.24 -3.20 6.44
C GLY A 101 -4.73 -3.28 6.54
N LEU A 102 -4.11 -2.19 6.95
CA LEU A 102 -2.66 -2.13 7.14
C LEU A 102 -2.35 -2.05 8.64
N THR A 103 -1.39 -2.87 9.07
CA THR A 103 -0.98 -2.90 10.47
C THR A 103 0.38 -2.24 10.66
N PHE A 104 0.40 -1.12 11.38
CA PHE A 104 1.63 -0.43 11.72
C PHE A 104 2.31 -1.15 12.89
N GLN A 105 3.63 -1.12 12.94
CA GLN A 105 4.37 -1.80 14.00
C GLN A 105 4.91 -0.80 15.02
N SER A 106 5.27 0.39 14.53
CA SER A 106 5.81 1.45 15.37
C SER A 106 4.97 2.71 15.20
N PRO A 107 4.82 3.53 16.27
CA PRO A 107 4.18 4.84 16.14
C PRO A 107 4.95 5.73 15.16
N ALA A 108 6.24 5.42 15.02
CA ALA A 108 7.12 6.14 14.10
C ALA A 108 6.75 5.83 12.65
N ASP A 109 6.80 4.55 12.28
CA ASP A 109 6.48 4.14 10.92
C ASP A 109 5.00 4.41 10.62
N ALA A 110 4.17 4.28 11.65
CA ALA A 110 2.75 4.62 11.55
C ALA A 110 2.59 6.06 11.06
N ARG A 111 3.12 7.00 11.84
CA ARG A 111 3.01 8.42 11.52
C ARG A 111 3.67 8.72 10.18
N ALA A 112 4.71 7.94 9.85
CA ALA A 112 5.36 8.05 8.56
C ALA A 112 4.39 7.71 7.43
N PHE A 113 3.60 6.66 7.63
CA PHE A 113 2.58 6.26 6.66
C PHE A 113 1.48 7.32 6.57
N ASP A 114 1.05 7.83 7.72
CA ASP A 114 0.03 8.88 7.76
C ASP A 114 0.45 10.08 6.91
N ARG A 115 1.67 10.56 7.14
CA ARG A 115 2.22 11.69 6.38
C ARG A 115 2.30 11.33 4.89
N GLY A 116 2.82 10.14 4.62
CA GLY A 116 3.01 9.69 3.25
C GLY A 116 1.71 9.63 2.47
N VAL A 117 0.71 8.96 3.04
CA VAL A 117 -0.57 8.80 2.36
C VAL A 117 -1.30 10.13 2.28
N ARG A 118 -1.11 11.00 3.27
CA ARG A 118 -1.67 12.34 3.23
C ARG A 118 -1.20 13.07 1.98
N LYS A 119 0.11 13.16 1.81
CA LYS A 119 0.66 13.83 0.64
C LYS A 119 0.30 13.07 -0.63
N ALA A 120 0.17 11.74 -0.52
CA ALA A 120 -0.19 10.91 -1.67
C ALA A 120 -1.58 11.27 -2.20
N ILE A 121 -2.56 11.32 -1.30
CA ILE A 121 -3.93 11.64 -1.68
C ILE A 121 -4.03 13.08 -2.17
N GLU A 122 -3.30 13.98 -1.50
CA GLU A 122 -3.24 15.37 -1.91
C GLU A 122 -2.53 15.52 -3.26
N ASP A 123 -1.54 14.66 -3.48
CA ASP A 123 -0.78 14.64 -4.75
C ASP A 123 -1.58 13.91 -5.83
N LEU A 124 -2.58 13.13 -5.38
CA LEU A 124 -3.54 12.54 -6.30
C LEU A 124 -4.46 13.63 -6.85
N ILE A 125 -5.14 14.31 -5.94
CA ILE A 125 -6.12 15.33 -6.31
C ILE A 125 -5.42 16.56 -6.92
N GLU A 126 -4.14 16.74 -6.58
CA GLU A 126 -3.35 17.83 -7.15
C GLU A 126 -1.87 17.41 -7.22
N GLY A 1 20.81 -18.84 -20.20
CA GLY A 1 20.20 -20.13 -19.78
C GLY A 1 19.47 -20.02 -18.45
N SER A 2 18.74 -18.92 -18.26
CA SER A 2 18.00 -18.67 -17.03
C SER A 2 16.78 -17.80 -17.31
N MET A 3 15.95 -17.60 -16.31
CA MET A 3 14.80 -16.69 -16.41
C MET A 3 15.19 -15.30 -15.94
N THR A 4 14.62 -14.28 -16.56
CA THR A 4 14.96 -12.90 -16.27
C THR A 4 14.39 -12.46 -14.91
N GLU A 5 14.89 -11.33 -14.40
CA GLU A 5 14.39 -10.73 -13.17
C GLU A 5 14.54 -9.21 -13.22
N GLU A 6 13.47 -8.53 -13.60
CA GLU A 6 13.47 -7.07 -13.68
C GLU A 6 13.09 -6.46 -12.33
N THR A 7 13.23 -5.16 -12.21
CA THR A 7 12.89 -4.44 -10.99
C THR A 7 11.38 -4.19 -10.89
N HIS A 8 10.95 -3.63 -9.77
CA HIS A 8 9.54 -3.32 -9.56
C HIS A 8 9.08 -2.29 -10.60
N PRO A 9 7.80 -2.37 -11.05
CA PRO A 9 7.27 -1.48 -12.10
C PRO A 9 7.48 0.00 -11.76
N ASP A 10 7.50 0.30 -10.46
CA ASP A 10 7.71 1.65 -9.97
C ASP A 10 8.79 1.65 -8.91
N ASP A 11 9.87 0.93 -9.21
CA ASP A 11 10.99 0.71 -8.28
C ASP A 11 11.52 2.02 -7.71
N ASP A 12 11.59 3.06 -8.53
CA ASP A 12 12.12 4.36 -8.11
C ASP A 12 11.00 5.34 -7.78
N SER A 13 9.76 4.93 -8.00
CA SER A 13 8.60 5.79 -7.76
C SER A 13 8.05 5.60 -6.34
N TYR A 14 8.67 4.70 -5.58
CA TYR A 14 8.28 4.47 -4.19
C TYR A 14 8.49 5.73 -3.36
N ILE A 15 7.39 6.32 -2.90
CA ILE A 15 7.44 7.46 -2.01
C ILE A 15 7.94 7.01 -0.64
N VAL A 16 7.33 5.93 -0.14
CA VAL A 16 7.70 5.35 1.15
C VAL A 16 7.57 3.83 1.10
N ARG A 17 8.69 3.12 1.02
CA ARG A 17 8.70 1.67 1.19
C ARG A 17 9.21 1.35 2.60
N VAL A 18 8.33 0.82 3.45
CA VAL A 18 8.65 0.63 4.86
C VAL A 18 8.04 -0.67 5.40
N LYS A 19 8.63 -1.17 6.48
CA LYS A 19 8.14 -2.36 7.16
C LYS A 19 6.81 -2.08 7.87
N ALA A 20 5.79 -2.88 7.55
CA ALA A 20 4.47 -2.72 8.16
C ALA A 20 3.75 -4.08 8.21
N VAL A 21 2.46 -4.05 8.51
CA VAL A 21 1.63 -5.27 8.52
C VAL A 21 0.44 -5.09 7.59
N VAL A 22 0.12 -6.13 6.85
CA VAL A 22 -1.04 -6.14 5.96
C VAL A 22 -2.16 -7.00 6.53
N MET A 23 -3.39 -6.48 6.49
CA MET A 23 -4.58 -7.18 6.97
C MET A 23 -5.59 -7.27 5.84
N THR A 24 -6.36 -8.35 5.79
CA THR A 24 -7.39 -8.48 4.76
C THR A 24 -8.75 -8.84 5.36
N ARG A 25 -8.77 -9.12 6.68
CA ARG A 25 -10.00 -9.46 7.40
C ARG A 25 -10.73 -10.63 6.72
N ASP A 26 -9.96 -11.44 6.00
CA ASP A 26 -10.50 -12.57 5.24
C ASP A 26 -11.62 -12.08 4.31
N ASP A 27 -11.34 -10.96 3.62
CA ASP A 27 -12.28 -10.32 2.70
C ASP A 27 -13.39 -9.62 3.45
N SER A 28 -14.26 -10.40 4.09
CA SER A 28 -15.34 -9.89 4.92
C SER A 28 -15.70 -10.92 5.99
N SER A 29 -15.01 -10.85 7.11
CA SER A 29 -15.25 -11.75 8.23
C SER A 29 -15.14 -10.99 9.55
N GLY A 30 -14.93 -11.72 10.66
CA GLY A 30 -14.86 -11.08 11.97
C GLY A 30 -13.73 -10.09 12.10
N GLY A 31 -12.57 -10.57 12.54
CA GLY A 31 -11.46 -9.69 12.84
C GLY A 31 -10.46 -9.59 11.70
N TRP A 32 -9.45 -8.76 11.89
CA TRP A 32 -8.41 -8.55 10.89
C TRP A 32 -7.19 -9.41 11.21
N PHE A 33 -6.92 -10.38 10.34
CA PHE A 33 -5.77 -11.27 10.53
C PHE A 33 -4.64 -10.87 9.58
N PRO A 34 -3.38 -11.02 10.01
CA PRO A 34 -2.21 -10.71 9.18
C PRO A 34 -1.84 -11.87 8.26
N GLN A 35 -1.86 -11.62 6.95
CA GLN A 35 -1.51 -12.62 5.96
C GLN A 35 -0.15 -12.30 5.33
N GLU A 36 0.62 -13.35 5.03
CA GLU A 36 1.94 -13.21 4.40
C GLU A 36 2.88 -12.36 5.26
N GLY A 37 3.71 -13.03 6.04
CA GLY A 37 4.61 -12.34 6.96
C GLY A 37 3.87 -11.83 8.18
N GLY A 38 3.07 -10.78 7.97
CA GLY A 38 2.26 -10.23 9.05
C GLY A 38 3.10 -9.76 10.22
N GLY A 39 3.91 -8.74 9.99
CA GLY A 39 4.77 -8.20 11.05
C GLY A 39 5.96 -7.48 10.48
N ILE A 40 6.57 -8.08 9.46
CA ILE A 40 7.72 -7.50 8.79
C ILE A 40 7.42 -7.34 7.29
N SER A 41 6.12 -7.29 6.97
CA SER A 41 5.67 -7.19 5.59
C SER A 41 6.20 -5.92 4.94
N ARG A 42 6.94 -6.08 3.85
CA ARG A 42 7.59 -4.96 3.18
C ARG A 42 6.61 -4.25 2.24
N VAL A 43 5.97 -3.22 2.77
CA VAL A 43 4.98 -2.44 2.02
C VAL A 43 5.65 -1.20 1.42
N GLY A 44 5.14 -0.74 0.28
CA GLY A 44 5.70 0.43 -0.37
C GLY A 44 4.68 1.15 -1.23
N VAL A 45 4.38 2.40 -0.87
CA VAL A 45 3.48 3.22 -1.65
C VAL A 45 4.26 3.96 -2.74
N CYS A 46 3.93 3.68 -3.99
CA CYS A 46 4.61 4.29 -5.13
C CYS A 46 3.67 5.22 -5.91
N LYS A 47 4.23 6.28 -6.46
CA LYS A 47 3.47 7.25 -7.25
C LYS A 47 3.53 6.86 -8.73
N VAL A 48 2.46 6.26 -9.24
CA VAL A 48 2.42 5.83 -10.64
C VAL A 48 1.98 6.98 -11.53
N MET A 49 2.33 6.91 -12.81
CA MET A 49 1.98 7.97 -13.76
C MET A 49 1.83 7.40 -15.17
N HIS A 50 1.02 8.06 -15.98
CA HIS A 50 0.81 7.64 -17.36
C HIS A 50 2.06 7.88 -18.22
N PRO A 51 2.34 6.97 -19.18
CA PRO A 51 3.49 7.09 -20.07
C PRO A 51 3.34 8.24 -21.05
N GLU A 52 2.12 8.74 -21.19
CA GLU A 52 1.81 9.84 -22.08
C GLU A 52 0.98 10.89 -21.34
N GLY A 53 1.68 11.89 -20.79
CA GLY A 53 1.01 12.94 -20.04
C GLY A 53 1.98 13.76 -19.23
N ASN A 54 1.47 14.69 -18.44
CA ASN A 54 2.32 15.61 -17.68
C ASN A 54 1.80 15.80 -16.25
N GLY A 55 0.72 16.55 -16.11
CA GLY A 55 0.25 16.97 -14.79
C GLY A 55 -0.90 16.15 -14.26
N ARG A 56 -0.72 14.83 -14.24
CA ARG A 56 -1.68 13.92 -13.60
C ARG A 56 -1.01 12.58 -13.32
N SER A 57 -1.24 12.04 -12.12
CA SER A 57 -0.62 10.78 -11.71
C SER A 57 -1.46 10.11 -10.62
N GLY A 58 -1.23 8.80 -10.44
CA GLY A 58 -1.94 8.04 -9.42
C GLY A 58 -0.99 7.41 -8.43
N PHE A 59 -1.44 6.37 -7.74
CA PHE A 59 -0.62 5.70 -6.73
C PHE A 59 -0.85 4.19 -6.78
N LEU A 60 0.06 3.44 -6.19
CA LEU A 60 -0.03 1.99 -6.17
C LEU A 60 0.33 1.49 -4.78
N ILE A 61 -0.60 0.77 -4.16
CA ILE A 61 -0.34 0.14 -2.86
C ILE A 61 0.35 -1.19 -3.09
N HIS A 62 1.67 -1.15 -3.24
CA HIS A 62 2.45 -2.34 -3.52
C HIS A 62 3.03 -2.90 -2.23
N GLY A 63 3.06 -4.21 -2.11
CA GLY A 63 3.59 -4.85 -0.92
C GLY A 63 4.10 -6.24 -1.20
N GLU A 64 5.33 -6.50 -0.80
CA GLU A 64 5.94 -7.82 -0.93
C GLU A 64 6.21 -8.39 0.47
N ARG A 65 6.77 -9.60 0.53
CA ARG A 65 7.08 -10.20 1.83
C ARG A 65 8.16 -9.38 2.53
N GLN A 66 9.36 -9.37 1.96
CA GLN A 66 10.50 -8.66 2.56
C GLN A 66 11.78 -8.89 1.75
N LYS A 67 11.82 -9.99 1.00
CA LYS A 67 12.99 -10.35 0.19
C LYS A 67 12.57 -11.00 -1.11
N ASP A 68 13.10 -10.49 -2.23
CA ASP A 68 12.99 -11.13 -3.54
C ASP A 68 11.56 -11.03 -4.09
N LYS A 69 11.45 -11.26 -5.40
CA LYS A 69 10.17 -11.15 -6.12
C LYS A 69 9.09 -12.02 -5.49
N LEU A 70 8.23 -11.39 -4.68
CA LEU A 70 7.06 -12.07 -4.13
C LEU A 70 6.06 -11.02 -3.62
N VAL A 71 5.22 -10.57 -4.53
CA VAL A 71 4.20 -9.56 -4.22
C VAL A 71 3.05 -10.18 -3.43
N VAL A 72 2.86 -9.74 -2.20
CA VAL A 72 1.82 -10.28 -1.33
C VAL A 72 0.57 -9.41 -1.33
N LEU A 73 0.74 -8.15 -1.70
CA LEU A 73 -0.35 -7.20 -1.68
C LEU A 73 -0.11 -6.16 -2.76
N GLU A 74 -1.11 -5.92 -3.59
CA GLU A 74 -1.01 -4.92 -4.64
C GLU A 74 -2.39 -4.39 -5.00
N CYS A 75 -2.62 -3.12 -4.71
CA CYS A 75 -3.89 -2.46 -4.97
C CYS A 75 -3.65 -1.14 -5.70
N TYR A 76 -4.18 -1.03 -6.90
CA TYR A 76 -3.90 0.11 -7.76
C TYR A 76 -4.85 1.27 -7.45
N VAL A 77 -4.28 2.42 -7.09
CA VAL A 77 -5.05 3.60 -6.70
C VAL A 77 -5.10 4.57 -7.87
N ARG A 78 -6.19 4.53 -8.62
CA ARG A 78 -6.30 5.29 -9.85
C ARG A 78 -7.41 6.35 -9.74
N LYS A 79 -7.17 7.34 -8.88
CA LYS A 79 -8.14 8.41 -8.60
C LYS A 79 -9.36 7.85 -7.86
N ASP A 80 -9.14 6.75 -7.15
CA ASP A 80 -10.15 6.14 -6.29
C ASP A 80 -9.45 5.47 -5.12
N LEU A 81 -10.21 4.77 -4.27
CA LEU A 81 -9.64 4.04 -3.13
C LEU A 81 -9.04 5.00 -2.11
N VAL A 82 -9.82 5.31 -1.07
CA VAL A 82 -9.38 6.24 -0.03
C VAL A 82 -9.15 5.50 1.28
N TYR A 83 -8.03 5.79 1.93
CA TYR A 83 -7.70 5.20 3.23
C TYR A 83 -8.63 5.75 4.32
N THR A 84 -9.31 4.85 5.02
CA THR A 84 -10.12 5.23 6.15
C THR A 84 -9.33 5.04 7.44
N LYS A 85 -9.06 6.16 8.13
CA LYS A 85 -8.32 6.14 9.39
C LYS A 85 -9.24 5.64 10.51
N ALA A 86 -9.12 4.36 10.85
CA ALA A 86 -9.95 3.77 11.89
C ALA A 86 -9.27 3.87 13.25
N ASN A 87 -7.98 3.53 13.26
CA ASN A 87 -7.18 3.60 14.48
C ASN A 87 -5.86 4.31 14.17
N PRO A 88 -5.23 4.96 15.17
CA PRO A 88 -3.97 5.68 14.97
C PRO A 88 -2.90 4.84 14.27
N THR A 89 -2.95 3.53 14.50
CA THR A 89 -1.98 2.60 13.93
C THR A 89 -2.64 1.61 12.95
N PHE A 90 -3.84 1.96 12.47
CA PHE A 90 -4.59 1.05 11.59
C PHE A 90 -5.39 1.82 10.54
N HIS A 91 -5.01 1.63 9.28
CA HIS A 91 -5.77 2.13 8.13
C HIS A 91 -6.53 0.97 7.49
N HIS A 92 -7.60 1.29 6.76
CA HIS A 92 -8.31 0.28 5.98
C HIS A 92 -9.04 0.95 4.82
N TRP A 93 -9.19 0.22 3.72
CA TRP A 93 -9.90 0.72 2.55
C TRP A 93 -10.80 -0.36 1.97
N LYS A 94 -11.99 0.03 1.54
CA LYS A 94 -13.01 -0.91 1.08
C LYS A 94 -13.21 -0.81 -0.43
N VAL A 95 -12.84 -1.88 -1.13
CA VAL A 95 -13.09 -2.00 -2.58
C VAL A 95 -13.53 -3.43 -2.90
N ASP A 96 -14.44 -3.57 -3.87
CA ASP A 96 -14.98 -4.88 -4.24
C ASP A 96 -15.64 -5.57 -3.04
N ASN A 97 -16.09 -4.75 -2.09
CA ASN A 97 -16.70 -5.23 -0.84
C ASN A 97 -15.67 -5.93 0.06
N ARG A 98 -14.42 -5.98 -0.38
CA ARG A 98 -13.35 -6.58 0.40
C ARG A 98 -12.73 -5.52 1.30
N LYS A 99 -12.52 -5.88 2.57
CA LYS A 99 -11.97 -4.95 3.55
C LYS A 99 -10.46 -5.11 3.65
N PHE A 100 -9.74 -4.25 2.94
CA PHE A 100 -8.29 -4.22 3.02
C PHE A 100 -7.88 -3.42 4.26
N GLY A 101 -6.84 -3.87 4.93
CA GLY A 101 -6.36 -3.18 6.11
C GLY A 101 -4.84 -3.13 6.15
N LEU A 102 -4.30 -2.17 6.89
CA LEU A 102 -2.87 -2.03 7.06
C LEU A 102 -2.57 -1.57 8.48
N THR A 103 -1.79 -2.36 9.20
CA THR A 103 -1.46 -2.07 10.58
C THR A 103 0.01 -1.66 10.69
N PHE A 104 0.28 -0.62 11.47
CA PHE A 104 1.64 -0.14 11.68
C PHE A 104 2.28 -0.92 12.84
N GLN A 105 3.55 -1.25 12.67
CA GLN A 105 4.26 -2.08 13.65
C GLN A 105 4.98 -1.20 14.66
N SER A 106 5.62 -0.15 14.15
CA SER A 106 6.42 0.74 14.99
C SER A 106 6.03 2.19 14.71
N PRO A 107 6.10 3.09 15.72
CA PRO A 107 5.76 4.50 15.55
C PRO A 107 6.55 5.14 14.40
N ALA A 108 7.71 4.55 14.11
CA ALA A 108 8.54 5.01 12.99
C ALA A 108 7.81 4.86 11.65
N ASP A 109 7.39 3.62 11.35
CA ASP A 109 6.69 3.34 10.10
C ASP A 109 5.29 3.95 10.12
N ALA A 110 4.72 4.04 11.32
CA ALA A 110 3.43 4.71 11.50
C ALA A 110 3.50 6.14 10.97
N ARG A 111 4.43 6.92 11.54
CA ARG A 111 4.61 8.32 11.16
C ARG A 111 4.95 8.44 9.66
N ALA A 112 5.94 7.65 9.24
CA ALA A 112 6.45 7.74 7.87
C ALA A 112 5.37 7.41 6.84
N PHE A 113 4.79 6.23 6.97
CA PHE A 113 3.82 5.76 5.98
C PHE A 113 2.54 6.60 6.03
N ASP A 114 2.15 7.03 7.23
CA ASP A 114 0.96 7.88 7.38
C ASP A 114 1.16 9.17 6.61
N ARG A 115 2.31 9.79 6.82
CA ARG A 115 2.71 10.98 6.07
C ARG A 115 2.58 10.72 4.57
N GLY A 116 3.07 9.56 4.15
CA GLY A 116 2.94 9.15 2.77
C GLY A 116 1.48 9.04 2.33
N VAL A 117 0.64 8.51 3.23
CA VAL A 117 -0.78 8.34 2.96
C VAL A 117 -1.48 9.68 2.79
N ARG A 118 -1.35 10.55 3.78
CA ARG A 118 -2.02 11.85 3.77
C ARG A 118 -1.56 12.67 2.56
N LYS A 119 -0.27 12.58 2.22
CA LYS A 119 0.24 13.24 1.02
C LYS A 119 -0.30 12.57 -0.23
N ALA A 120 -0.41 11.25 -0.22
CA ALA A 120 -0.96 10.51 -1.34
C ALA A 120 -2.39 10.94 -1.60
N ILE A 121 -3.18 11.07 -0.53
CA ILE A 121 -4.56 11.51 -0.62
C ILE A 121 -4.63 12.93 -1.17
N GLU A 122 -3.77 13.80 -0.66
CA GLU A 122 -3.71 15.19 -1.13
C GLU A 122 -3.44 15.25 -2.63
N ASP A 123 -2.40 14.53 -3.06
CA ASP A 123 -2.01 14.50 -4.46
C ASP A 123 -2.97 13.65 -5.30
N LEU A 124 -3.76 12.82 -4.62
CA LEU A 124 -4.76 12.00 -5.29
C LEU A 124 -5.94 12.88 -5.69
N ILE A 125 -6.41 13.68 -4.74
CA ILE A 125 -7.52 14.61 -4.98
C ILE A 125 -7.09 15.74 -5.91
N GLU A 126 -5.87 16.23 -5.69
CA GLU A 126 -5.32 17.31 -6.49
C GLU A 126 -4.71 16.73 -7.77
N GLY A 1 18.34 -3.23 -19.47
CA GLY A 1 17.95 -2.81 -20.83
C GLY A 1 17.83 -1.31 -20.96
N SER A 2 17.29 -0.84 -22.08
CA SER A 2 17.07 0.58 -22.32
C SER A 2 15.87 1.09 -21.53
N MET A 3 15.09 0.15 -21.01
CA MET A 3 13.89 0.46 -20.25
C MET A 3 13.59 -0.66 -19.26
N THR A 4 12.58 -0.46 -18.43
CA THR A 4 12.19 -1.47 -17.44
C THR A 4 10.68 -1.62 -17.42
N GLU A 5 10.23 -2.87 -17.36
CA GLU A 5 8.80 -3.19 -17.25
C GLU A 5 8.58 -3.98 -15.97
N GLU A 6 9.53 -3.84 -15.05
CA GLU A 6 9.54 -4.60 -13.80
C GLU A 6 8.49 -4.05 -12.82
N THR A 7 8.88 -3.01 -12.07
CA THR A 7 8.00 -2.40 -11.07
C THR A 7 7.52 -3.46 -10.06
N HIS A 8 8.46 -3.98 -9.27
CA HIS A 8 8.20 -5.07 -8.32
C HIS A 8 9.52 -5.60 -7.74
N PRO A 9 10.42 -6.22 -8.55
CA PRO A 9 11.63 -6.85 -8.02
C PRO A 9 12.52 -5.85 -7.28
N ASP A 10 12.50 -5.95 -5.95
CA ASP A 10 13.26 -5.07 -5.06
C ASP A 10 12.78 -3.64 -5.22
N ASP A 11 11.46 -3.50 -5.30
CA ASP A 11 10.79 -2.19 -5.32
C ASP A 11 11.17 -1.38 -6.55
N ASP A 12 12.27 -0.61 -6.43
CA ASP A 12 12.74 0.31 -7.46
C ASP A 12 11.81 1.51 -7.64
N SER A 13 10.57 1.24 -8.06
CA SER A 13 9.63 2.30 -8.43
C SER A 13 8.83 2.83 -7.21
N TYR A 14 9.11 2.29 -6.03
CA TYR A 14 8.46 2.77 -4.80
C TYR A 14 8.99 4.16 -4.45
N ILE A 15 8.09 5.13 -4.32
CA ILE A 15 8.46 6.48 -3.89
C ILE A 15 8.43 6.57 -2.36
N VAL A 16 7.40 5.96 -1.77
CA VAL A 16 7.25 5.90 -0.32
C VAL A 16 6.93 4.47 0.10
N ARG A 17 7.69 3.93 1.06
CA ARG A 17 7.50 2.55 1.50
C ARG A 17 7.81 2.40 2.99
N VAL A 18 7.06 1.53 3.65
CA VAL A 18 7.24 1.21 5.08
C VAL A 18 7.22 -0.31 5.25
N LYS A 19 7.86 -0.80 6.30
CA LYS A 19 7.82 -2.23 6.62
C LYS A 19 6.76 -2.47 7.70
N ALA A 20 5.73 -3.23 7.39
CA ALA A 20 4.65 -3.49 8.32
C ALA A 20 3.88 -4.77 7.94
N VAL A 21 2.75 -5.00 8.61
CA VAL A 21 1.94 -6.20 8.41
C VAL A 21 0.75 -5.91 7.50
N VAL A 22 0.73 -6.51 6.31
CA VAL A 22 -0.40 -6.35 5.39
C VAL A 22 -1.56 -7.28 5.79
N MET A 23 -2.61 -6.70 6.35
CA MET A 23 -3.79 -7.47 6.76
C MET A 23 -4.91 -7.33 5.73
N THR A 24 -5.91 -8.19 5.85
CA THR A 24 -7.07 -8.17 4.97
C THR A 24 -8.32 -8.46 5.77
N ARG A 25 -9.47 -8.21 5.16
CA ARG A 25 -10.76 -8.49 5.77
C ARG A 25 -11.62 -9.28 4.79
N ASP A 26 -11.84 -10.55 5.11
CA ASP A 26 -12.51 -11.49 4.21
C ASP A 26 -13.91 -10.99 3.81
N ASP A 27 -13.96 -10.20 2.73
CA ASP A 27 -15.20 -9.61 2.21
C ASP A 27 -15.99 -8.87 3.30
N SER A 28 -16.80 -9.59 4.06
CA SER A 28 -17.68 -8.98 5.07
C SER A 28 -17.44 -9.61 6.44
N SER A 29 -16.30 -10.30 6.58
CA SER A 29 -15.94 -10.93 7.85
C SER A 29 -15.64 -9.88 8.90
N GLY A 30 -16.11 -10.12 10.13
CA GLY A 30 -15.89 -9.18 11.21
C GLY A 30 -14.53 -9.37 11.86
N GLY A 31 -13.47 -9.13 11.11
CA GLY A 31 -12.13 -9.28 11.65
C GLY A 31 -11.05 -8.89 10.66
N TRP A 32 -9.82 -8.75 11.15
CA TRP A 32 -8.67 -8.42 10.32
C TRP A 32 -7.56 -9.45 10.53
N PHE A 33 -7.09 -10.05 9.44
CA PHE A 33 -6.09 -11.12 9.52
C PHE A 33 -5.02 -10.95 8.45
N PRO A 34 -3.75 -11.30 8.77
CA PRO A 34 -2.66 -11.31 7.78
C PRO A 34 -2.95 -12.30 6.65
N GLN A 35 -2.76 -11.84 5.42
CA GLN A 35 -3.11 -12.63 4.24
C GLN A 35 -1.97 -13.56 3.80
N GLU A 36 -0.74 -13.09 3.93
CA GLU A 36 0.43 -13.86 3.50
C GLU A 36 1.71 -13.27 4.06
N GLY A 37 1.94 -11.98 3.79
CA GLY A 37 3.17 -11.32 4.19
C GLY A 37 3.48 -11.46 5.68
N GLY A 38 2.44 -11.34 6.51
CA GLY A 38 2.63 -11.41 7.94
C GLY A 38 3.42 -10.23 8.48
N GLY A 39 4.34 -10.51 9.40
CA GLY A 39 5.10 -9.45 10.05
C GLY A 39 5.96 -8.63 9.10
N ILE A 40 6.50 -9.29 8.07
CA ILE A 40 7.39 -8.62 7.12
C ILE A 40 6.69 -8.42 5.79
N SER A 41 6.35 -7.17 5.48
CA SER A 41 5.82 -6.84 4.16
C SER A 41 6.32 -5.46 3.71
N ARG A 42 7.06 -5.42 2.61
CA ARG A 42 7.44 -4.16 1.99
C ARG A 42 6.22 -3.54 1.33
N VAL A 43 5.51 -2.72 2.09
CA VAL A 43 4.32 -2.05 1.60
C VAL A 43 4.63 -0.59 1.29
N GLY A 44 4.08 -0.09 0.19
CA GLY A 44 4.29 1.30 -0.16
C GLY A 44 3.52 1.70 -1.39
N VAL A 45 3.61 2.99 -1.72
CA VAL A 45 2.94 3.54 -2.88
C VAL A 45 3.98 3.86 -3.96
N CYS A 46 3.74 3.38 -5.16
CA CYS A 46 4.58 3.68 -6.30
C CYS A 46 3.82 4.53 -7.31
N LYS A 47 4.31 5.76 -7.54
CA LYS A 47 3.68 6.67 -8.48
C LYS A 47 4.01 6.23 -9.91
N VAL A 48 3.25 5.27 -10.42
CA VAL A 48 3.48 4.74 -11.75
C VAL A 48 2.99 5.73 -12.81
N MET A 49 3.80 5.94 -13.84
CA MET A 49 3.45 6.86 -14.91
C MET A 49 2.74 6.12 -16.04
N HIS A 50 2.25 6.87 -17.01
CA HIS A 50 1.49 6.31 -18.12
C HIS A 50 1.83 7.04 -19.42
N PRO A 51 1.73 6.35 -20.57
CA PRO A 51 1.91 6.98 -21.88
C PRO A 51 0.84 8.04 -22.11
N GLU A 52 1.18 9.08 -22.87
CA GLU A 52 0.28 10.22 -23.08
C GLU A 52 -0.02 10.90 -21.74
N GLY A 53 0.76 11.94 -21.42
CA GLY A 53 0.65 12.60 -20.13
C GLY A 53 -0.56 13.52 -20.03
N ASN A 54 -1.66 13.13 -20.67
CA ASN A 54 -2.89 13.90 -20.59
C ASN A 54 -3.67 13.47 -19.36
N GLY A 55 -3.22 13.97 -18.22
CA GLY A 55 -3.81 13.62 -16.94
C GLY A 55 -2.87 13.96 -15.80
N ARG A 56 -2.12 12.95 -15.33
CA ARG A 56 -1.10 13.17 -14.30
C ARG A 56 -0.29 11.89 -14.09
N SER A 57 -0.77 11.00 -13.22
CA SER A 57 -0.07 9.76 -12.88
C SER A 57 -1.02 8.79 -12.19
N GLY A 58 -0.55 7.57 -11.97
CA GLY A 58 -1.32 6.58 -11.24
C GLY A 58 -0.60 6.15 -9.98
N PHE A 59 -1.35 5.72 -8.97
CA PHE A 59 -0.77 5.32 -7.69
C PHE A 59 -1.07 3.85 -7.40
N LEU A 60 -0.03 3.02 -7.42
CA LEU A 60 -0.18 1.60 -7.16
C LEU A 60 0.26 1.30 -5.72
N ILE A 61 -0.69 0.95 -4.88
CA ILE A 61 -0.39 0.50 -3.52
C ILE A 61 0.08 -0.94 -3.57
N HIS A 62 1.39 -1.14 -3.51
CA HIS A 62 1.99 -2.46 -3.69
C HIS A 62 2.60 -2.91 -2.36
N GLY A 63 2.56 -4.20 -2.11
CA GLY A 63 3.07 -4.77 -0.87
C GLY A 63 3.65 -6.15 -1.10
N GLU A 64 4.93 -6.32 -0.82
CA GLU A 64 5.64 -7.52 -1.27
C GLU A 64 6.87 -7.83 -0.42
N ARG A 65 7.57 -8.86 -0.87
CA ARG A 65 8.97 -9.13 -0.53
C ARG A 65 9.22 -9.35 0.96
N GLN A 66 9.10 -10.62 1.35
CA GLN A 66 9.65 -11.13 2.60
C GLN A 66 10.28 -12.46 2.28
N LYS A 67 9.57 -13.24 1.45
CA LYS A 67 10.15 -14.37 0.74
C LYS A 67 10.68 -13.83 -0.60
N ASP A 68 11.54 -14.59 -1.27
CA ASP A 68 12.20 -14.11 -2.49
C ASP A 68 11.21 -13.55 -3.52
N LYS A 69 11.02 -12.22 -3.46
CA LYS A 69 10.16 -11.49 -4.39
C LYS A 69 8.77 -12.13 -4.51
N LEU A 70 7.89 -11.77 -3.59
CA LEU A 70 6.52 -12.29 -3.53
C LEU A 70 5.54 -11.16 -3.26
N VAL A 71 4.59 -10.94 -4.16
CA VAL A 71 3.57 -9.91 -3.97
C VAL A 71 2.48 -10.42 -3.02
N VAL A 72 2.39 -9.81 -1.86
CA VAL A 72 1.46 -10.26 -0.82
C VAL A 72 0.29 -9.29 -0.64
N LEU A 73 0.33 -8.19 -1.40
CA LEU A 73 -0.71 -7.17 -1.36
C LEU A 73 -0.50 -6.20 -2.52
N GLU A 74 -1.59 -5.80 -3.19
CA GLU A 74 -1.52 -4.83 -4.26
C GLU A 74 -2.89 -4.28 -4.62
N CYS A 75 -2.92 -3.00 -4.99
CA CYS A 75 -4.16 -2.32 -5.36
C CYS A 75 -3.82 -1.00 -6.05
N TYR A 76 -4.24 -0.88 -7.31
CA TYR A 76 -3.99 0.33 -8.09
C TYR A 76 -5.18 1.28 -8.01
N VAL A 77 -4.88 2.57 -7.85
CA VAL A 77 -5.90 3.60 -7.81
C VAL A 77 -5.50 4.75 -8.74
N ARG A 78 -6.46 5.29 -9.47
CA ARG A 78 -6.18 6.33 -10.45
C ARG A 78 -6.68 7.69 -9.97
N LYS A 79 -7.69 7.67 -9.10
CA LYS A 79 -8.25 8.92 -8.55
C LYS A 79 -9.21 8.61 -7.40
N ASP A 80 -9.85 7.44 -7.45
CA ASP A 80 -10.79 7.01 -6.41
C ASP A 80 -10.11 6.09 -5.40
N LEU A 81 -10.18 6.46 -4.12
CA LEU A 81 -9.63 5.65 -3.03
C LEU A 81 -9.98 6.32 -1.70
N VAL A 82 -10.34 5.52 -0.70
CA VAL A 82 -10.69 6.03 0.62
C VAL A 82 -9.94 5.25 1.71
N TYR A 83 -9.19 5.98 2.53
CA TYR A 83 -8.51 5.38 3.69
C TYR A 83 -9.41 5.52 4.93
N THR A 84 -9.21 4.60 5.86
CA THR A 84 -9.89 4.63 7.16
C THR A 84 -9.04 3.85 8.15
N LYS A 85 -8.56 4.51 9.19
CA LYS A 85 -7.76 3.82 10.21
C LYS A 85 -8.61 3.53 11.44
N ALA A 86 -8.63 2.26 11.83
CA ALA A 86 -9.42 1.82 12.98
C ALA A 86 -8.67 2.10 14.27
N ASN A 87 -7.35 2.00 14.20
CA ASN A 87 -6.48 2.25 15.35
C ASN A 87 -5.28 3.07 14.88
N PRO A 88 -4.63 3.83 15.79
CA PRO A 88 -3.42 4.59 15.47
C PRO A 88 -2.38 3.73 14.74
N THR A 89 -2.23 2.49 15.21
CA THR A 89 -1.26 1.56 14.65
C THR A 89 -1.90 0.59 13.65
N PHE A 90 -3.08 0.95 13.15
CA PHE A 90 -3.77 0.13 12.14
C PHE A 90 -4.57 1.00 11.17
N HIS A 91 -3.99 1.27 10.01
CA HIS A 91 -4.60 2.10 8.98
C HIS A 91 -4.98 1.19 7.80
N HIS A 92 -6.25 1.22 7.39
CA HIS A 92 -6.70 0.36 6.31
C HIS A 92 -7.37 1.18 5.21
N TRP A 93 -7.58 0.56 4.07
CA TRP A 93 -8.27 1.19 2.95
C TRP A 93 -9.20 0.17 2.30
N LYS A 94 -9.94 0.59 1.28
CA LYS A 94 -10.93 -0.28 0.66
C LYS A 94 -11.20 0.13 -0.78
N VAL A 95 -11.50 -0.86 -1.61
CA VAL A 95 -11.90 -0.63 -2.99
C VAL A 95 -13.14 -1.46 -3.28
N ASP A 96 -14.05 -0.92 -4.10
CA ASP A 96 -15.33 -1.57 -4.39
C ASP A 96 -16.21 -1.65 -3.15
N ASN A 97 -15.83 -2.52 -2.22
CA ASN A 97 -16.57 -2.75 -0.99
C ASN A 97 -15.72 -3.53 0.02
N ARG A 98 -14.78 -4.33 -0.47
CA ARG A 98 -13.94 -5.16 0.40
C ARG A 98 -12.79 -4.33 0.98
N LYS A 99 -12.35 -4.71 2.18
CA LYS A 99 -11.36 -3.93 2.93
C LYS A 99 -10.06 -4.71 3.09
N PHE A 100 -8.95 -4.00 3.01
CA PHE A 100 -7.63 -4.55 3.29
C PHE A 100 -6.74 -3.43 3.83
N GLY A 101 -5.94 -3.73 4.85
CA GLY A 101 -5.23 -2.68 5.55
C GLY A 101 -3.83 -3.04 5.99
N LEU A 102 -3.24 -2.18 6.80
CA LEU A 102 -1.85 -2.28 7.21
C LEU A 102 -1.71 -2.08 8.72
N THR A 103 -1.11 -3.05 9.40
CA THR A 103 -0.82 -2.95 10.82
C THR A 103 0.64 -2.53 11.02
N PHE A 104 0.84 -1.46 11.75
CA PHE A 104 2.18 -0.89 11.93
C PHE A 104 2.88 -1.53 13.11
N GLN A 105 4.20 -1.39 13.16
CA GLN A 105 5.02 -1.99 14.20
C GLN A 105 5.29 -1.00 15.31
N SER A 106 5.31 0.29 14.97
CA SER A 106 5.53 1.35 15.95
C SER A 106 4.79 2.62 15.55
N PRO A 107 4.45 3.50 16.52
CA PRO A 107 3.76 4.77 16.24
C PRO A 107 4.56 5.66 15.30
N ALA A 108 5.88 5.46 15.26
CA ALA A 108 6.75 6.22 14.39
C ALA A 108 6.41 5.98 12.92
N ASP A 109 6.42 4.71 12.52
CA ASP A 109 6.10 4.32 11.15
C ASP A 109 4.60 4.48 10.89
N ALA A 110 3.79 4.34 11.94
CA ALA A 110 2.36 4.58 11.85
C ALA A 110 2.09 6.01 11.39
N ARG A 111 2.56 6.96 12.19
CA ARG A 111 2.38 8.39 11.90
C ARG A 111 3.08 8.77 10.60
N ALA A 112 4.20 8.09 10.31
CA ALA A 112 4.91 8.30 9.06
C ALA A 112 4.03 7.91 7.88
N PHE A 113 3.26 6.84 8.04
CA PHE A 113 2.37 6.37 7.00
C PHE A 113 1.16 7.30 6.89
N ASP A 114 0.71 7.84 8.02
CA ASP A 114 -0.35 8.84 8.02
C ASP A 114 0.11 10.07 7.23
N ARG A 115 1.38 10.42 7.41
CA ARG A 115 2.01 11.46 6.61
C ARG A 115 2.02 11.06 5.14
N GLY A 116 2.32 9.79 4.90
CA GLY A 116 2.35 9.25 3.56
C GLY A 116 1.00 9.36 2.87
N VAL A 117 -0.08 8.97 3.57
CA VAL A 117 -1.42 9.01 3.01
C VAL A 117 -1.89 10.45 2.83
N ARG A 118 -1.50 11.33 3.75
CA ARG A 118 -1.84 12.75 3.64
C ARG A 118 -1.20 13.31 2.36
N LYS A 119 0.08 13.02 2.20
CA LYS A 119 0.85 13.46 1.04
C LYS A 119 0.26 12.88 -0.24
N ALA A 120 -0.04 11.58 -0.19
CA ALA A 120 -0.61 10.88 -1.34
C ALA A 120 -1.96 11.47 -1.73
N ILE A 121 -2.85 11.58 -0.75
CA ILE A 121 -4.20 12.09 -0.99
C ILE A 121 -4.16 13.49 -1.60
N GLU A 122 -3.25 14.34 -1.11
CA GLU A 122 -3.11 15.68 -1.65
C GLU A 122 -2.66 15.62 -3.12
N ASP A 123 -1.51 14.99 -3.35
CA ASP A 123 -0.95 14.84 -4.69
C ASP A 123 -1.89 14.09 -5.61
N LEU A 124 -2.78 13.30 -5.03
CA LEU A 124 -3.76 12.52 -5.79
C LEU A 124 -4.99 13.37 -6.12
N ILE A 125 -5.42 14.18 -5.16
CA ILE A 125 -6.63 14.98 -5.33
C ILE A 125 -6.39 16.11 -6.31
N GLU A 126 -5.13 16.54 -6.44
CA GLU A 126 -4.76 17.56 -7.42
C GLU A 126 -5.19 17.11 -8.83
N GLY A 1 25.44 -14.11 -4.96
CA GLY A 1 24.16 -13.52 -4.49
C GLY A 1 23.03 -13.79 -5.46
N SER A 2 21.80 -13.60 -5.00
CA SER A 2 20.61 -13.83 -5.83
C SER A 2 20.52 -12.77 -6.93
N MET A 3 20.40 -13.23 -8.17
CA MET A 3 20.26 -12.34 -9.32
C MET A 3 18.88 -11.68 -9.32
N THR A 4 18.86 -10.36 -9.10
CA THR A 4 17.63 -9.58 -9.10
C THR A 4 16.76 -9.91 -7.89
N GLU A 5 16.95 -9.15 -6.81
CA GLU A 5 16.11 -9.23 -5.62
C GLU A 5 15.08 -8.10 -5.66
N GLU A 6 15.59 -6.88 -5.84
CA GLU A 6 14.77 -5.70 -6.01
C GLU A 6 14.42 -5.55 -7.49
N THR A 7 14.00 -4.35 -7.90
CA THR A 7 13.70 -4.04 -9.30
C THR A 7 12.39 -4.71 -9.74
N HIS A 8 11.28 -4.12 -9.31
CA HIS A 8 9.95 -4.54 -9.75
C HIS A 8 9.56 -3.74 -11.01
N PRO A 9 8.44 -4.12 -11.70
CA PRO A 9 7.96 -3.42 -12.91
C PRO A 9 8.15 -1.91 -12.84
N ASP A 10 7.74 -1.32 -11.72
CA ASP A 10 7.99 0.10 -11.44
C ASP A 10 8.71 0.22 -10.10
N ASP A 11 10.03 0.18 -10.15
CA ASP A 11 10.86 0.19 -8.94
C ASP A 11 11.53 1.55 -8.78
N ASP A 12 11.50 2.34 -9.84
CA ASP A 12 12.20 3.62 -9.88
C ASP A 12 11.47 4.68 -9.07
N SER A 13 10.18 4.45 -8.83
CA SER A 13 9.39 5.38 -8.04
C SER A 13 9.35 4.96 -6.56
N TYR A 14 8.36 4.14 -6.20
CA TYR A 14 8.14 3.74 -4.80
C TYR A 14 8.29 4.91 -3.84
N ILE A 15 7.18 5.59 -3.55
CA ILE A 15 7.17 6.74 -2.65
C ILE A 15 7.64 6.30 -1.26
N VAL A 16 7.01 5.24 -0.76
CA VAL A 16 7.35 4.68 0.55
C VAL A 16 7.29 3.16 0.48
N ARG A 17 8.43 2.51 0.75
CA ARG A 17 8.49 1.06 0.87
C ARG A 17 9.16 0.67 2.19
N VAL A 18 8.35 0.60 3.23
CA VAL A 18 8.84 0.29 4.59
C VAL A 18 8.22 -1.01 5.10
N LYS A 19 8.68 -1.47 6.25
CA LYS A 19 8.17 -2.71 6.84
C LYS A 19 7.02 -2.41 7.80
N ALA A 20 5.96 -3.21 7.68
CA ALA A 20 4.78 -3.11 8.53
C ALA A 20 4.01 -4.44 8.47
N VAL A 21 2.76 -4.44 8.90
CA VAL A 21 1.92 -5.64 8.83
C VAL A 21 0.66 -5.36 8.02
N VAL A 22 0.57 -5.91 6.82
CA VAL A 22 -0.59 -5.68 5.95
C VAL A 22 -1.74 -6.62 6.30
N MET A 23 -2.94 -6.05 6.40
CA MET A 23 -4.14 -6.80 6.79
C MET A 23 -5.16 -6.79 5.66
N THR A 24 -6.00 -7.82 5.60
CA THR A 24 -7.06 -7.86 4.60
C THR A 24 -8.40 -8.26 5.24
N ARG A 25 -9.46 -7.61 4.80
CA ARG A 25 -10.81 -7.95 5.22
C ARG A 25 -11.38 -9.00 4.28
N ASP A 26 -10.96 -10.25 4.47
CA ASP A 26 -11.43 -11.36 3.63
C ASP A 26 -12.96 -11.43 3.69
N ASP A 27 -13.60 -10.79 2.72
CA ASP A 27 -15.05 -10.63 2.67
C ASP A 27 -15.52 -9.80 3.86
N SER A 28 -15.51 -10.41 5.04
CA SER A 28 -15.84 -9.72 6.28
C SER A 28 -15.45 -10.60 7.47
N SER A 29 -15.78 -11.89 7.38
CA SER A 29 -15.50 -12.85 8.44
C SER A 29 -13.99 -12.99 8.68
N GLY A 30 -13.19 -12.44 7.78
CA GLY A 30 -11.74 -12.43 7.97
C GLY A 30 -11.32 -11.64 9.20
N GLY A 31 -12.15 -10.67 9.59
CA GLY A 31 -11.90 -9.88 10.79
C GLY A 31 -10.56 -9.17 10.79
N TRP A 32 -10.07 -8.85 9.58
CA TRP A 32 -8.75 -8.21 9.39
C TRP A 32 -7.64 -9.12 9.88
N PHE A 33 -7.03 -9.86 8.96
CA PHE A 33 -5.95 -10.77 9.28
C PHE A 33 -4.79 -10.56 8.31
N PRO A 34 -3.54 -10.83 8.76
CA PRO A 34 -2.35 -10.69 7.92
C PRO A 34 -2.17 -11.89 6.98
N GLN A 35 -2.39 -11.65 5.68
CA GLN A 35 -2.19 -12.69 4.69
C GLN A 35 -0.69 -12.88 4.43
N GLU A 36 -0.21 -14.12 4.56
CA GLU A 36 1.20 -14.46 4.37
C GLU A 36 2.08 -13.81 5.44
N GLY A 37 2.31 -12.51 5.30
CA GLY A 37 3.17 -11.79 6.21
C GLY A 37 2.51 -11.49 7.55
N GLY A 38 2.39 -12.53 8.38
CA GLY A 38 1.82 -12.37 9.70
C GLY A 38 2.80 -11.71 10.66
N GLY A 39 3.12 -10.46 10.40
CA GLY A 39 4.05 -9.72 11.25
C GLY A 39 5.15 -9.06 10.44
N ILE A 40 5.53 -9.69 9.34
CA ILE A 40 6.57 -9.16 8.47
C ILE A 40 6.03 -8.92 7.06
N SER A 41 5.72 -7.67 6.76
CA SER A 41 5.27 -7.28 5.43
C SER A 41 6.03 -6.04 4.98
N ARG A 42 6.20 -5.88 3.68
CA ARG A 42 6.82 -4.68 3.13
C ARG A 42 5.78 -3.91 2.31
N VAL A 43 5.45 -2.72 2.75
CA VAL A 43 4.44 -1.89 2.09
C VAL A 43 5.10 -0.92 1.11
N GLY A 44 5.02 -1.24 -0.17
CA GLY A 44 5.62 -0.39 -1.19
C GLY A 44 4.57 0.38 -1.97
N VAL A 45 4.23 1.56 -1.50
CA VAL A 45 3.28 2.42 -2.21
C VAL A 45 4.01 3.26 -3.26
N CYS A 46 3.60 3.09 -4.51
CA CYS A 46 4.22 3.78 -5.63
C CYS A 46 3.21 4.70 -6.32
N LYS A 47 3.73 5.62 -7.15
CA LYS A 47 2.91 6.57 -7.89
C LYS A 47 3.11 6.35 -9.39
N VAL A 48 2.04 5.96 -10.08
CA VAL A 48 2.13 5.63 -11.49
C VAL A 48 1.42 6.67 -12.35
N MET A 49 1.89 6.83 -13.58
CA MET A 49 1.30 7.76 -14.53
C MET A 49 0.27 7.04 -15.41
N HIS A 50 -0.22 7.73 -16.44
CA HIS A 50 -1.25 7.20 -17.34
C HIS A 50 -0.93 7.53 -18.79
N PRO A 51 -1.47 6.75 -19.75
CA PRO A 51 -1.37 7.05 -21.19
C PRO A 51 -2.10 8.36 -21.54
N GLU A 52 -2.56 8.49 -22.78
CA GLU A 52 -3.30 9.67 -23.20
C GLU A 52 -4.51 9.92 -22.29
N GLY A 53 -4.52 11.05 -21.61
CA GLY A 53 -5.59 11.36 -20.68
C GLY A 53 -5.53 12.79 -20.20
N ASN A 54 -6.47 13.17 -19.35
CA ASN A 54 -6.56 14.54 -18.85
C ASN A 54 -5.63 14.74 -17.65
N GLY A 55 -5.57 13.74 -16.78
CA GLY A 55 -4.75 13.84 -15.59
C GLY A 55 -5.07 12.74 -14.59
N ARG A 56 -5.06 13.10 -13.31
CA ARG A 56 -5.30 12.15 -12.22
C ARG A 56 -4.14 11.17 -12.07
N SER A 57 -3.27 11.42 -11.11
CA SER A 57 -2.11 10.57 -10.87
C SER A 57 -2.54 9.28 -10.16
N GLY A 58 -2.20 8.15 -10.75
CA GLY A 58 -2.56 6.86 -10.16
C GLY A 58 -1.53 6.40 -9.15
N PHE A 59 -1.93 5.47 -8.29
CA PHE A 59 -1.03 4.92 -7.28
C PHE A 59 -1.15 3.39 -7.27
N LEU A 60 -0.11 2.74 -6.76
CA LEU A 60 -0.10 1.28 -6.70
C LEU A 60 0.34 0.85 -5.30
N ILE A 61 -0.58 0.22 -4.58
CA ILE A 61 -0.27 -0.35 -3.27
C ILE A 61 0.36 -1.72 -3.47
N HIS A 62 1.69 -1.76 -3.43
CA HIS A 62 2.44 -2.96 -3.77
C HIS A 62 3.12 -3.54 -2.52
N GLY A 63 2.42 -4.45 -1.85
CA GLY A 63 2.95 -5.13 -0.68
C GLY A 63 3.70 -6.40 -1.05
N GLU A 64 5.01 -6.41 -0.82
CA GLU A 64 5.86 -7.52 -1.23
C GLU A 64 6.96 -7.79 -0.21
N ARG A 65 8.01 -8.50 -0.65
CA ARG A 65 9.24 -8.69 0.14
C ARG A 65 9.00 -9.47 1.43
N GLN A 66 8.05 -10.40 1.40
CA GLN A 66 7.80 -11.26 2.58
C GLN A 66 8.93 -12.28 2.74
N LYS A 67 9.02 -13.22 1.79
CA LYS A 67 10.07 -14.24 1.80
C LYS A 67 10.70 -14.34 0.43
N ASP A 68 12.04 -14.30 0.38
CA ASP A 68 12.79 -14.28 -0.88
C ASP A 68 12.38 -13.05 -1.70
N LYS A 69 11.25 -13.16 -2.39
CA LYS A 69 10.59 -12.02 -3.03
C LYS A 69 9.30 -12.48 -3.71
N LEU A 70 8.21 -11.78 -3.41
CA LEU A 70 6.91 -12.06 -4.00
C LEU A 70 5.92 -10.99 -3.53
N VAL A 71 4.85 -10.80 -4.28
CA VAL A 71 3.83 -9.81 -3.95
C VAL A 71 2.69 -10.45 -3.18
N VAL A 72 2.47 -10.02 -1.94
CA VAL A 72 1.42 -10.58 -1.10
C VAL A 72 0.13 -9.78 -1.24
N LEU A 73 0.26 -8.51 -1.61
CA LEU A 73 -0.88 -7.62 -1.70
C LEU A 73 -0.67 -6.63 -2.86
N GLU A 74 -1.44 -6.81 -3.92
CA GLU A 74 -1.37 -5.92 -5.08
C GLU A 74 -2.69 -5.19 -5.27
N CYS A 75 -2.66 -3.87 -5.14
CA CYS A 75 -3.86 -3.05 -5.30
C CYS A 75 -3.54 -1.79 -6.12
N TYR A 76 -3.72 -1.91 -7.43
CA TYR A 76 -3.57 -0.77 -8.32
C TYR A 76 -4.77 0.17 -8.12
N VAL A 77 -4.52 1.30 -7.45
CA VAL A 77 -5.58 2.22 -7.08
C VAL A 77 -5.57 3.43 -8.00
N ARG A 78 -6.43 3.39 -9.02
CA ARG A 78 -6.48 4.44 -10.02
C ARG A 78 -7.35 5.60 -9.52
N LYS A 79 -6.75 6.45 -8.68
CA LYS A 79 -7.41 7.64 -8.13
C LYS A 79 -8.40 7.26 -7.02
N ASP A 80 -9.09 6.14 -7.20
CA ASP A 80 -10.08 5.68 -6.23
C ASP A 80 -9.40 5.23 -4.93
N LEU A 81 -9.56 6.01 -3.88
CA LEU A 81 -8.98 5.71 -2.57
C LEU A 81 -9.81 6.31 -1.45
N VAL A 82 -9.58 5.82 -0.24
CA VAL A 82 -10.24 6.34 0.96
C VAL A 82 -9.21 6.59 2.05
N TYR A 83 -8.60 5.50 2.53
CA TYR A 83 -7.63 5.54 3.63
C TYR A 83 -8.24 6.18 4.89
N THR A 84 -8.58 5.34 5.85
CA THR A 84 -9.15 5.77 7.11
C THR A 84 -8.46 5.06 8.27
N LYS A 85 -7.70 5.79 9.07
CA LYS A 85 -7.05 5.20 10.24
C LYS A 85 -8.05 5.12 11.40
N ALA A 86 -8.75 3.99 11.48
CA ALA A 86 -9.75 3.77 12.51
C ALA A 86 -9.08 3.71 13.88
N ASN A 87 -7.86 3.20 13.88
CA ASN A 87 -7.03 3.15 15.08
C ASN A 87 -5.68 3.75 14.75
N PRO A 88 -4.94 4.28 15.74
CA PRO A 88 -3.61 4.86 15.53
C PRO A 88 -2.72 4.03 14.60
N THR A 89 -2.72 2.71 14.81
CA THR A 89 -1.87 1.80 14.04
C THR A 89 -2.70 0.94 13.08
N PHE A 90 -3.94 1.34 12.80
CA PHE A 90 -4.81 0.57 11.91
C PHE A 90 -5.45 1.49 10.86
N HIS A 91 -4.94 1.41 9.64
CA HIS A 91 -5.41 2.23 8.52
C HIS A 91 -6.04 1.30 7.47
N HIS A 92 -7.30 1.56 7.10
CA HIS A 92 -8.01 0.69 6.15
C HIS A 92 -8.58 1.48 4.98
N TRP A 93 -8.87 0.77 3.88
CA TRP A 93 -9.42 1.38 2.67
C TRP A 93 -10.17 0.32 1.85
N LYS A 94 -11.22 0.75 1.16
CA LYS A 94 -12.01 -0.14 0.30
C LYS A 94 -11.82 0.27 -1.17
N VAL A 95 -11.45 -0.69 -2.01
CA VAL A 95 -11.23 -0.45 -3.43
C VAL A 95 -11.62 -1.68 -4.25
N ASP A 96 -12.13 -1.44 -5.47
CA ASP A 96 -12.54 -2.50 -6.40
C ASP A 96 -13.70 -3.32 -5.85
N ASN A 97 -13.43 -4.18 -4.87
CA ASN A 97 -14.47 -5.02 -4.27
C ASN A 97 -14.18 -5.23 -2.78
N ARG A 98 -13.01 -5.77 -2.47
CA ARG A 98 -12.64 -6.05 -1.08
C ARG A 98 -12.18 -4.78 -0.36
N LYS A 99 -11.89 -4.92 0.93
CA LYS A 99 -11.47 -3.81 1.76
C LYS A 99 -10.19 -4.20 2.49
N PHE A 100 -9.09 -3.52 2.19
CA PHE A 100 -7.79 -3.89 2.74
C PHE A 100 -7.42 -2.97 3.89
N GLY A 101 -6.37 -3.34 4.62
CA GLY A 101 -5.96 -2.57 5.78
C GLY A 101 -4.47 -2.69 6.03
N LEU A 102 -3.97 -1.88 6.95
CA LEU A 102 -2.55 -1.85 7.28
C LEU A 102 -2.38 -1.61 8.77
N THR A 103 -1.59 -2.47 9.41
CA THR A 103 -1.26 -2.32 10.82
C THR A 103 0.22 -1.95 10.97
N PHE A 104 0.46 -0.83 11.63
CA PHE A 104 1.81 -0.34 11.87
C PHE A 104 2.34 -0.92 13.18
N GLN A 105 3.65 -0.87 13.37
CA GLN A 105 4.27 -1.46 14.56
C GLN A 105 4.89 -0.39 15.46
N SER A 106 5.67 0.51 14.86
CA SER A 106 6.35 1.55 15.62
C SER A 106 5.86 2.93 15.19
N PRO A 107 5.74 3.89 16.14
CA PRO A 107 5.32 5.27 15.83
C PRO A 107 6.08 5.85 14.63
N ALA A 108 7.32 5.39 14.46
CA ALA A 108 8.15 5.80 13.33
C ALA A 108 7.46 5.46 12.00
N ASP A 109 7.39 4.17 11.68
CA ASP A 109 6.78 3.72 10.41
C ASP A 109 5.32 4.14 10.33
N ALA A 110 4.64 4.10 11.47
CA ALA A 110 3.23 4.50 11.54
C ALA A 110 3.03 5.90 11.00
N ARG A 111 3.54 6.89 11.72
CA ARG A 111 3.30 8.29 11.39
C ARG A 111 4.05 8.70 10.12
N ALA A 112 5.10 7.98 9.79
CA ALA A 112 5.82 8.21 8.54
C ALA A 112 4.93 7.87 7.36
N PHE A 113 4.30 6.69 7.43
CA PHE A 113 3.42 6.23 6.36
C PHE A 113 2.15 7.07 6.34
N ASP A 114 1.54 7.28 7.51
CA ASP A 114 0.34 8.09 7.62
C ASP A 114 0.53 9.45 6.95
N ARG A 115 1.53 10.21 7.43
CA ARG A 115 1.80 11.54 6.88
C ARG A 115 2.15 11.46 5.39
N GLY A 116 2.89 10.42 5.02
CA GLY A 116 3.26 10.23 3.62
C GLY A 116 2.07 10.03 2.72
N VAL A 117 1.25 9.03 3.02
CA VAL A 117 0.09 8.71 2.22
C VAL A 117 -0.92 9.86 2.26
N ARG A 118 -0.95 10.57 3.38
CA ARG A 118 -1.83 11.73 3.51
C ARG A 118 -1.47 12.81 2.51
N LYS A 119 -0.19 13.19 2.45
CA LYS A 119 0.24 14.20 1.49
C LYS A 119 -0.02 13.68 0.06
N ALA A 120 0.13 12.37 -0.12
CA ALA A 120 -0.20 11.73 -1.39
C ALA A 120 -1.68 11.90 -1.72
N ILE A 121 -2.52 11.84 -0.69
CA ILE A 121 -3.96 12.07 -0.86
C ILE A 121 -4.20 13.50 -1.33
N GLU A 122 -3.51 14.46 -0.69
CA GLU A 122 -3.60 15.87 -1.10
C GLU A 122 -3.18 16.03 -2.56
N ASP A 123 -2.14 15.30 -2.96
CA ASP A 123 -1.68 15.30 -4.36
C ASP A 123 -2.74 14.69 -5.26
N LEU A 124 -3.42 13.67 -4.75
CA LEU A 124 -4.41 12.92 -5.52
C LEU A 124 -5.67 13.76 -5.76
N ILE A 125 -6.29 14.22 -4.67
CA ILE A 125 -7.54 14.98 -4.76
C ILE A 125 -7.27 16.41 -5.23
N GLU A 126 -6.08 16.92 -4.91
CA GLU A 126 -5.65 18.24 -5.36
C GLU A 126 -6.61 19.34 -4.87
N GLY A 1 -6.32 -1.45 -12.37
CA GLY A 1 -5.12 -1.50 -13.24
C GLY A 1 -3.97 -2.25 -12.59
N SER A 2 -4.05 -3.57 -12.59
CA SER A 2 -2.98 -4.40 -12.05
C SER A 2 -1.72 -4.25 -12.91
N MET A 3 -0.67 -3.67 -12.34
CA MET A 3 0.53 -3.35 -13.10
C MET A 3 1.78 -3.51 -12.25
N THR A 4 2.74 -4.26 -12.78
CA THR A 4 4.04 -4.45 -12.15
C THR A 4 5.00 -5.07 -13.18
N GLU A 5 6.24 -4.59 -13.23
CA GLU A 5 7.18 -5.04 -14.26
C GLU A 5 8.62 -4.79 -13.82
N GLU A 6 9.12 -3.58 -14.06
CA GLU A 6 10.49 -3.22 -13.69
C GLU A 6 10.52 -2.63 -12.28
N THR A 7 9.63 -1.66 -12.06
CA THR A 7 9.49 -1.02 -10.76
C THR A 7 9.04 -2.04 -9.70
N HIS A 8 9.32 -1.70 -8.43
CA HIS A 8 8.92 -2.48 -7.24
C HIS A 8 10.08 -3.30 -6.63
N PRO A 9 10.60 -4.39 -7.30
CA PRO A 9 11.67 -5.22 -6.72
C PRO A 9 12.83 -4.39 -6.17
N ASP A 10 13.23 -3.40 -6.95
CA ASP A 10 14.22 -2.41 -6.50
C ASP A 10 13.50 -1.32 -5.70
N ASP A 11 12.98 -0.33 -6.40
CA ASP A 11 12.05 0.66 -5.83
C ASP A 11 11.56 1.58 -6.94
N ASP A 12 12.51 2.13 -7.71
CA ASP A 12 12.21 2.92 -8.91
C ASP A 12 11.48 4.23 -8.60
N SER A 13 10.21 4.14 -8.21
CA SER A 13 9.38 5.33 -7.98
C SER A 13 8.66 5.28 -6.63
N TYR A 14 9.22 4.57 -5.66
CA TYR A 14 8.64 4.53 -4.32
C TYR A 14 8.88 5.84 -3.58
N ILE A 15 7.79 6.47 -3.14
CA ILE A 15 7.88 7.66 -2.31
C ILE A 15 8.04 7.25 -0.85
N VAL A 16 7.52 6.07 -0.52
CA VAL A 16 7.66 5.49 0.81
C VAL A 16 7.45 3.98 0.75
N ARG A 17 8.18 3.23 1.58
CA ARG A 17 7.99 1.78 1.67
C ARG A 17 8.56 1.26 2.99
N VAL A 18 7.67 0.85 3.88
CA VAL A 18 8.04 0.33 5.19
C VAL A 18 7.71 -1.16 5.29
N LYS A 19 7.81 -1.72 6.49
CA LYS A 19 7.48 -3.11 6.71
C LYS A 19 6.46 -3.25 7.86
N ALA A 20 5.27 -3.71 7.49
CA ALA A 20 4.16 -3.85 8.45
C ALA A 20 3.34 -5.08 8.12
N VAL A 21 2.32 -5.36 8.93
CA VAL A 21 1.45 -6.51 8.71
C VAL A 21 0.37 -6.19 7.69
N VAL A 22 0.14 -7.11 6.76
CA VAL A 22 -0.92 -6.95 5.76
C VAL A 22 -2.20 -7.66 6.21
N MET A 23 -3.09 -6.89 6.83
CA MET A 23 -4.35 -7.42 7.34
C MET A 23 -5.42 -7.41 6.27
N THR A 24 -6.45 -8.22 6.46
CA THR A 24 -7.60 -8.23 5.58
C THR A 24 -8.80 -8.85 6.29
N ARG A 25 -9.99 -8.42 5.92
CA ARG A 25 -11.21 -9.05 6.39
C ARG A 25 -11.89 -9.68 5.18
N ASP A 26 -11.53 -10.94 4.92
CA ASP A 26 -11.88 -11.65 3.69
C ASP A 26 -13.34 -11.42 3.29
N ASP A 27 -13.53 -10.46 2.37
CA ASP A 27 -14.85 -10.07 1.85
C ASP A 27 -15.77 -9.62 2.98
N SER A 28 -16.32 -10.59 3.70
CA SER A 28 -17.16 -10.34 4.86
C SER A 28 -16.88 -11.38 5.93
N SER A 29 -16.17 -10.98 6.99
CA SER A 29 -15.75 -11.89 8.04
C SER A 29 -15.84 -11.21 9.40
N GLY A 30 -15.67 -11.97 10.47
CA GLY A 30 -15.81 -11.44 11.81
C GLY A 30 -14.47 -11.13 12.46
N GLY A 31 -13.53 -10.60 11.68
CA GLY A 31 -12.23 -10.23 12.22
C GLY A 31 -11.24 -9.84 11.14
N TRP A 32 -10.17 -9.17 11.54
CA TRP A 32 -9.09 -8.79 10.63
C TRP A 32 -7.89 -9.72 10.82
N PHE A 33 -7.59 -10.50 9.79
CA PHE A 33 -6.52 -11.49 9.86
C PHE A 33 -5.43 -11.18 8.84
N PRO A 34 -4.14 -11.46 9.19
CA PRO A 34 -3.03 -11.31 8.27
C PRO A 34 -3.04 -12.39 7.19
N GLN A 35 -2.75 -11.99 5.96
CA GLN A 35 -2.72 -12.92 4.83
C GLN A 35 -1.31 -13.53 4.70
N GLU A 36 -0.88 -13.83 3.47
CA GLU A 36 0.45 -14.41 3.22
C GLU A 36 1.55 -13.67 3.99
N GLY A 37 1.47 -12.34 4.00
CA GLY A 37 2.47 -11.54 4.69
C GLY A 37 2.22 -11.45 6.18
N GLY A 38 2.39 -12.57 6.87
CA GLY A 38 2.17 -12.62 8.31
C GLY A 38 3.33 -12.01 9.08
N GLY A 39 3.02 -11.14 10.03
CA GLY A 39 4.04 -10.55 10.88
C GLY A 39 4.70 -9.32 10.27
N ILE A 40 5.28 -9.50 9.08
CA ILE A 40 5.99 -8.42 8.38
C ILE A 40 5.74 -8.49 6.88
N SER A 41 5.57 -7.34 6.24
CA SER A 41 5.44 -7.24 4.79
C SER A 41 5.98 -5.88 4.33
N ARG A 42 6.80 -5.88 3.27
CA ARG A 42 7.39 -4.65 2.77
C ARG A 42 6.38 -3.92 1.88
N VAL A 43 5.60 -3.04 2.49
CA VAL A 43 4.53 -2.34 1.78
C VAL A 43 4.85 -0.85 1.68
N GLY A 44 4.48 -0.25 0.55
CA GLY A 44 4.74 1.15 0.34
C GLY A 44 3.88 1.75 -0.75
N VAL A 45 4.11 3.03 -1.03
CA VAL A 45 3.37 3.75 -2.05
C VAL A 45 4.31 4.23 -3.16
N CYS A 46 3.94 3.95 -4.39
CA CYS A 46 4.65 4.46 -5.56
C CYS A 46 3.70 5.31 -6.40
N LYS A 47 4.08 6.57 -6.63
CA LYS A 47 3.27 7.49 -7.41
C LYS A 47 3.45 7.21 -8.90
N VAL A 48 2.48 6.53 -9.48
CA VAL A 48 2.51 6.16 -10.89
C VAL A 48 2.18 7.38 -11.75
N MET A 49 3.19 7.87 -12.47
CA MET A 49 3.00 9.01 -13.37
C MET A 49 3.04 8.55 -14.83
N HIS A 50 2.11 9.06 -15.63
CA HIS A 50 2.04 8.74 -17.05
C HIS A 50 3.35 9.14 -17.76
N PRO A 51 3.97 8.20 -18.50
CA PRO A 51 5.18 8.48 -19.28
C PRO A 51 4.92 9.59 -20.30
N GLU A 52 3.92 9.38 -21.16
CA GLU A 52 3.42 10.43 -22.06
C GLU A 52 1.99 10.75 -21.66
N GLY A 53 1.13 9.75 -21.73
CA GLY A 53 -0.27 9.90 -21.37
C GLY A 53 -1.04 8.62 -21.63
N ASN A 54 -0.49 7.50 -21.19
CA ASN A 54 -1.06 6.18 -21.48
C ASN A 54 -2.43 5.98 -20.83
N GLY A 55 -2.58 6.42 -19.58
CA GLY A 55 -3.83 6.25 -18.88
C GLY A 55 -3.90 7.04 -17.59
N ARG A 56 -4.94 6.81 -16.81
CA ARG A 56 -5.16 7.51 -15.54
C ARG A 56 -4.06 7.18 -14.54
N SER A 57 -3.16 8.14 -14.34
CA SER A 57 -2.08 7.99 -13.36
C SER A 57 -2.64 8.00 -11.94
N GLY A 58 -1.94 7.33 -11.03
CA GLY A 58 -2.42 7.24 -9.66
C GLY A 58 -1.34 6.76 -8.71
N PHE A 59 -1.76 6.02 -7.68
CA PHE A 59 -0.84 5.55 -6.65
C PHE A 59 -1.03 4.05 -6.42
N LEU A 60 0.05 3.30 -6.53
CA LEU A 60 -0.02 1.85 -6.35
C LEU A 60 0.35 1.50 -4.91
N ILE A 61 -0.59 0.90 -4.19
CA ILE A 61 -0.32 0.38 -2.87
C ILE A 61 0.27 -1.01 -3.02
N HIS A 62 1.60 -1.08 -3.04
CA HIS A 62 2.29 -2.32 -3.34
C HIS A 62 2.95 -2.90 -2.10
N GLY A 63 2.74 -4.19 -1.89
CA GLY A 63 3.33 -4.90 -0.78
C GLY A 63 4.05 -6.15 -1.25
N GLU A 64 5.26 -6.34 -0.76
CA GLU A 64 6.13 -7.43 -1.25
C GLU A 64 7.01 -7.96 -0.13
N ARG A 65 7.81 -8.98 -0.48
CA ARG A 65 8.81 -9.56 0.42
C ARG A 65 8.16 -10.30 1.59
N GLN A 66 8.98 -11.04 2.34
CA GLN A 66 8.52 -11.92 3.41
C GLN A 66 7.68 -13.06 2.83
N LYS A 67 7.45 -14.09 3.65
CA LYS A 67 6.76 -15.31 3.21
C LYS A 67 7.67 -16.11 2.28
N ASP A 68 8.06 -15.49 1.16
CA ASP A 68 9.03 -16.06 0.24
C ASP A 68 9.54 -14.99 -0.72
N LYS A 69 8.78 -14.78 -1.81
CA LYS A 69 9.13 -13.80 -2.84
C LYS A 69 7.91 -13.57 -3.71
N LEU A 70 7.15 -12.52 -3.40
CA LEU A 70 5.87 -12.29 -4.08
C LEU A 70 5.30 -10.95 -3.67
N VAL A 71 4.15 -10.62 -4.23
CA VAL A 71 3.43 -9.40 -3.91
C VAL A 71 2.25 -9.70 -3.00
N VAL A 72 2.41 -9.38 -1.71
CA VAL A 72 1.36 -9.65 -0.73
C VAL A 72 0.15 -8.76 -0.97
N LEU A 73 0.41 -7.55 -1.49
CA LEU A 73 -0.64 -6.60 -1.81
C LEU A 73 -0.32 -5.88 -3.12
N GLU A 74 -0.83 -6.38 -4.23
CA GLU A 74 -0.75 -5.68 -5.50
C GLU A 74 -2.08 -4.97 -5.71
N CYS A 75 -2.14 -3.71 -5.32
CA CYS A 75 -3.40 -2.96 -5.32
C CYS A 75 -3.19 -1.53 -5.82
N TYR A 76 -3.31 -1.35 -7.13
CA TYR A 76 -3.18 -0.04 -7.75
C TYR A 76 -4.42 0.81 -7.47
N VAL A 77 -4.24 1.91 -6.75
CA VAL A 77 -5.32 2.80 -6.41
C VAL A 77 -5.62 3.71 -7.59
N ARG A 78 -6.73 3.42 -8.26
CA ARG A 78 -7.16 4.19 -9.41
C ARG A 78 -7.87 5.47 -8.96
N LYS A 79 -7.11 6.32 -8.25
CA LYS A 79 -7.63 7.56 -7.66
C LYS A 79 -8.49 7.28 -6.42
N ASP A 80 -8.11 7.90 -5.31
CA ASP A 80 -8.86 7.87 -4.04
C ASP A 80 -8.82 6.51 -3.36
N LEU A 81 -8.28 6.49 -2.14
CA LEU A 81 -8.39 5.35 -1.25
C LEU A 81 -8.54 5.87 0.18
N VAL A 82 -9.48 5.31 0.92
CA VAL A 82 -9.87 5.86 2.22
C VAL A 82 -8.74 5.78 3.24
N TYR A 83 -8.18 4.57 3.40
CA TYR A 83 -7.12 4.32 4.38
C TYR A 83 -7.60 4.68 5.78
N THR A 84 -8.75 4.14 6.14
CA THR A 84 -9.36 4.38 7.44
C THR A 84 -8.45 3.90 8.56
N LYS A 85 -7.95 4.83 9.35
CA LYS A 85 -7.14 4.51 10.52
C LYS A 85 -7.98 4.55 11.78
N ALA A 86 -8.35 3.37 12.27
CA ALA A 86 -9.07 3.24 13.53
C ALA A 86 -8.11 3.46 14.68
N ASN A 87 -6.90 2.95 14.49
CA ASN A 87 -5.79 3.15 15.41
C ASN A 87 -4.61 3.68 14.60
N PRO A 88 -3.71 4.47 15.23
CA PRO A 88 -2.52 4.99 14.53
C PRO A 88 -1.76 3.90 13.77
N THR A 89 -1.77 2.69 14.31
CA THR A 89 -1.07 1.56 13.72
C THR A 89 -2.01 0.67 12.88
N PHE A 90 -3.33 0.84 13.05
CA PHE A 90 -4.31 -0.01 12.36
C PHE A 90 -5.01 0.78 11.25
N HIS A 91 -4.60 0.53 10.02
CA HIS A 91 -5.19 1.14 8.84
C HIS A 91 -5.90 0.08 8.00
N HIS A 92 -6.99 0.47 7.34
CA HIS A 92 -7.70 -0.40 6.41
C HIS A 92 -8.43 0.43 5.38
N TRP A 93 -8.65 -0.14 4.19
CA TRP A 93 -9.39 0.57 3.14
C TRP A 93 -10.38 -0.34 2.44
N LYS A 94 -11.51 0.23 2.06
CA LYS A 94 -12.55 -0.46 1.32
C LYS A 94 -12.47 -0.07 -0.15
N VAL A 95 -12.24 -1.05 -1.02
CA VAL A 95 -12.29 -0.85 -2.46
C VAL A 95 -13.26 -1.84 -3.09
N ASP A 96 -14.21 -1.31 -3.86
CA ASP A 96 -15.29 -2.10 -4.46
C ASP A 96 -16.09 -2.83 -3.38
N ASN A 97 -15.57 -3.93 -2.87
CA ASN A 97 -16.29 -4.72 -1.86
C ASN A 97 -15.34 -5.29 -0.79
N ARG A 98 -14.13 -5.66 -1.19
CA ARG A 98 -13.19 -6.32 -0.28
C ARG A 98 -12.42 -5.30 0.55
N LYS A 99 -12.08 -5.70 1.78
CA LYS A 99 -11.39 -4.82 2.72
C LYS A 99 -10.03 -5.40 3.12
N PHE A 100 -8.99 -4.61 2.93
CA PHE A 100 -7.64 -4.99 3.33
C PHE A 100 -6.89 -3.75 3.80
N GLY A 101 -5.95 -3.95 4.73
CA GLY A 101 -5.24 -2.83 5.30
C GLY A 101 -3.90 -3.23 5.90
N LEU A 102 -3.33 -2.34 6.70
CA LEU A 102 -2.00 -2.54 7.26
C LEU A 102 -2.01 -2.35 8.77
N THR A 103 -1.15 -3.10 9.46
CA THR A 103 -0.93 -2.94 10.89
C THR A 103 0.56 -2.68 11.13
N PHE A 104 0.89 -1.44 11.47
CA PHE A 104 2.28 -1.00 11.58
C PHE A 104 2.92 -1.46 12.88
N GLN A 105 4.24 -1.31 12.94
CA GLN A 105 5.02 -1.79 14.08
C GLN A 105 5.19 -0.69 15.13
N SER A 106 5.44 0.54 14.69
CA SER A 106 5.71 1.65 15.59
C SER A 106 4.99 2.91 15.13
N PRO A 107 4.73 3.86 16.05
CA PRO A 107 4.09 5.15 15.72
C PRO A 107 4.83 5.89 14.61
N ALA A 108 6.15 5.74 14.58
CA ALA A 108 6.99 6.37 13.56
C ALA A 108 6.54 6.00 12.15
N ASP A 109 6.69 4.72 11.81
CA ASP A 109 6.33 4.23 10.48
C ASP A 109 4.83 4.38 10.21
N ALA A 110 4.03 4.19 11.27
CA ALA A 110 2.58 4.36 11.18
C ALA A 110 2.21 5.78 10.73
N ARG A 111 2.60 6.76 11.53
CA ARG A 111 2.28 8.17 11.27
C ARG A 111 2.98 8.65 10.00
N ALA A 112 4.10 8.01 9.67
CA ALA A 112 4.84 8.34 8.45
C ALA A 112 4.05 7.92 7.21
N PHE A 113 3.46 6.73 7.25
CA PHE A 113 2.71 6.21 6.12
C PHE A 113 1.39 6.98 5.98
N ASP A 114 0.79 7.33 7.12
CA ASP A 114 -0.40 8.20 7.14
C ASP A 114 -0.08 9.50 6.42
N ARG A 115 1.02 10.11 6.85
CA ARG A 115 1.55 11.30 6.19
C ARG A 115 1.81 11.04 4.70
N GLY A 116 2.26 9.82 4.40
CA GLY A 116 2.53 9.44 3.03
C GLY A 116 1.29 9.47 2.17
N VAL A 117 0.22 8.80 2.62
CA VAL A 117 -1.03 8.78 1.87
C VAL A 117 -1.66 10.18 1.88
N ARG A 118 -1.37 10.95 2.93
CA ARG A 118 -1.84 12.32 3.04
C ARG A 118 -1.31 13.12 1.85
N LYS A 119 0.01 13.10 1.66
CA LYS A 119 0.65 13.81 0.55
C LYS A 119 0.24 13.18 -0.78
N ALA A 120 0.08 11.86 -0.78
CA ALA A 120 -0.33 11.14 -1.98
C ALA A 120 -1.66 11.69 -2.51
N ILE A 121 -2.67 11.65 -1.67
CA ILE A 121 -3.99 12.17 -2.03
C ILE A 121 -3.91 13.67 -2.28
N GLU A 122 -2.97 14.34 -1.60
CA GLU A 122 -2.75 15.76 -1.80
C GLU A 122 -2.26 16.02 -3.23
N ASP A 123 -1.28 15.23 -3.67
CA ASP A 123 -0.74 15.33 -5.03
C ASP A 123 -1.84 15.00 -6.04
N LEU A 124 -2.71 14.08 -5.66
CA LEU A 124 -3.85 13.67 -6.48
C LEU A 124 -4.83 14.84 -6.68
N ILE A 125 -5.43 15.31 -5.59
CA ILE A 125 -6.44 16.36 -5.65
C ILE A 125 -6.67 17.00 -4.27
N GLU A 126 -5.64 16.94 -3.42
CA GLU A 126 -5.71 17.47 -2.05
C GLU A 126 -6.73 16.69 -1.20
N GLY A 1 21.20 5.16 -13.36
CA GLY A 1 20.56 6.23 -14.16
C GLY A 1 19.41 5.72 -14.98
N SER A 2 19.71 4.93 -16.01
CA SER A 2 18.69 4.34 -16.86
C SER A 2 17.94 3.23 -16.12
N MET A 3 17.05 3.63 -15.22
CA MET A 3 16.33 2.67 -14.37
C MET A 3 14.82 2.89 -14.46
N THR A 4 14.36 3.47 -15.57
CA THR A 4 12.94 3.73 -15.77
C THR A 4 12.24 2.51 -16.40
N GLU A 5 12.90 1.35 -16.31
CA GLU A 5 12.35 0.08 -16.80
C GLU A 5 10.99 -0.19 -16.18
N GLU A 6 10.10 -0.84 -16.95
CA GLU A 6 8.82 -1.26 -16.40
C GLU A 6 9.08 -2.26 -15.28
N THR A 7 8.24 -2.25 -14.28
CA THR A 7 8.50 -2.97 -13.04
C THR A 7 7.21 -3.40 -12.34
N HIS A 8 7.36 -4.40 -11.47
CA HIS A 8 6.27 -4.93 -10.65
C HIS A 8 6.85 -6.00 -9.71
N PRO A 9 7.57 -7.02 -10.25
CA PRO A 9 8.36 -7.94 -9.41
C PRO A 9 9.60 -7.23 -8.85
N ASP A 10 10.26 -6.46 -9.72
CA ASP A 10 11.39 -5.62 -9.30
C ASP A 10 10.85 -4.28 -8.80
N ASP A 11 10.07 -4.36 -7.73
CA ASP A 11 9.35 -3.21 -7.20
C ASP A 11 10.25 -2.35 -6.30
N ASP A 12 11.26 -1.74 -6.93
CA ASP A 12 12.12 -0.76 -6.25
C ASP A 12 11.80 0.64 -6.76
N SER A 13 10.85 0.72 -7.68
CA SER A 13 10.35 1.99 -8.20
C SER A 13 9.48 2.70 -7.16
N TYR A 14 9.42 2.12 -5.97
CA TYR A 14 8.71 2.68 -4.83
C TYR A 14 9.16 4.12 -4.54
N ILE A 15 8.19 5.00 -4.30
CA ILE A 15 8.47 6.34 -3.82
C ILE A 15 8.44 6.35 -2.30
N VAL A 16 7.65 5.43 -1.75
CA VAL A 16 7.52 5.24 -0.31
C VAL A 16 7.53 3.75 0.01
N ARG A 17 8.23 3.34 1.05
CA ARG A 17 8.29 1.94 1.45
C ARG A 17 8.42 1.82 2.97
N VAL A 18 7.62 0.94 3.56
CA VAL A 18 7.60 0.74 5.01
C VAL A 18 7.64 -0.74 5.35
N LYS A 19 7.73 -1.04 6.64
CA LYS A 19 7.77 -2.40 7.15
C LYS A 19 6.75 -2.55 8.28
N ALA A 20 5.79 -3.46 8.11
CA ALA A 20 4.73 -3.63 9.09
C ALA A 20 3.90 -4.89 8.81
N VAL A 21 2.83 -5.08 9.56
CA VAL A 21 1.94 -6.22 9.40
C VAL A 21 0.80 -5.87 8.46
N VAL A 22 0.38 -6.81 7.62
CA VAL A 22 -0.71 -6.57 6.67
C VAL A 22 -1.90 -7.49 6.94
N MET A 23 -3.08 -6.89 6.94
CA MET A 23 -4.34 -7.59 7.15
C MET A 23 -5.21 -7.43 5.92
N THR A 24 -6.30 -8.19 5.85
CA THR A 24 -7.26 -8.04 4.76
C THR A 24 -8.64 -8.50 5.23
N ARG A 25 -9.68 -8.02 4.57
CA ARG A 25 -11.04 -8.41 4.91
C ARG A 25 -11.75 -8.87 3.65
N ASP A 26 -12.04 -10.16 3.58
CA ASP A 26 -12.74 -10.75 2.45
C ASP A 26 -14.13 -10.12 2.33
N ASP A 27 -14.23 -9.12 1.44
CA ASP A 27 -15.40 -8.22 1.31
C ASP A 27 -15.86 -7.70 2.68
N SER A 28 -16.53 -8.54 3.46
CA SER A 28 -17.01 -8.15 4.78
C SER A 28 -16.85 -9.31 5.76
N SER A 29 -16.70 -8.97 7.04
CA SER A 29 -16.51 -9.96 8.10
C SER A 29 -15.16 -10.68 7.96
N GLY A 30 -14.77 -11.41 8.99
CA GLY A 30 -13.49 -12.10 9.00
C GLY A 30 -12.58 -11.56 10.09
N GLY A 31 -13.01 -10.48 10.73
CA GLY A 31 -12.23 -9.84 11.79
C GLY A 31 -10.87 -9.38 11.31
N TRP A 32 -10.77 -9.07 10.02
CA TRP A 32 -9.51 -8.68 9.39
C TRP A 32 -8.44 -9.77 9.57
N PHE A 33 -8.28 -10.59 8.54
CA PHE A 33 -7.39 -11.73 8.60
C PHE A 33 -6.09 -11.45 7.85
N PRO A 34 -4.93 -11.86 8.42
CA PRO A 34 -3.65 -11.78 7.72
C PRO A 34 -3.50 -12.93 6.74
N GLN A 35 -3.42 -12.60 5.45
CA GLN A 35 -3.19 -13.60 4.41
C GLN A 35 -1.79 -14.21 4.54
N GLU A 36 -1.31 -14.84 3.47
CA GLU A 36 -0.02 -15.54 3.47
C GLU A 36 1.11 -14.70 4.09
N GLY A 37 1.10 -13.41 3.81
CA GLY A 37 2.08 -12.51 4.40
C GLY A 37 1.79 -12.27 5.87
N GLY A 38 1.47 -11.02 6.23
CA GLY A 38 1.07 -10.73 7.59
C GLY A 38 2.25 -10.53 8.51
N GLY A 39 2.99 -11.61 8.74
CA GLY A 39 4.15 -11.56 9.63
C GLY A 39 5.27 -10.71 9.07
N ILE A 40 5.14 -9.40 9.22
CA ILE A 40 6.15 -8.43 8.77
C ILE A 40 6.29 -8.46 7.25
N SER A 41 5.38 -7.76 6.57
CA SER A 41 5.40 -7.66 5.12
C SER A 41 6.02 -6.33 4.69
N ARG A 42 6.70 -6.32 3.55
CA ARG A 42 7.38 -5.14 3.05
C ARG A 42 6.50 -4.46 2.01
N VAL A 43 5.80 -3.40 2.44
CA VAL A 43 4.77 -2.75 1.62
C VAL A 43 5.11 -1.28 1.39
N GLY A 44 4.59 -0.71 0.31
CA GLY A 44 4.78 0.70 0.03
C GLY A 44 3.97 1.17 -1.16
N VAL A 45 4.33 2.33 -1.69
CA VAL A 45 3.61 2.94 -2.80
C VAL A 45 4.57 3.35 -3.92
N CYS A 46 4.15 3.12 -5.15
CA CYS A 46 4.88 3.57 -6.33
C CYS A 46 3.98 4.51 -7.14
N LYS A 47 4.51 5.66 -7.54
CA LYS A 47 3.71 6.68 -8.22
C LYS A 47 3.60 6.38 -9.71
N VAL A 48 2.37 6.17 -10.18
CA VAL A 48 2.12 5.87 -11.59
C VAL A 48 2.15 7.15 -12.42
N MET A 49 2.97 7.14 -13.47
CA MET A 49 3.15 8.32 -14.32
C MET A 49 2.06 8.41 -15.38
N HIS A 50 1.26 9.45 -15.29
CA HIS A 50 0.20 9.71 -16.28
C HIS A 50 0.66 10.81 -17.23
N PRO A 51 0.79 10.50 -18.54
CA PRO A 51 1.24 11.46 -19.54
C PRO A 51 0.26 12.62 -19.71
N GLU A 52 0.50 13.69 -18.95
CA GLU A 52 -0.32 14.91 -19.03
C GLU A 52 -1.77 14.65 -18.62
N GLY A 53 -2.60 15.68 -18.72
CA GLY A 53 -4.02 15.54 -18.40
C GLY A 53 -4.35 16.01 -17.00
N ASN A 54 -5.61 16.39 -16.80
CA ASN A 54 -6.05 16.89 -15.50
C ASN A 54 -6.42 15.72 -14.58
N GLY A 55 -6.22 14.50 -15.08
CA GLY A 55 -6.52 13.30 -14.31
C GLY A 55 -5.52 13.05 -13.20
N ARG A 56 -4.47 13.89 -13.14
CA ARG A 56 -3.48 13.83 -12.07
C ARG A 56 -2.64 12.54 -12.20
N SER A 57 -1.87 12.21 -11.17
CA SER A 57 -1.01 11.02 -11.19
C SER A 57 -1.61 9.91 -10.32
N GLY A 58 -1.37 8.66 -10.71
CA GLY A 58 -1.90 7.53 -9.96
C GLY A 58 -0.89 6.98 -8.98
N PHE A 59 -1.31 6.03 -8.15
CA PHE A 59 -0.44 5.43 -7.14
C PHE A 59 -0.69 3.92 -7.04
N LEU A 60 0.34 3.13 -7.35
CA LEU A 60 0.28 1.69 -7.19
C LEU A 60 0.68 1.30 -5.77
N ILE A 61 -0.31 0.99 -4.95
CA ILE A 61 -0.03 0.44 -3.63
C ILE A 61 0.36 -1.03 -3.79
N HIS A 62 1.58 -1.37 -3.43
CA HIS A 62 2.12 -2.69 -3.68
C HIS A 62 2.68 -3.28 -2.37
N GLY A 63 2.48 -4.58 -2.16
CA GLY A 63 2.86 -5.21 -0.92
C GLY A 63 3.55 -6.55 -1.09
N GLU A 64 4.83 -6.59 -0.71
CA GLU A 64 5.63 -7.82 -0.78
C GLU A 64 5.34 -8.72 0.42
N ARG A 65 5.35 -10.04 0.17
CA ARG A 65 4.97 -11.04 1.16
C ARG A 65 5.71 -10.86 2.49
N GLN A 66 7.05 -10.86 2.44
CA GLN A 66 7.85 -10.78 3.67
C GLN A 66 9.33 -10.59 3.29
N LYS A 67 9.95 -11.69 2.87
CA LYS A 67 11.34 -11.70 2.44
C LYS A 67 11.42 -12.10 0.97
N ASP A 68 10.67 -13.15 0.64
CA ASP A 68 10.53 -13.59 -0.74
C ASP A 68 9.70 -12.58 -1.53
N LYS A 69 10.20 -12.21 -2.71
CA LYS A 69 9.54 -11.22 -3.53
C LYS A 69 8.29 -11.81 -4.19
N LEU A 70 7.14 -11.57 -3.57
CA LEU A 70 5.86 -12.06 -4.08
C LEU A 70 4.76 -11.06 -3.77
N VAL A 71 3.90 -10.81 -4.75
CA VAL A 71 2.84 -9.82 -4.63
C VAL A 71 1.62 -10.41 -3.89
N VAL A 72 1.57 -10.17 -2.59
CA VAL A 72 0.45 -10.67 -1.78
C VAL A 72 -0.64 -9.62 -1.65
N LEU A 73 -0.26 -8.35 -1.55
CA LEU A 73 -1.21 -7.24 -1.50
C LEU A 73 -0.87 -6.23 -2.60
N GLU A 74 -1.90 -5.66 -3.20
CA GLU A 74 -1.72 -4.57 -4.15
C GLU A 74 -3.02 -3.78 -4.30
N CYS A 75 -2.91 -2.60 -4.90
CA CYS A 75 -4.03 -1.70 -5.06
C CYS A 75 -3.68 -0.63 -6.08
N TYR A 76 -4.21 -0.79 -7.30
CA TYR A 76 -3.95 0.15 -8.38
C TYR A 76 -4.87 1.37 -8.25
N VAL A 77 -4.34 2.46 -7.71
CA VAL A 77 -5.10 3.67 -7.52
C VAL A 77 -4.93 4.55 -8.75
N ARG A 78 -5.92 4.49 -9.65
CA ARG A 78 -5.86 5.26 -10.87
C ARG A 78 -6.15 6.73 -10.57
N LYS A 79 -7.17 6.94 -9.72
CA LYS A 79 -7.52 8.28 -9.22
C LYS A 79 -8.61 8.19 -8.15
N ASP A 80 -8.64 7.07 -7.42
CA ASP A 80 -9.61 6.87 -6.34
C ASP A 80 -8.96 6.10 -5.20
N LEU A 81 -9.10 6.62 -3.98
CA LEU A 81 -8.42 6.05 -2.82
C LEU A 81 -9.17 6.43 -1.54
N VAL A 82 -9.47 5.42 -0.71
CA VAL A 82 -10.21 5.62 0.54
C VAL A 82 -9.53 4.91 1.71
N TYR A 83 -8.78 5.65 2.53
CA TYR A 83 -8.22 5.09 3.77
C TYR A 83 -9.12 5.43 4.96
N THR A 84 -9.00 4.62 6.00
CA THR A 84 -9.71 4.80 7.26
C THR A 84 -8.94 4.07 8.35
N LYS A 85 -8.75 4.68 9.52
CA LYS A 85 -8.02 4.04 10.59
C LYS A 85 -8.80 4.08 11.90
N ALA A 86 -8.72 2.99 12.64
CA ALA A 86 -9.37 2.87 13.95
C ALA A 86 -8.34 3.11 15.05
N ASN A 87 -7.13 2.58 14.83
CA ASN A 87 -6.02 2.74 15.77
C ASN A 87 -4.82 3.29 15.01
N PRO A 88 -3.94 4.04 15.69
CA PRO A 88 -2.72 4.59 15.06
C PRO A 88 -1.98 3.54 14.23
N THR A 89 -1.99 2.31 14.72
CA THR A 89 -1.37 1.18 14.03
C THR A 89 -2.32 0.58 12.98
N PHE A 90 -3.59 0.45 13.34
CA PHE A 90 -4.58 -0.17 12.43
C PHE A 90 -5.14 0.88 11.47
N HIS A 91 -4.51 0.99 10.30
CA HIS A 91 -4.95 1.89 9.24
C HIS A 91 -5.21 1.07 7.99
N HIS A 92 -6.45 1.07 7.50
CA HIS A 92 -6.82 0.28 6.35
C HIS A 92 -7.32 1.16 5.22
N TRP A 93 -7.61 0.56 4.07
CA TRP A 93 -8.19 1.27 2.94
C TRP A 93 -9.12 0.36 2.18
N LYS A 94 -10.08 0.95 1.48
CA LYS A 94 -11.05 0.21 0.70
C LYS A 94 -10.98 0.58 -0.77
N VAL A 95 -10.73 -0.40 -1.60
CA VAL A 95 -11.04 -0.30 -3.02
C VAL A 95 -12.42 -0.87 -3.19
N ASP A 96 -13.23 -0.29 -4.07
CA ASP A 96 -14.61 -0.75 -4.26
C ASP A 96 -14.64 -2.21 -4.71
N ASN A 97 -14.42 -3.11 -3.74
CA ASN A 97 -14.33 -4.55 -3.97
C ASN A 97 -13.83 -5.24 -2.69
N ARG A 98 -12.72 -4.73 -2.15
CA ARG A 98 -12.06 -5.35 -0.99
C ARG A 98 -11.52 -4.28 -0.05
N LYS A 99 -11.37 -4.64 1.23
CA LYS A 99 -10.74 -3.78 2.23
C LYS A 99 -9.41 -4.39 2.68
N PHE A 100 -8.32 -3.69 2.41
CA PHE A 100 -6.98 -4.14 2.81
C PHE A 100 -6.53 -3.34 4.02
N GLY A 101 -5.97 -4.02 5.01
CA GLY A 101 -5.55 -3.36 6.23
C GLY A 101 -4.05 -3.34 6.41
N LEU A 102 -3.56 -2.27 7.03
CA LEU A 102 -2.13 -2.14 7.33
C LEU A 102 -1.98 -1.89 8.83
N THR A 103 -1.33 -2.81 9.52
CA THR A 103 -1.07 -2.69 10.95
C THR A 103 0.39 -2.34 11.19
N PHE A 104 0.64 -1.06 11.50
CA PHE A 104 1.99 -0.56 11.72
C PHE A 104 2.61 -1.19 12.96
N GLN A 105 3.94 -1.08 13.09
CA GLN A 105 4.65 -1.69 14.21
C GLN A 105 5.03 -0.67 15.26
N SER A 106 5.18 0.59 14.86
CA SER A 106 5.52 1.67 15.79
C SER A 106 4.88 2.99 15.35
N PRO A 107 4.56 3.88 16.32
CA PRO A 107 4.00 5.21 16.03
C PRO A 107 4.83 5.99 15.01
N ALA A 108 6.13 5.70 14.94
CA ALA A 108 7.01 6.36 13.98
C ALA A 108 6.58 6.08 12.54
N ASP A 109 6.61 4.80 12.15
CA ASP A 109 6.21 4.38 10.81
C ASP A 109 4.73 4.66 10.57
N ALA A 110 3.93 4.51 11.62
CA ALA A 110 2.51 4.80 11.55
C ALA A 110 2.27 6.25 11.13
N ARG A 111 2.77 7.17 11.95
CA ARG A 111 2.58 8.61 11.73
C ARG A 111 3.19 9.04 10.39
N ALA A 112 4.32 8.42 10.05
CA ALA A 112 5.00 8.72 8.80
C ALA A 112 4.12 8.35 7.60
N PHE A 113 3.50 7.17 7.68
CA PHE A 113 2.66 6.69 6.60
C PHE A 113 1.31 7.41 6.62
N ASP A 114 0.89 7.88 7.79
CA ASP A 114 -0.31 8.70 7.91
C ASP A 114 -0.15 9.96 7.05
N ARG A 115 0.92 10.70 7.32
CA ARG A 115 1.25 11.86 6.50
C ARG A 115 1.60 11.43 5.08
N GLY A 116 2.10 10.20 4.96
CA GLY A 116 2.40 9.63 3.66
C GLY A 116 1.17 9.56 2.77
N VAL A 117 0.16 8.84 3.24
CA VAL A 117 -1.08 8.69 2.48
C VAL A 117 -1.79 10.02 2.32
N ARG A 118 -1.69 10.87 3.35
CA ARG A 118 -2.29 12.20 3.31
C ARG A 118 -1.72 13.01 2.13
N LYS A 119 -0.39 13.13 2.08
CA LYS A 119 0.25 13.88 1.00
C LYS A 119 0.09 13.15 -0.33
N ALA A 120 -0.11 11.83 -0.26
CA ALA A 120 -0.41 11.05 -1.46
C ALA A 120 -1.77 11.42 -2.02
N ILE A 121 -2.75 11.57 -1.12
CA ILE A 121 -4.09 12.00 -1.51
C ILE A 121 -4.04 13.40 -2.11
N GLU A 122 -3.24 14.27 -1.50
CA GLU A 122 -3.01 15.61 -2.04
C GLU A 122 -2.43 15.51 -3.45
N ASP A 123 -1.47 14.62 -3.62
CA ASP A 123 -0.77 14.43 -4.90
C ASP A 123 -1.67 13.68 -5.90
N LEU A 124 -2.68 13.00 -5.37
CA LEU A 124 -3.60 12.21 -6.18
C LEU A 124 -4.79 13.05 -6.67
N ILE A 125 -5.29 13.92 -5.80
CA ILE A 125 -6.50 14.68 -6.08
C ILE A 125 -6.23 16.17 -6.27
N GLU A 126 -5.34 16.72 -5.46
CA GLU A 126 -5.06 18.16 -5.47
C GLU A 126 -3.92 18.47 -6.44
N GLY A 1 -11.24 -11.16 -13.16
CA GLY A 1 -9.94 -11.30 -12.47
C GLY A 1 -9.24 -9.96 -12.32
N SER A 2 -7.92 -10.01 -12.19
CA SER A 2 -7.10 -8.80 -12.05
C SER A 2 -5.79 -8.98 -12.82
N MET A 3 -5.05 -7.88 -12.95
CA MET A 3 -3.77 -7.88 -13.64
C MET A 3 -2.81 -6.91 -12.95
N THR A 4 -1.73 -7.44 -12.38
CA THR A 4 -0.77 -6.64 -11.65
C THR A 4 -0.02 -5.70 -12.60
N GLU A 5 0.10 -4.43 -12.20
CA GLU A 5 0.78 -3.42 -12.98
C GLU A 5 2.26 -3.81 -13.19
N GLU A 6 2.94 -3.11 -14.09
CA GLU A 6 4.35 -3.40 -14.38
C GLU A 6 5.24 -3.21 -13.15
N THR A 7 6.53 -3.50 -13.34
CA THR A 7 7.55 -3.36 -12.29
C THR A 7 7.26 -4.26 -11.07
N HIS A 8 8.06 -4.06 -10.01
CA HIS A 8 8.02 -4.83 -8.74
C HIS A 8 9.20 -5.82 -8.62
N PRO A 9 9.26 -6.92 -9.43
CA PRO A 9 10.34 -7.91 -9.29
C PRO A 9 11.71 -7.27 -9.53
N ASP A 10 11.74 -6.24 -10.36
CA ASP A 10 12.95 -5.48 -10.64
C ASP A 10 13.23 -4.50 -9.52
N ASP A 11 12.15 -4.00 -8.90
CA ASP A 11 12.22 -3.02 -7.81
C ASP A 11 13.05 -1.80 -8.21
N ASP A 12 12.39 -0.76 -8.70
CA ASP A 12 13.05 0.48 -9.10
C ASP A 12 12.21 1.69 -8.69
N SER A 13 11.05 1.83 -9.33
CA SER A 13 10.20 2.98 -9.11
C SER A 13 9.39 2.82 -7.82
N TYR A 14 9.96 3.31 -6.72
CA TYR A 14 9.30 3.32 -5.42
C TYR A 14 9.62 4.61 -4.68
N ILE A 15 8.72 5.04 -3.79
CA ILE A 15 8.95 6.25 -2.99
C ILE A 15 9.22 5.88 -1.54
N VAL A 16 8.24 5.27 -0.88
CA VAL A 16 8.37 4.89 0.53
C VAL A 16 8.33 3.37 0.67
N ARG A 17 9.46 2.80 1.08
CA ARG A 17 9.57 1.37 1.37
C ARG A 17 9.75 1.18 2.88
N VAL A 18 8.67 0.85 3.58
CA VAL A 18 8.71 0.64 5.02
C VAL A 18 8.08 -0.69 5.41
N LYS A 19 8.38 -1.15 6.61
CA LYS A 19 7.91 -2.45 7.09
C LYS A 19 6.65 -2.29 7.94
N ALA A 20 5.70 -3.18 7.73
CA ALA A 20 4.45 -3.20 8.50
C ALA A 20 3.81 -4.58 8.41
N VAL A 21 2.62 -4.72 8.99
CA VAL A 21 1.88 -5.98 8.93
C VAL A 21 0.68 -5.85 7.99
N VAL A 22 0.83 -6.36 6.77
CA VAL A 22 -0.26 -6.33 5.80
C VAL A 22 -1.42 -7.22 6.28
N MET A 23 -2.62 -6.66 6.31
CA MET A 23 -3.81 -7.34 6.83
C MET A 23 -4.92 -7.41 5.79
N THR A 24 -5.73 -8.46 5.86
CA THR A 24 -6.88 -8.62 5.00
C THR A 24 -8.15 -8.75 5.84
N ARG A 25 -9.30 -8.72 5.17
CA ARG A 25 -10.59 -8.80 5.84
C ARG A 25 -11.34 -10.03 5.35
N ASP A 26 -12.09 -10.67 6.24
CA ASP A 26 -12.88 -11.85 5.91
C ASP A 26 -14.19 -11.46 5.22
N ASP A 27 -14.28 -10.19 4.82
CA ASP A 27 -15.50 -9.60 4.27
C ASP A 27 -16.62 -9.59 5.31
N SER A 28 -17.58 -8.70 5.13
CA SER A 28 -18.64 -8.49 6.11
C SER A 28 -18.00 -8.14 7.47
N SER A 29 -18.18 -8.99 8.48
CA SER A 29 -17.56 -8.75 9.79
C SER A 29 -17.39 -10.06 10.56
N GLY A 30 -16.17 -10.59 10.55
CA GLY A 30 -15.82 -11.72 11.39
C GLY A 30 -14.53 -11.49 12.15
N GLY A 31 -13.61 -10.78 11.51
CA GLY A 31 -12.34 -10.42 12.14
C GLY A 31 -11.23 -10.21 11.12
N TRP A 32 -10.50 -9.11 11.25
CA TRP A 32 -9.36 -8.84 10.38
C TRP A 32 -8.24 -9.84 10.66
N PHE A 33 -7.60 -10.34 9.61
CA PHE A 33 -6.58 -11.37 9.76
C PHE A 33 -5.48 -11.20 8.71
N PRO A 34 -4.25 -11.66 9.02
CA PRO A 34 -3.14 -11.61 8.07
C PRO A 34 -3.17 -12.81 7.11
N GLN A 35 -3.33 -12.51 5.82
CA GLN A 35 -3.29 -13.52 4.76
C GLN A 35 -2.02 -14.37 4.85
N GLU A 36 -0.90 -13.72 5.16
CA GLU A 36 0.38 -14.42 5.31
C GLU A 36 1.36 -13.55 6.09
N GLY A 37 2.39 -14.17 6.65
CA GLY A 37 3.40 -13.44 7.39
C GLY A 37 2.92 -13.05 8.77
N GLY A 38 2.02 -12.06 8.82
CA GLY A 38 1.47 -11.61 10.09
C GLY A 38 2.49 -10.87 10.93
N GLY A 39 3.44 -10.23 10.28
CA GLY A 39 4.45 -9.48 11.00
C GLY A 39 5.40 -8.76 10.07
N ILE A 40 6.26 -9.53 9.39
CA ILE A 40 7.28 -8.96 8.52
C ILE A 40 6.75 -8.87 7.08
N SER A 41 6.39 -7.66 6.66
CA SER A 41 6.02 -7.39 5.28
C SER A 41 6.44 -5.98 4.88
N ARG A 42 7.19 -5.85 3.78
CA ARG A 42 7.62 -4.53 3.33
C ARG A 42 6.61 -3.95 2.35
N VAL A 43 6.00 -2.84 2.73
CA VAL A 43 5.03 -2.16 1.87
C VAL A 43 5.73 -1.06 1.09
N GLY A 44 5.53 -1.04 -0.21
CA GLY A 44 6.17 -0.07 -1.07
C GLY A 44 5.16 0.72 -1.87
N VAL A 45 4.98 1.98 -1.53
CA VAL A 45 4.10 2.87 -2.29
C VAL A 45 4.92 3.60 -3.35
N CYS A 46 4.40 3.59 -4.58
CA CYS A 46 5.08 4.23 -5.69
C CYS A 46 4.11 5.11 -6.49
N LYS A 47 4.51 6.35 -6.74
CA LYS A 47 3.73 7.26 -7.57
C LYS A 47 4.21 7.14 -9.01
N VAL A 48 3.64 6.19 -9.74
CA VAL A 48 4.01 5.95 -11.13
C VAL A 48 3.32 6.96 -12.04
N MET A 49 3.87 7.13 -13.24
CA MET A 49 3.32 8.06 -14.21
C MET A 49 3.63 7.56 -15.62
N HIS A 50 2.84 7.99 -16.58
CA HIS A 50 3.07 7.66 -17.98
C HIS A 50 4.08 8.64 -18.57
N PRO A 51 5.00 8.17 -19.42
CA PRO A 51 6.04 9.02 -20.04
C PRO A 51 5.46 9.93 -21.14
N GLU A 52 4.22 10.37 -20.95
CA GLU A 52 3.55 11.25 -21.90
C GLU A 52 3.40 12.65 -21.29
N GLY A 53 3.07 13.63 -22.12
CA GLY A 53 2.81 14.97 -21.61
C GLY A 53 1.58 14.98 -20.70
N ASN A 54 0.70 14.00 -20.92
CA ASN A 54 -0.49 13.82 -20.09
C ASN A 54 -0.10 13.57 -18.63
N GLY A 55 1.06 12.94 -18.43
CA GLY A 55 1.49 12.58 -17.10
C GLY A 55 0.69 11.41 -16.54
N ARG A 56 -0.51 11.70 -16.06
CA ARG A 56 -1.40 10.70 -15.48
C ARG A 56 -0.72 9.98 -14.31
N SER A 57 -0.90 10.53 -13.11
CA SER A 57 -0.31 9.98 -11.90
C SER A 57 -1.09 8.76 -11.40
N GLY A 58 -0.37 7.78 -10.86
CA GLY A 58 -0.98 6.60 -10.27
C GLY A 58 -0.18 6.12 -9.08
N PHE A 59 -0.88 5.78 -8.00
CA PHE A 59 -0.21 5.36 -6.76
C PHE A 59 -0.37 3.86 -6.56
N LEU A 60 0.63 3.08 -6.93
CA LEU A 60 0.58 1.63 -6.77
C LEU A 60 0.86 1.28 -5.31
N ILE A 61 -0.19 0.89 -4.59
CA ILE A 61 -0.03 0.40 -3.23
C ILE A 61 0.31 -1.09 -3.29
N HIS A 62 1.60 -1.39 -3.21
CA HIS A 62 2.05 -2.77 -3.34
C HIS A 62 2.77 -3.21 -2.08
N GLY A 63 2.71 -4.50 -1.78
CA GLY A 63 3.34 -5.04 -0.59
C GLY A 63 3.97 -6.39 -0.84
N GLU A 64 5.26 -6.50 -0.55
CA GLU A 64 6.00 -7.74 -0.68
C GLU A 64 6.12 -8.41 0.69
N ARG A 65 6.17 -9.74 0.70
CA ARG A 65 6.37 -10.49 1.93
C ARG A 65 7.69 -10.04 2.59
N GLN A 66 8.81 -10.46 1.99
CA GLN A 66 10.15 -10.05 2.42
C GLN A 66 11.20 -10.90 1.72
N LYS A 67 12.22 -10.24 1.17
CA LYS A 67 13.31 -10.89 0.44
C LYS A 67 12.81 -11.50 -0.87
N ASP A 68 11.98 -12.53 -0.77
CA ASP A 68 11.37 -13.16 -1.94
C ASP A 68 10.27 -12.27 -2.50
N LYS A 69 10.34 -12.00 -3.81
CA LYS A 69 9.36 -11.14 -4.48
C LYS A 69 7.99 -11.83 -4.49
N LEU A 70 7.30 -11.78 -3.37
CA LEU A 70 5.99 -12.41 -3.22
C LEU A 70 4.93 -11.33 -2.94
N VAL A 71 3.98 -11.21 -3.86
CA VAL A 71 2.91 -10.23 -3.73
C VAL A 71 1.91 -10.66 -2.65
N VAL A 72 2.03 -10.06 -1.48
CA VAL A 72 1.11 -10.34 -0.37
C VAL A 72 -0.01 -9.31 -0.32
N LEU A 73 0.19 -8.20 -1.03
CA LEU A 73 -0.81 -7.14 -1.11
C LEU A 73 -0.59 -6.32 -2.38
N GLU A 74 -1.64 -6.11 -3.15
CA GLU A 74 -1.58 -5.30 -4.36
C GLU A 74 -2.91 -4.56 -4.53
N CYS A 75 -2.82 -3.24 -4.69
CA CYS A 75 -4.00 -2.42 -4.92
C CYS A 75 -3.58 -1.08 -5.54
N TYR A 76 -3.56 -1.04 -6.86
CA TYR A 76 -3.19 0.16 -7.60
C TYR A 76 -4.24 1.26 -7.42
N VAL A 77 -3.84 2.38 -6.85
CA VAL A 77 -4.72 3.53 -6.68
C VAL A 77 -4.84 4.25 -8.02
N ARG A 78 -5.89 3.91 -8.75
CA ARG A 78 -6.17 4.53 -10.05
C ARG A 78 -6.83 5.90 -9.86
N LYS A 79 -6.40 6.63 -8.82
CA LYS A 79 -7.07 7.84 -8.37
C LYS A 79 -8.45 7.52 -7.78
N ASP A 80 -8.68 6.23 -7.53
CA ASP A 80 -9.93 5.76 -6.92
C ASP A 80 -9.63 4.75 -5.82
N LEU A 81 -9.61 5.24 -4.59
CA LEU A 81 -9.35 4.41 -3.41
C LEU A 81 -9.45 5.27 -2.16
N VAL A 82 -10.09 4.74 -1.10
CA VAL A 82 -10.32 5.50 0.13
C VAL A 82 -9.79 4.74 1.34
N TYR A 83 -8.88 5.37 2.09
CA TYR A 83 -8.33 4.80 3.33
C TYR A 83 -9.24 5.09 4.52
N THR A 84 -8.91 4.48 5.65
CA THR A 84 -9.63 4.67 6.89
C THR A 84 -8.70 4.40 8.08
N LYS A 85 -8.23 5.47 8.70
CA LYS A 85 -7.43 5.37 9.91
C LYS A 85 -8.36 5.16 11.10
N ALA A 86 -8.59 3.88 11.45
CA ALA A 86 -9.53 3.54 12.51
C ALA A 86 -8.87 3.64 13.87
N ASN A 87 -7.80 2.86 14.06
CA ASN A 87 -7.07 2.84 15.32
C ASN A 87 -5.68 3.42 15.10
N PRO A 88 -5.04 3.95 16.16
CA PRO A 88 -3.69 4.55 16.07
C PRO A 88 -2.66 3.60 15.43
N THR A 89 -2.97 2.31 15.42
CA THR A 89 -2.08 1.30 14.85
C THR A 89 -2.76 0.52 13.72
N PHE A 90 -4.02 0.83 13.44
CA PHE A 90 -4.79 0.10 12.44
C PHE A 90 -5.27 1.04 11.34
N HIS A 91 -4.76 0.82 10.13
CA HIS A 91 -5.04 1.67 8.98
C HIS A 91 -5.40 0.79 7.78
N HIS A 92 -6.65 0.86 7.34
CA HIS A 92 -7.10 0.03 6.22
C HIS A 92 -7.72 0.90 5.14
N TRP A 93 -8.20 0.27 4.07
CA TRP A 93 -8.94 0.97 3.04
C TRP A 93 -10.02 0.06 2.46
N LYS A 94 -10.96 0.66 1.74
CA LYS A 94 -12.09 -0.07 1.18
C LYS A 94 -12.51 0.53 -0.16
N VAL A 95 -12.64 -0.34 -1.16
CA VAL A 95 -13.08 0.06 -2.50
C VAL A 95 -14.11 -0.96 -3.01
N ASP A 96 -15.07 -0.50 -3.79
CA ASP A 96 -16.10 -1.37 -4.35
C ASP A 96 -16.90 -2.04 -3.22
N ASN A 97 -16.44 -3.21 -2.79
CA ASN A 97 -17.02 -3.92 -1.65
C ASN A 97 -15.94 -4.70 -0.92
N ARG A 98 -14.69 -4.42 -1.28
CA ARG A 98 -13.55 -5.14 -0.74
C ARG A 98 -12.74 -4.23 0.18
N LYS A 99 -12.41 -4.73 1.36
CA LYS A 99 -11.68 -3.97 2.37
C LYS A 99 -10.46 -4.74 2.84
N PHE A 100 -9.31 -4.09 2.79
CA PHE A 100 -8.04 -4.64 3.25
C PHE A 100 -7.10 -3.50 3.61
N GLY A 101 -6.04 -3.80 4.35
CA GLY A 101 -5.14 -2.75 4.81
C GLY A 101 -3.92 -3.31 5.50
N LEU A 102 -3.56 -2.70 6.64
CA LEU A 102 -2.37 -3.11 7.38
C LEU A 102 -2.43 -2.65 8.83
N THR A 103 -1.43 -3.07 9.60
CA THR A 103 -1.28 -2.67 10.99
C THR A 103 0.16 -2.18 11.22
N PHE A 104 0.31 -1.12 12.01
CA PHE A 104 1.59 -0.48 12.21
C PHE A 104 2.41 -1.19 13.28
N GLN A 105 3.70 -0.87 13.34
CA GLN A 105 4.58 -1.39 14.37
C GLN A 105 5.21 -0.23 15.13
N SER A 106 5.89 0.65 14.39
CA SER A 106 6.63 1.76 14.98
C SER A 106 6.07 3.09 14.49
N PRO A 107 6.14 4.16 15.31
CA PRO A 107 5.65 5.49 14.92
C PRO A 107 6.25 5.97 13.59
N ALA A 108 7.38 5.39 13.21
CA ALA A 108 8.01 5.69 11.93
C ALA A 108 7.09 5.30 10.77
N ASP A 109 6.86 3.99 10.63
CA ASP A 109 6.00 3.45 9.57
C ASP A 109 4.56 3.96 9.73
N ALA A 110 4.11 4.02 10.97
CA ALA A 110 2.77 4.54 11.28
C ALA A 110 2.56 5.93 10.66
N ARG A 111 3.42 6.86 11.05
CA ARG A 111 3.33 8.24 10.58
C ARG A 111 3.62 8.31 9.08
N ALA A 112 4.45 7.38 8.59
CA ALA A 112 4.80 7.32 7.18
C ALA A 112 3.58 7.01 6.31
N PHE A 113 2.82 5.98 6.69
CA PHE A 113 1.62 5.60 5.95
C PHE A 113 0.56 6.69 6.07
N ASP A 114 0.33 7.16 7.29
CA ASP A 114 -0.64 8.22 7.55
C ASP A 114 -0.39 9.44 6.66
N ARG A 115 0.77 10.05 6.88
CA ARG A 115 1.21 11.20 6.09
C ARG A 115 1.27 10.84 4.60
N GLY A 116 1.71 9.61 4.32
CA GLY A 116 1.87 9.16 2.94
C GLY A 116 0.57 9.26 2.15
N VAL A 117 -0.47 8.59 2.64
CA VAL A 117 -1.75 8.58 1.96
C VAL A 117 -2.41 9.96 2.03
N ARG A 118 -2.25 10.62 3.16
CA ARG A 118 -2.84 11.95 3.36
C ARG A 118 -2.28 12.92 2.32
N LYS A 119 -0.97 12.83 2.09
CA LYS A 119 -0.30 13.67 1.10
C LYS A 119 -0.61 13.18 -0.31
N ALA A 120 -0.84 11.88 -0.46
CA ALA A 120 -1.22 11.31 -1.75
C ALA A 120 -2.56 11.89 -2.19
N ILE A 121 -3.53 11.89 -1.28
CA ILE A 121 -4.84 12.47 -1.54
C ILE A 121 -4.72 13.97 -1.72
N GLU A 122 -3.88 14.59 -0.89
CA GLU A 122 -3.64 16.03 -0.96
C GLU A 122 -3.18 16.43 -2.36
N ASP A 123 -2.21 15.69 -2.88
CA ASP A 123 -1.63 15.96 -4.20
C ASP A 123 -2.59 15.53 -5.32
N LEU A 124 -3.31 14.44 -5.08
CA LEU A 124 -4.24 13.88 -6.06
C LEU A 124 -5.35 14.88 -6.37
N ILE A 125 -5.97 15.42 -5.32
CA ILE A 125 -7.07 16.36 -5.47
C ILE A 125 -6.55 17.78 -5.71
N GLU A 126 -5.49 18.13 -4.98
CA GLU A 126 -4.90 19.48 -5.04
C GLU A 126 -5.87 20.52 -4.48
N GLY A 1 24.13 -15.10 -1.43
CA GLY A 1 24.99 -13.93 -1.76
C GLY A 1 24.21 -12.63 -1.70
N SER A 2 24.71 -11.62 -2.40
CA SER A 2 24.07 -10.30 -2.41
C SER A 2 23.07 -10.19 -3.55
N MET A 3 22.16 -11.16 -3.65
CA MET A 3 21.13 -11.15 -4.68
C MET A 3 20.35 -9.84 -4.63
N THR A 4 19.91 -9.49 -3.42
CA THR A 4 19.20 -8.23 -3.17
C THR A 4 17.96 -8.11 -4.08
N GLU A 5 17.28 -9.24 -4.28
CA GLU A 5 16.15 -9.31 -5.20
C GLU A 5 14.91 -8.63 -4.61
N GLU A 6 14.92 -7.31 -4.63
CA GLU A 6 13.73 -6.52 -4.34
C GLU A 6 13.30 -5.82 -5.63
N THR A 7 14.18 -4.94 -6.12
CA THR A 7 14.07 -4.29 -7.44
C THR A 7 12.65 -4.27 -7.99
N HIS A 8 11.84 -3.34 -7.49
CA HIS A 8 10.46 -3.18 -7.94
C HIS A 8 10.44 -2.54 -9.34
N PRO A 9 9.43 -2.86 -10.18
CA PRO A 9 9.24 -2.19 -11.47
C PRO A 9 9.36 -0.67 -11.33
N ASP A 10 10.52 -0.14 -11.75
CA ASP A 10 10.88 1.25 -11.53
C ASP A 10 10.98 1.53 -10.03
N ASP A 11 12.00 0.92 -9.43
CA ASP A 11 12.22 0.97 -7.97
C ASP A 11 12.23 2.41 -7.44
N ASP A 12 12.68 3.33 -8.28
CA ASP A 12 12.80 4.74 -7.89
C ASP A 12 11.44 5.42 -7.74
N SER A 13 10.35 4.69 -7.98
CA SER A 13 9.01 5.27 -7.97
C SER A 13 8.37 5.22 -6.58
N TYR A 14 9.07 4.61 -5.62
CA TYR A 14 8.56 4.50 -4.26
C TYR A 14 8.44 5.85 -3.58
N ILE A 15 7.31 6.07 -2.91
CA ILE A 15 7.12 7.24 -2.06
C ILE A 15 7.53 6.87 -0.63
N VAL A 16 7.16 5.66 -0.22
CA VAL A 16 7.48 5.14 1.09
C VAL A 16 7.47 3.61 1.07
N ARG A 17 8.48 3.00 1.70
CA ARG A 17 8.56 1.54 1.78
C ARG A 17 9.26 1.13 3.07
N VAL A 18 8.52 0.47 3.95
CA VAL A 18 9.02 0.05 5.26
C VAL A 18 8.29 -1.23 5.71
N LYS A 19 8.52 -1.62 6.96
CA LYS A 19 7.89 -2.81 7.52
C LYS A 19 6.53 -2.46 8.13
N ALA A 20 5.53 -3.28 7.80
CA ALA A 20 4.19 -3.11 8.35
C ALA A 20 3.43 -4.42 8.28
N VAL A 21 2.16 -4.41 8.70
CA VAL A 21 1.33 -5.61 8.68
C VAL A 21 0.19 -5.46 7.68
N VAL A 22 0.28 -6.17 6.56
CA VAL A 22 -0.79 -6.19 5.57
C VAL A 22 -1.97 -7.01 6.08
N MET A 23 -2.96 -6.33 6.65
CA MET A 23 -4.12 -6.97 7.24
C MET A 23 -5.16 -7.30 6.19
N THR A 24 -5.47 -8.59 6.04
CA THR A 24 -6.48 -9.04 5.11
C THR A 24 -7.82 -9.18 5.83
N ARG A 25 -8.87 -9.41 5.05
CA ARG A 25 -10.20 -9.59 5.59
C ARG A 25 -10.84 -10.80 4.94
N ASP A 26 -9.98 -11.67 4.39
CA ASP A 26 -10.38 -12.91 3.71
C ASP A 26 -11.46 -12.61 2.66
N ASP A 27 -11.31 -11.46 2.00
CA ASP A 27 -12.25 -11.01 0.98
C ASP A 27 -13.65 -10.81 1.57
N SER A 28 -13.86 -9.63 2.17
CA SER A 28 -15.14 -9.23 2.77
C SER A 28 -15.72 -10.30 3.71
N SER A 29 -14.85 -11.11 4.31
CA SER A 29 -15.29 -12.17 5.21
C SER A 29 -15.84 -11.60 6.52
N GLY A 30 -15.24 -10.51 6.99
CA GLY A 30 -15.69 -9.85 8.21
C GLY A 30 -14.58 -9.16 8.95
N GLY A 31 -13.94 -9.87 9.89
CA GLY A 31 -12.88 -9.29 10.68
C GLY A 31 -11.54 -9.30 9.95
N TRP A 32 -10.60 -8.50 10.45
CA TRP A 32 -9.27 -8.39 9.85
C TRP A 32 -8.30 -9.36 10.53
N PHE A 33 -7.34 -9.86 9.76
CA PHE A 33 -6.29 -10.73 10.28
C PHE A 33 -5.07 -10.67 9.37
N PRO A 34 -3.85 -10.87 9.92
CA PRO A 34 -2.62 -10.90 9.13
C PRO A 34 -2.61 -12.06 8.12
N GLN A 35 -2.10 -11.78 6.92
CA GLN A 35 -2.03 -12.79 5.86
C GLN A 35 -0.60 -13.27 5.68
N GLU A 36 -0.43 -14.59 5.63
CA GLU A 36 0.88 -15.24 5.47
C GLU A 36 1.79 -14.95 6.67
N GLY A 37 2.29 -13.72 6.76
CA GLY A 37 3.16 -13.35 7.86
C GLY A 37 3.01 -11.89 8.23
N GLY A 38 2.41 -11.63 9.39
CA GLY A 38 2.18 -10.27 9.84
C GLY A 38 3.33 -9.72 10.65
N GLY A 39 4.42 -10.50 10.74
CA GLY A 39 5.59 -10.05 11.46
C GLY A 39 6.46 -9.14 10.62
N ILE A 40 6.61 -9.49 9.35
CA ILE A 40 7.42 -8.72 8.41
C ILE A 40 6.78 -8.73 7.01
N SER A 41 5.95 -7.74 6.75
CA SER A 41 5.40 -7.54 5.41
C SER A 41 6.08 -6.35 4.75
N ARG A 42 6.75 -6.58 3.61
CA ARG A 42 7.44 -5.52 2.89
C ARG A 42 6.43 -4.68 2.13
N VAL A 43 5.92 -3.64 2.79
CA VAL A 43 4.90 -2.77 2.22
C VAL A 43 5.54 -1.56 1.56
N GLY A 44 5.34 -1.42 0.26
CA GLY A 44 5.90 -0.31 -0.47
C GLY A 44 4.85 0.40 -1.31
N VAL A 45 4.61 1.67 -1.01
CA VAL A 45 3.69 2.49 -1.78
C VAL A 45 4.45 3.29 -2.83
N CYS A 46 4.27 2.93 -4.09
CA CYS A 46 4.96 3.61 -5.19
C CYS A 46 3.98 4.46 -5.98
N LYS A 47 4.46 5.58 -6.51
CA LYS A 47 3.66 6.45 -7.36
C LYS A 47 4.04 6.20 -8.82
N VAL A 48 3.26 5.34 -9.47
CA VAL A 48 3.58 4.89 -10.83
C VAL A 48 3.34 6.01 -11.84
N MET A 49 4.21 6.08 -12.83
CA MET A 49 4.13 7.07 -13.89
C MET A 49 3.41 6.46 -15.11
N HIS A 50 3.23 7.25 -16.16
CA HIS A 50 2.54 6.76 -17.35
C HIS A 50 3.38 7.00 -18.60
N PRO A 51 3.76 5.93 -19.31
CA PRO A 51 4.47 6.04 -20.60
C PRO A 51 3.57 6.69 -21.65
N GLU A 52 2.30 6.31 -21.61
CA GLU A 52 1.28 6.86 -22.48
C GLU A 52 -0.10 6.50 -21.89
N GLY A 53 -1.02 7.44 -21.92
CA GLY A 53 -2.33 7.22 -21.30
C GLY A 53 -2.50 8.06 -20.05
N ASN A 54 -3.47 8.96 -20.07
CA ASN A 54 -3.69 9.91 -18.99
C ASN A 54 -3.96 9.21 -17.65
N GLY A 55 -4.72 8.12 -17.69
CA GLY A 55 -5.14 7.44 -16.48
C GLY A 55 -4.27 6.25 -16.13
N ARG A 56 -3.07 6.20 -16.69
CA ARG A 56 -2.14 5.10 -16.40
C ARG A 56 -1.19 5.47 -15.26
N SER A 57 -1.22 6.74 -14.86
CA SER A 57 -0.40 7.23 -13.75
C SER A 57 -1.22 7.28 -12.47
N GLY A 58 -0.60 6.94 -11.35
CA GLY A 58 -1.29 6.94 -10.08
C GLY A 58 -0.43 6.37 -8.97
N PHE A 59 -1.06 5.69 -8.02
CA PHE A 59 -0.36 5.09 -6.89
C PHE A 59 -0.52 3.58 -6.94
N LEU A 60 0.35 2.87 -6.23
CA LEU A 60 0.27 1.42 -6.13
C LEU A 60 0.76 0.98 -4.75
N ILE A 61 -0.16 0.45 -3.95
CA ILE A 61 0.20 -0.12 -2.66
C ILE A 61 0.63 -1.57 -2.87
N HIS A 62 1.93 -1.81 -2.82
CA HIS A 62 2.50 -3.08 -3.22
C HIS A 62 3.20 -3.77 -2.04
N GLY A 63 2.54 -4.79 -1.48
CA GLY A 63 3.12 -5.57 -0.39
C GLY A 63 3.70 -6.87 -0.88
N GLU A 64 4.99 -7.09 -0.64
CA GLU A 64 5.72 -8.21 -1.24
C GLU A 64 6.86 -8.71 -0.34
N ARG A 65 7.72 -9.54 -0.96
CA ARG A 65 9.00 -9.99 -0.39
C ARG A 65 8.82 -11.04 0.71
N GLN A 66 7.72 -10.97 1.44
CA GLN A 66 7.44 -11.95 2.49
C GLN A 66 7.37 -13.35 1.88
N LYS A 67 8.07 -14.30 2.51
CA LYS A 67 8.13 -15.68 2.04
C LYS A 67 8.85 -15.74 0.69
N ASP A 68 10.18 -15.63 0.75
CA ASP A 68 11.05 -15.58 -0.42
C ASP A 68 10.86 -14.28 -1.19
N LYS A 69 9.89 -14.25 -2.09
CA LYS A 69 9.66 -13.08 -2.94
C LYS A 69 8.41 -13.27 -3.80
N LEU A 70 7.30 -12.71 -3.34
CA LEU A 70 6.07 -12.68 -4.12
C LEU A 70 5.21 -11.54 -3.60
N VAL A 71 4.18 -11.18 -4.35
CA VAL A 71 3.33 -10.05 -3.98
C VAL A 71 2.06 -10.54 -3.28
N VAL A 72 1.98 -10.30 -1.98
CA VAL A 72 0.84 -10.76 -1.18
C VAL A 72 -0.23 -9.68 -1.06
N LEU A 73 0.08 -8.48 -1.57
CA LEU A 73 -0.85 -7.36 -1.48
C LEU A 73 -0.67 -6.45 -2.70
N GLU A 74 -1.72 -6.32 -3.50
CA GLU A 74 -1.72 -5.45 -4.68
C GLU A 74 -2.94 -4.53 -4.64
N CYS A 75 -2.69 -3.22 -4.71
CA CYS A 75 -3.76 -2.25 -4.76
C CYS A 75 -3.36 -1.05 -5.62
N TYR A 76 -3.64 -1.15 -6.92
CA TYR A 76 -3.44 -0.02 -7.84
C TYR A 76 -4.49 1.05 -7.57
N VAL A 77 -4.07 2.30 -7.55
CA VAL A 77 -4.94 3.42 -7.22
C VAL A 77 -4.92 4.47 -8.33
N ARG A 78 -5.88 4.39 -9.23
CA ARG A 78 -5.99 5.32 -10.34
C ARG A 78 -6.73 6.59 -9.89
N LYS A 79 -6.06 7.35 -9.02
CA LYS A 79 -6.59 8.63 -8.48
C LYS A 79 -7.98 8.45 -7.85
N ASP A 80 -8.32 7.21 -7.50
CA ASP A 80 -9.54 6.91 -6.74
C ASP A 80 -9.15 6.14 -5.49
N LEU A 81 -9.37 6.75 -4.34
CA LEU A 81 -8.84 6.22 -3.08
C LEU A 81 -9.71 6.65 -1.91
N VAL A 82 -9.97 5.72 -1.00
CA VAL A 82 -10.67 6.02 0.25
C VAL A 82 -9.91 5.41 1.43
N TYR A 83 -8.97 6.16 1.99
CA TYR A 83 -8.26 5.74 3.19
C TYR A 83 -9.06 6.14 4.42
N THR A 84 -8.99 5.32 5.45
CA THR A 84 -9.67 5.60 6.71
C THR A 84 -8.79 5.21 7.88
N LYS A 85 -8.49 6.17 8.74
CA LYS A 85 -7.72 5.91 9.96
C LYS A 85 -8.66 5.40 11.04
N ALA A 86 -8.73 4.08 11.17
CA ALA A 86 -9.58 3.46 12.19
C ALA A 86 -9.04 3.78 13.58
N ASN A 87 -7.73 3.69 13.70
CA ASN A 87 -7.02 4.00 14.93
C ASN A 87 -5.54 4.26 14.61
N PRO A 88 -4.78 4.87 15.54
CA PRO A 88 -3.36 5.24 15.31
C PRO A 88 -2.50 4.09 14.76
N THR A 89 -2.93 2.85 14.99
CA THR A 89 -2.13 1.70 14.59
C THR A 89 -2.85 0.84 13.54
N PHE A 90 -3.89 1.38 12.90
CA PHE A 90 -4.62 0.64 11.87
C PHE A 90 -5.26 1.59 10.86
N HIS A 91 -4.75 1.56 9.63
CA HIS A 91 -5.37 2.23 8.49
C HIS A 91 -5.98 1.17 7.58
N HIS A 92 -6.99 1.56 6.81
CA HIS A 92 -7.53 0.68 5.78
C HIS A 92 -7.99 1.53 4.60
N TRP A 93 -7.86 0.98 3.40
CA TRP A 93 -8.25 1.68 2.18
C TRP A 93 -9.28 0.90 1.39
N LYS A 94 -10.16 1.63 0.73
CA LYS A 94 -11.26 1.07 -0.05
C LYS A 94 -10.99 1.33 -1.54
N VAL A 95 -10.49 0.31 -2.24
CA VAL A 95 -10.17 0.41 -3.67
C VAL A 95 -10.64 -0.84 -4.40
N ASP A 96 -11.09 -0.66 -5.64
CA ASP A 96 -11.61 -1.77 -6.45
C ASP A 96 -12.76 -2.47 -5.69
N ASN A 97 -13.43 -1.68 -4.85
CA ASN A 97 -14.54 -2.13 -4.01
C ASN A 97 -14.05 -2.98 -2.83
N ARG A 98 -12.81 -3.44 -2.90
CA ARG A 98 -12.25 -4.31 -1.87
C ARG A 98 -11.57 -3.48 -0.78
N LYS A 99 -11.46 -4.05 0.42
CA LYS A 99 -10.87 -3.36 1.56
C LYS A 99 -9.60 -4.07 2.00
N PHE A 100 -8.54 -3.30 2.23
CA PHE A 100 -7.28 -3.83 2.75
C PHE A 100 -6.86 -3.01 3.96
N GLY A 101 -6.34 -3.68 4.98
CA GLY A 101 -5.94 -3.00 6.20
C GLY A 101 -4.44 -3.01 6.39
N LEU A 102 -3.95 -2.14 7.27
CA LEU A 102 -2.52 -2.01 7.53
C LEU A 102 -2.30 -1.65 8.99
N THR A 103 -1.71 -2.57 9.75
CA THR A 103 -1.35 -2.31 11.14
C THR A 103 0.08 -1.79 11.23
N PHE A 104 0.27 -0.74 12.02
CA PHE A 104 1.58 -0.12 12.17
C PHE A 104 2.32 -0.75 13.35
N GLN A 105 3.61 -1.00 13.17
CA GLN A 105 4.40 -1.72 14.16
C GLN A 105 5.29 -0.78 14.97
N SER A 106 5.64 0.36 14.39
CA SER A 106 6.49 1.33 15.07
C SER A 106 6.14 2.76 14.62
N PRO A 107 6.51 3.78 15.42
CA PRO A 107 6.26 5.20 15.07
C PRO A 107 6.81 5.56 13.69
N ALA A 108 7.93 4.95 13.33
CA ALA A 108 8.57 5.22 12.04
C ALA A 108 7.61 4.96 10.88
N ASP A 109 7.16 3.71 10.77
CA ASP A 109 6.25 3.30 9.69
C ASP A 109 4.88 3.97 9.85
N ALA A 110 4.44 4.09 11.11
CA ALA A 110 3.16 4.72 11.41
C ALA A 110 3.07 6.13 10.82
N ARG A 111 4.08 6.95 11.13
CA ARG A 111 4.12 8.34 10.66
C ARG A 111 4.40 8.41 9.18
N ALA A 112 5.26 7.50 8.70
CA ALA A 112 5.64 7.46 7.29
C ALA A 112 4.40 7.23 6.41
N PHE A 113 3.68 6.15 6.70
CA PHE A 113 2.47 5.81 5.94
C PHE A 113 1.40 6.88 6.14
N ASP A 114 1.12 7.24 7.39
CA ASP A 114 0.09 8.24 7.69
C ASP A 114 0.34 9.53 6.90
N ARG A 115 1.42 10.20 7.27
CA ARG A 115 1.81 11.47 6.65
C ARG A 115 1.85 11.36 5.12
N GLY A 116 2.47 10.29 4.63
CA GLY A 116 2.56 10.06 3.21
C GLY A 116 1.20 9.95 2.55
N VAL A 117 0.29 9.23 3.22
CA VAL A 117 -1.07 9.05 2.72
C VAL A 117 -1.83 10.37 2.72
N ARG A 118 -1.58 11.20 3.73
CA ARG A 118 -2.22 12.51 3.82
C ARG A 118 -1.89 13.33 2.57
N LYS A 119 -0.59 13.49 2.32
CA LYS A 119 -0.12 14.25 1.16
C LYS A 119 -0.60 13.59 -0.13
N ALA A 120 -0.58 12.26 -0.13
CA ALA A 120 -1.01 11.48 -1.28
C ALA A 120 -2.46 11.77 -1.63
N ILE A 121 -3.35 11.64 -0.65
CA ILE A 121 -4.78 11.89 -0.85
C ILE A 121 -5.01 13.28 -1.43
N GLU A 122 -4.33 14.27 -0.86
CA GLU A 122 -4.43 15.65 -1.34
C GLU A 122 -4.11 15.74 -2.84
N ASP A 123 -2.93 15.26 -3.23
CA ASP A 123 -2.51 15.31 -4.63
C ASP A 123 -3.34 14.36 -5.49
N LEU A 124 -3.87 13.34 -4.84
CA LEU A 124 -4.61 12.27 -5.53
C LEU A 124 -5.99 12.73 -6.00
N ILE A 125 -6.73 13.40 -5.11
CA ILE A 125 -8.12 13.75 -5.41
C ILE A 125 -8.30 15.25 -5.71
N GLU A 126 -7.50 16.10 -5.06
CA GLU A 126 -7.61 17.54 -5.28
C GLU A 126 -6.88 17.94 -6.56
N GLY A 1 26.86 -8.38 1.21
CA GLY A 1 25.99 -8.77 0.09
C GLY A 1 25.21 -10.04 0.37
N SER A 2 24.28 -9.94 1.31
CA SER A 2 23.45 -11.08 1.71
C SER A 2 22.09 -11.03 1.01
N MET A 3 21.69 -9.83 0.63
CA MET A 3 20.40 -9.60 -0.03
C MET A 3 20.63 -9.16 -1.47
N THR A 4 20.23 -9.99 -2.43
CA THR A 4 20.39 -9.67 -3.84
C THR A 4 19.14 -8.99 -4.38
N GLU A 5 19.32 -8.05 -5.30
CA GLU A 5 18.20 -7.35 -5.93
C GLU A 5 17.43 -8.28 -6.85
N GLU A 6 16.32 -8.81 -6.34
CA GLU A 6 15.42 -9.64 -7.14
C GLU A 6 14.10 -8.89 -7.33
N THR A 7 13.34 -8.74 -6.24
CA THR A 7 12.17 -7.84 -6.19
C THR A 7 11.25 -7.99 -7.41
N HIS A 8 10.53 -6.92 -7.78
CA HIS A 8 9.62 -6.95 -8.93
C HIS A 8 9.87 -5.75 -9.84
N PRO A 9 9.35 -5.78 -11.10
CA PRO A 9 9.67 -4.78 -12.14
C PRO A 9 9.70 -3.33 -11.64
N ASP A 10 8.62 -2.90 -10.98
CA ASP A 10 8.49 -1.50 -10.56
C ASP A 10 9.03 -1.27 -9.15
N ASP A 11 9.92 -2.15 -8.70
CA ASP A 11 10.54 -2.00 -7.38
C ASP A 11 11.30 -0.68 -7.29
N ASP A 12 11.87 -0.27 -8.42
CA ASP A 12 12.68 0.94 -8.51
C ASP A 12 11.87 2.19 -8.16
N SER A 13 10.58 2.15 -8.48
CA SER A 13 9.71 3.31 -8.34
C SER A 13 9.10 3.41 -6.93
N TYR A 14 9.65 2.64 -5.99
CA TYR A 14 9.23 2.71 -4.60
C TYR A 14 9.58 4.07 -3.99
N ILE A 15 8.72 5.05 -4.18
CA ILE A 15 8.89 6.36 -3.58
C ILE A 15 8.67 6.26 -2.07
N VAL A 16 7.48 5.81 -1.68
CA VAL A 16 7.14 5.63 -0.29
C VAL A 16 7.02 4.13 0.02
N ARG A 17 7.92 3.61 0.83
CA ARG A 17 7.88 2.21 1.21
C ARG A 17 8.14 2.06 2.70
N VAL A 18 7.28 1.30 3.38
CA VAL A 18 7.40 1.05 4.81
C VAL A 18 7.26 -0.43 5.10
N LYS A 19 7.52 -0.82 6.35
CA LYS A 19 7.37 -2.20 6.79
C LYS A 19 6.18 -2.32 7.73
N ALA A 20 5.11 -2.96 7.26
CA ALA A 20 3.89 -3.09 8.05
C ALA A 20 3.07 -4.28 7.57
N VAL A 21 2.20 -4.79 8.43
CA VAL A 21 1.37 -5.95 8.11
C VAL A 21 0.16 -5.54 7.28
N VAL A 22 0.14 -5.95 6.02
CA VAL A 22 -1.00 -5.69 5.15
C VAL A 22 -2.16 -6.63 5.50
N MET A 23 -3.33 -6.04 5.71
CA MET A 23 -4.54 -6.79 6.11
C MET A 23 -5.65 -6.57 5.09
N THR A 24 -6.70 -7.37 5.15
CA THR A 24 -7.81 -7.22 4.24
C THR A 24 -9.14 -7.53 4.93
N ARG A 25 -10.22 -7.11 4.30
CA ARG A 25 -11.57 -7.30 4.81
C ARG A 25 -12.52 -7.42 3.62
N ASP A 26 -13.49 -8.33 3.70
CA ASP A 26 -14.43 -8.55 2.61
C ASP A 26 -15.52 -7.46 2.60
N ASP A 27 -15.10 -6.23 2.93
CA ASP A 27 -16.00 -5.10 3.17
C ASP A 27 -16.88 -5.38 4.38
N SER A 28 -17.71 -6.42 4.27
CA SER A 28 -18.43 -6.97 5.41
C SER A 28 -17.45 -7.66 6.37
N SER A 29 -17.94 -8.05 7.55
CA SER A 29 -17.13 -8.75 8.55
C SER A 29 -15.99 -7.86 9.06
N GLY A 30 -16.22 -7.20 10.20
CA GLY A 30 -15.25 -6.25 10.75
C GLY A 30 -14.12 -6.91 11.50
N GLY A 31 -13.86 -8.18 11.21
CA GLY A 31 -12.77 -8.89 11.87
C GLY A 31 -11.42 -8.57 11.26
N TRP A 32 -11.41 -8.20 9.98
CA TRP A 32 -10.18 -7.93 9.22
C TRP A 32 -9.28 -9.15 9.23
N PHE A 33 -9.28 -9.88 8.10
CA PHE A 33 -8.56 -11.14 8.00
C PHE A 33 -7.24 -10.95 7.24
N PRO A 34 -6.15 -11.54 7.75
CA PRO A 34 -4.83 -11.46 7.11
C PRO A 34 -4.71 -12.44 5.93
N GLN A 35 -4.63 -11.88 4.72
CA GLN A 35 -4.52 -12.68 3.50
C GLN A 35 -3.10 -13.23 3.32
N GLU A 36 -2.97 -14.16 2.36
CA GLU A 36 -1.69 -14.77 2.01
C GLU A 36 -1.10 -15.54 3.19
N GLY A 37 -0.52 -14.80 4.14
CA GLY A 37 0.09 -15.43 5.31
C GLY A 37 0.00 -14.55 6.55
N GLY A 38 -0.44 -13.30 6.36
CA GLY A 38 -0.57 -12.37 7.47
C GLY A 38 0.75 -12.14 8.21
N GLY A 39 1.57 -11.24 7.67
CA GLY A 39 2.85 -10.93 8.28
C GLY A 39 3.36 -9.57 7.88
N ILE A 40 4.48 -9.16 8.49
CA ILE A 40 5.09 -7.87 8.17
C ILE A 40 5.45 -7.81 6.68
N SER A 41 5.03 -6.75 6.02
CA SER A 41 5.12 -6.64 4.58
C SER A 41 5.96 -5.43 4.15
N ARG A 42 6.67 -5.60 3.04
CA ARG A 42 7.38 -4.52 2.38
C ARG A 42 6.37 -3.70 1.59
N VAL A 43 5.71 -2.77 2.28
CA VAL A 43 4.65 -1.96 1.68
C VAL A 43 5.25 -0.92 0.73
N GLY A 44 5.35 -1.30 -0.54
CA GLY A 44 5.90 -0.41 -1.54
C GLY A 44 4.84 0.41 -2.25
N VAL A 45 4.63 1.63 -1.78
CA VAL A 45 3.70 2.55 -2.41
C VAL A 45 4.38 3.24 -3.58
N CYS A 46 4.20 2.65 -4.76
CA CYS A 46 4.81 3.15 -5.98
C CYS A 46 3.88 4.12 -6.68
N LYS A 47 4.28 5.39 -6.77
CA LYS A 47 3.52 6.39 -7.51
C LYS A 47 3.76 6.16 -9.00
N VAL A 48 2.88 5.37 -9.61
CA VAL A 48 3.03 4.96 -11.00
C VAL A 48 2.43 5.98 -11.96
N MET A 49 2.69 5.80 -13.25
CA MET A 49 2.20 6.69 -14.29
C MET A 49 1.46 5.90 -15.35
N HIS A 50 0.99 6.60 -16.37
CA HIS A 50 0.29 5.98 -17.49
C HIS A 50 0.82 6.56 -18.80
N PRO A 51 0.63 5.85 -19.93
CA PRO A 51 1.08 6.32 -21.25
C PRO A 51 0.73 7.78 -21.51
N GLU A 52 1.69 8.52 -22.07
CA GLU A 52 1.56 9.96 -22.33
C GLU A 52 1.68 10.76 -21.03
N GLY A 53 0.86 10.43 -20.04
CA GLY A 53 0.92 11.08 -18.74
C GLY A 53 0.28 12.45 -18.77
N ASN A 54 -0.99 12.51 -18.36
CA ASN A 54 -1.74 13.78 -18.31
C ASN A 54 -1.20 14.67 -17.19
N GLY A 55 -0.62 14.05 -16.17
CA GLY A 55 -0.02 14.79 -15.07
C GLY A 55 -0.27 14.13 -13.74
N ARG A 56 -1.51 13.66 -13.53
CA ARG A 56 -1.90 13.05 -12.27
C ARG A 56 -1.42 11.59 -12.23
N SER A 57 -0.36 11.35 -11.47
CA SER A 57 0.23 10.02 -11.38
C SER A 57 -0.55 9.16 -10.36
N GLY A 58 -0.72 7.88 -10.69
CA GLY A 58 -1.46 6.98 -9.84
C GLY A 58 -0.59 6.32 -8.79
N PHE A 59 -1.17 5.39 -8.03
CA PHE A 59 -0.44 4.70 -6.98
C PHE A 59 -0.67 3.19 -7.08
N LEU A 60 0.38 2.43 -6.87
CA LEU A 60 0.31 0.98 -6.86
C LEU A 60 0.76 0.47 -5.49
N ILE A 61 -0.18 -0.10 -4.73
CA ILE A 61 0.14 -0.69 -3.45
C ILE A 61 0.82 -2.04 -3.68
N HIS A 62 2.15 -2.01 -3.74
CA HIS A 62 2.95 -3.19 -4.04
C HIS A 62 3.58 -3.72 -2.76
N GLY A 63 2.91 -4.68 -2.12
CA GLY A 63 3.37 -5.20 -0.85
C GLY A 63 4.05 -6.55 -0.97
N GLU A 64 5.35 -6.58 -0.71
CA GLU A 64 6.13 -7.82 -0.74
C GLU A 64 6.20 -8.46 0.64
N ARG A 65 6.56 -9.74 0.69
CA ARG A 65 6.91 -10.39 1.95
C ARG A 65 8.38 -10.07 2.27
N GLN A 66 8.74 -10.05 3.55
CA GLN A 66 10.11 -9.74 3.96
C GLN A 66 11.09 -10.74 3.36
N LYS A 67 11.55 -10.44 2.15
CA LYS A 67 12.45 -11.30 1.38
C LYS A 67 12.64 -10.69 -0.01
N ASP A 68 11.69 -9.83 -0.39
CA ASP A 68 11.76 -9.09 -1.66
C ASP A 68 11.53 -10.03 -2.84
N LYS A 69 10.46 -10.83 -2.75
CA LYS A 69 10.14 -11.79 -3.80
C LYS A 69 8.81 -12.50 -3.47
N LEU A 70 7.73 -11.73 -3.36
CA LEU A 70 6.39 -12.26 -3.09
C LEU A 70 5.38 -11.14 -2.87
N VAL A 71 4.53 -10.91 -3.87
CA VAL A 71 3.45 -9.94 -3.75
C VAL A 71 2.36 -10.46 -2.80
N VAL A 72 2.44 -10.03 -1.55
CA VAL A 72 1.45 -10.44 -0.53
C VAL A 72 0.24 -9.52 -0.53
N LEU A 73 0.36 -8.42 -1.29
CA LEU A 73 -0.73 -7.47 -1.43
C LEU A 73 -0.51 -6.64 -2.69
N GLU A 74 -1.47 -6.69 -3.59
CA GLU A 74 -1.39 -5.94 -4.84
C GLU A 74 -2.68 -5.14 -5.04
N CYS A 75 -2.56 -3.83 -5.17
CA CYS A 75 -3.70 -2.96 -5.38
C CYS A 75 -3.30 -1.74 -6.21
N TYR A 76 -3.38 -1.90 -7.53
CA TYR A 76 -3.14 -0.80 -8.46
C TYR A 76 -4.35 0.13 -8.51
N VAL A 77 -4.13 1.41 -8.22
CA VAL A 77 -5.19 2.42 -8.29
C VAL A 77 -4.67 3.66 -9.03
N ARG A 78 -5.21 3.90 -10.21
CA ARG A 78 -4.78 5.03 -11.03
C ARG A 78 -5.46 6.32 -10.57
N LYS A 79 -6.54 6.18 -9.81
CA LYS A 79 -7.33 7.32 -9.34
C LYS A 79 -8.37 6.86 -8.33
N ASP A 80 -8.76 7.78 -7.43
CA ASP A 80 -9.85 7.55 -6.46
C ASP A 80 -9.45 6.55 -5.37
N LEU A 81 -9.20 7.07 -4.18
CA LEU A 81 -8.87 6.27 -3.00
C LEU A 81 -8.66 7.20 -1.82
N VAL A 82 -9.32 6.91 -0.69
CA VAL A 82 -9.17 7.71 0.53
C VAL A 82 -8.86 6.79 1.71
N TYR A 83 -7.83 7.13 2.47
CA TYR A 83 -7.43 6.37 3.65
C TYR A 83 -8.26 6.80 4.87
N THR A 84 -8.30 5.91 5.86
CA THR A 84 -8.99 6.17 7.11
C THR A 84 -8.28 5.41 8.24
N LYS A 85 -8.09 6.07 9.37
CA LYS A 85 -7.40 5.45 10.51
C LYS A 85 -8.40 5.09 11.61
N ALA A 86 -8.37 3.83 12.02
CA ALA A 86 -9.21 3.36 13.13
C ALA A 86 -8.39 3.34 14.41
N ASN A 87 -7.18 2.79 14.31
CA ASN A 87 -6.21 2.79 15.41
C ASN A 87 -4.91 3.41 14.91
N PRO A 88 -4.11 4.03 15.80
CA PRO A 88 -2.81 4.62 15.42
C PRO A 88 -1.90 3.61 14.72
N THR A 89 -2.11 2.32 15.01
CA THR A 89 -1.32 1.25 14.39
C THR A 89 -2.18 0.38 13.45
N PHE A 90 -3.39 0.85 13.15
CA PHE A 90 -4.30 0.14 12.24
C PHE A 90 -4.94 1.15 11.28
N HIS A 91 -4.36 1.26 10.09
CA HIS A 91 -4.88 2.11 9.03
C HIS A 91 -5.70 1.24 8.08
N HIS A 92 -6.54 1.86 7.24
CA HIS A 92 -7.33 1.12 6.28
C HIS A 92 -7.96 2.05 5.24
N TRP A 93 -8.52 1.46 4.19
CA TRP A 93 -9.25 2.21 3.18
C TRP A 93 -10.36 1.35 2.58
N LYS A 94 -11.55 1.93 2.45
CA LYS A 94 -12.71 1.24 1.89
C LYS A 94 -12.94 1.67 0.46
N VAL A 95 -12.83 0.71 -0.46
CA VAL A 95 -13.02 1.00 -1.88
C VAL A 95 -14.37 0.44 -2.35
N ASP A 96 -14.59 0.46 -3.66
CA ASP A 96 -15.86 0.03 -4.27
C ASP A 96 -16.24 -1.39 -3.83
N ASN A 97 -15.23 -2.19 -3.48
CA ASN A 97 -15.44 -3.54 -3.01
C ASN A 97 -14.28 -3.97 -2.13
N ARG A 98 -14.61 -4.53 -0.96
CA ARG A 98 -13.64 -4.89 0.07
C ARG A 98 -13.07 -3.67 0.79
N LYS A 99 -12.49 -3.93 1.96
CA LYS A 99 -11.80 -2.93 2.75
C LYS A 99 -10.37 -3.42 2.97
N PHE A 100 -9.39 -2.61 2.60
CA PHE A 100 -7.99 -3.00 2.71
C PHE A 100 -7.37 -2.35 3.94
N GLY A 101 -6.72 -3.15 4.76
CA GLY A 101 -6.15 -2.67 6.01
C GLY A 101 -4.64 -2.67 5.99
N LEU A 102 -4.05 -1.94 6.93
CA LEU A 102 -2.61 -1.84 7.05
C LEU A 102 -2.23 -1.62 8.52
N THR A 103 -1.73 -2.67 9.15
CA THR A 103 -1.30 -2.62 10.54
C THR A 103 0.19 -2.27 10.62
N PHE A 104 0.49 -1.11 11.20
CA PHE A 104 1.85 -0.60 11.26
C PHE A 104 2.74 -1.46 12.16
N GLN A 105 4.05 -1.35 11.96
CA GLN A 105 5.02 -2.14 12.72
C GLN A 105 5.47 -1.36 13.95
N SER A 106 5.72 -0.07 13.78
CA SER A 106 6.18 0.77 14.87
C SER A 106 5.56 2.18 14.75
N PRO A 107 5.42 2.90 15.89
CA PRO A 107 4.89 4.27 15.88
C PRO A 107 5.63 5.18 14.89
N ALA A 108 6.90 4.85 14.63
CA ALA A 108 7.70 5.62 13.66
C ALA A 108 7.08 5.57 12.26
N ASP A 109 6.98 4.36 11.71
CA ASP A 109 6.39 4.17 10.38
C ASP A 109 4.90 4.52 10.39
N ALA A 110 4.27 4.34 11.54
CA ALA A 110 2.87 4.72 11.71
C ALA A 110 2.68 6.21 11.42
N ARG A 111 3.41 7.04 12.16
CA ARG A 111 3.34 8.50 12.02
C ARG A 111 3.74 8.93 10.60
N ALA A 112 4.87 8.41 10.15
CA ALA A 112 5.43 8.79 8.85
C ALA A 112 4.48 8.45 7.71
N PHE A 113 3.98 7.21 7.70
CA PHE A 113 3.11 6.75 6.63
C PHE A 113 1.73 7.40 6.74
N ASP A 114 1.25 7.58 7.95
CA ASP A 114 -0.06 8.23 8.20
C ASP A 114 -0.08 9.60 7.54
N ARG A 115 0.81 10.45 8.01
CA ARG A 115 0.93 11.82 7.51
C ARG A 115 1.27 11.81 6.02
N GLY A 116 2.24 10.98 5.67
CA GLY A 116 2.72 10.92 4.29
C GLY A 116 1.64 10.49 3.32
N VAL A 117 0.83 9.50 3.70
CA VAL A 117 -0.19 8.97 2.81
C VAL A 117 -1.34 9.95 2.69
N ARG A 118 -1.63 10.68 3.77
CA ARG A 118 -2.60 11.77 3.73
C ARG A 118 -2.16 12.78 2.65
N LYS A 119 -0.91 13.19 2.74
CA LYS A 119 -0.32 14.10 1.76
C LYS A 119 -0.42 13.48 0.36
N ALA A 120 -0.22 12.17 0.27
CA ALA A 120 -0.29 11.45 -0.99
C ALA A 120 -1.72 11.46 -1.56
N ILE A 121 -2.71 11.30 -0.68
CA ILE A 121 -4.11 11.34 -1.10
C ILE A 121 -4.45 12.72 -1.66
N GLU A 122 -3.92 13.74 -0.99
CA GLU A 122 -4.07 15.11 -1.47
C GLU A 122 -3.37 15.25 -2.83
N ASP A 123 -2.18 14.67 -2.94
CA ASP A 123 -1.39 14.71 -4.17
C ASP A 123 -2.09 13.93 -5.29
N LEU A 124 -2.95 12.98 -4.90
CA LEU A 124 -3.70 12.17 -5.86
C LEU A 124 -4.88 12.97 -6.41
N ILE A 125 -5.70 13.52 -5.51
CA ILE A 125 -6.97 14.14 -5.90
C ILE A 125 -6.84 15.65 -6.12
N GLU A 126 -6.20 16.33 -5.17
CA GLU A 126 -6.09 17.79 -5.19
C GLU A 126 -5.20 18.25 -6.36
N GLY A 1 5.55 -16.31 -11.90
CA GLY A 1 7.02 -16.20 -12.01
C GLY A 1 7.65 -15.74 -10.72
N SER A 2 8.72 -16.40 -10.30
CA SER A 2 9.42 -16.04 -9.09
C SER A 2 10.22 -14.75 -9.30
N MET A 3 9.55 -13.62 -9.13
CA MET A 3 10.19 -12.32 -9.24
C MET A 3 11.11 -12.09 -8.04
N THR A 4 12.30 -12.66 -8.14
CA THR A 4 13.27 -12.64 -7.04
C THR A 4 14.18 -11.42 -7.10
N GLU A 5 14.17 -10.73 -8.24
CA GLU A 5 15.02 -9.55 -8.42
C GLU A 5 14.27 -8.31 -7.93
N GLU A 6 13.19 -7.99 -8.63
CA GLU A 6 12.31 -6.87 -8.27
C GLU A 6 10.87 -7.35 -8.36
N THR A 7 9.99 -6.71 -7.61
CA THR A 7 8.57 -7.06 -7.64
C THR A 7 7.84 -6.24 -8.70
N HIS A 8 8.52 -5.22 -9.20
CA HIS A 8 8.06 -4.44 -10.34
C HIS A 8 9.21 -4.33 -11.33
N PRO A 9 9.00 -4.72 -12.60
CA PRO A 9 10.05 -4.66 -13.63
C PRO A 9 10.65 -3.25 -13.75
N ASP A 10 9.86 -2.26 -13.36
CA ASP A 10 10.30 -0.87 -13.32
C ASP A 10 10.96 -0.58 -11.99
N ASP A 11 10.20 -0.79 -10.91
CA ASP A 11 10.68 -0.67 -9.52
C ASP A 11 11.10 0.77 -9.19
N ASP A 12 10.98 1.68 -10.14
CA ASP A 12 11.40 3.07 -9.97
C ASP A 12 10.29 3.88 -9.29
N SER A 13 9.05 3.50 -9.57
CA SER A 13 7.88 4.27 -9.16
C SER A 13 7.59 4.15 -7.66
N TYR A 14 8.36 3.32 -6.95
CA TYR A 14 8.18 3.15 -5.51
C TYR A 14 8.56 4.44 -4.77
N ILE A 15 7.56 5.11 -4.23
CA ILE A 15 7.78 6.33 -3.46
C ILE A 15 8.15 5.98 -2.02
N VAL A 16 7.28 5.21 -1.37
CA VAL A 16 7.49 4.82 0.02
C VAL A 16 7.49 3.30 0.16
N ARG A 17 8.45 2.77 0.89
CA ARG A 17 8.53 1.33 1.19
C ARG A 17 8.84 1.14 2.68
N VAL A 18 7.80 0.95 3.48
CA VAL A 18 7.96 0.82 4.93
C VAL A 18 7.47 -0.55 5.40
N LYS A 19 8.19 -1.11 6.37
CA LYS A 19 7.86 -2.42 6.92
C LYS A 19 6.61 -2.36 7.79
N ALA A 20 5.69 -3.28 7.54
CA ALA A 20 4.44 -3.37 8.27
C ALA A 20 3.83 -4.77 8.07
N VAL A 21 2.56 -4.93 8.39
CA VAL A 21 1.85 -6.19 8.18
C VAL A 21 0.60 -5.98 7.33
N VAL A 22 0.66 -6.40 6.07
CA VAL A 22 -0.50 -6.27 5.18
C VAL A 22 -1.60 -7.28 5.55
N MET A 23 -2.75 -6.76 5.95
CA MET A 23 -3.89 -7.58 6.31
C MET A 23 -4.79 -7.79 5.10
N THR A 24 -4.81 -9.02 4.60
CA THR A 24 -5.62 -9.37 3.43
C THR A 24 -7.06 -9.67 3.84
N ARG A 25 -7.32 -9.50 5.15
CA ARG A 25 -8.67 -9.45 5.74
C ARG A 25 -9.59 -10.63 5.39
N ASP A 26 -10.75 -10.63 6.06
CA ASP A 26 -11.77 -11.67 5.90
C ASP A 26 -13.17 -11.04 5.97
N ASP A 27 -13.20 -9.70 6.02
CA ASP A 27 -14.44 -8.91 6.13
C ASP A 27 -15.12 -9.14 7.48
N SER A 28 -15.94 -10.19 7.54
CA SER A 28 -16.75 -10.46 8.72
C SER A 28 -17.01 -11.96 8.85
N SER A 29 -16.23 -12.59 9.72
CA SER A 29 -16.34 -14.01 10.02
C SER A 29 -15.20 -14.36 10.97
N GLY A 30 -13.99 -14.03 10.53
CA GLY A 30 -12.81 -14.11 11.38
C GLY A 30 -12.29 -12.73 11.68
N GLY A 31 -12.29 -11.87 10.66
CA GLY A 31 -11.90 -10.48 10.83
C GLY A 31 -10.83 -10.04 9.85
N TRP A 32 -9.63 -9.80 10.36
CA TRP A 32 -8.50 -9.34 9.55
C TRP A 32 -7.30 -10.24 9.80
N PHE A 33 -6.86 -10.97 8.79
CA PHE A 33 -5.69 -11.85 8.93
C PHE A 33 -4.60 -11.46 7.92
N PRO A 34 -3.32 -11.71 8.28
CA PRO A 34 -2.19 -11.49 7.38
C PRO A 34 -1.88 -12.72 6.53
N GLN A 35 -0.63 -12.86 6.09
CA GLN A 35 -0.24 -13.97 5.21
C GLN A 35 1.27 -14.25 5.31
N GLU A 36 1.63 -15.53 5.15
CA GLU A 36 3.03 -15.96 5.12
C GLU A 36 3.80 -15.51 6.36
N GLY A 37 3.08 -15.30 7.46
CA GLY A 37 3.70 -14.84 8.70
C GLY A 37 3.20 -13.47 9.08
N GLY A 38 3.10 -12.59 8.09
CA GLY A 38 2.62 -11.23 8.33
C GLY A 38 3.48 -10.47 9.31
N GLY A 39 4.71 -10.17 8.90
CA GLY A 39 5.62 -9.39 9.74
C GLY A 39 6.64 -8.64 8.91
N ILE A 40 7.22 -9.35 7.95
CA ILE A 40 8.21 -8.76 7.04
C ILE A 40 7.52 -8.36 5.73
N SER A 41 6.60 -7.41 5.83
CA SER A 41 5.86 -6.95 4.65
C SER A 41 6.13 -5.47 4.40
N ARG A 42 6.87 -5.18 3.33
CA ARG A 42 7.19 -3.80 2.99
C ARG A 42 6.11 -3.22 2.07
N VAL A 43 5.35 -2.27 2.60
CA VAL A 43 4.32 -1.60 1.84
C VAL A 43 4.95 -0.65 0.83
N GLY A 44 4.98 -1.07 -0.43
CA GLY A 44 5.57 -0.29 -1.48
C GLY A 44 4.57 0.61 -2.18
N VAL A 45 4.35 1.80 -1.62
CA VAL A 45 3.46 2.78 -2.22
C VAL A 45 4.12 3.36 -3.47
N CYS A 46 3.71 2.88 -4.63
CA CYS A 46 4.26 3.34 -5.90
C CYS A 46 3.26 4.21 -6.65
N LYS A 47 3.74 5.29 -7.24
CA LYS A 47 2.88 6.20 -8.00
C LYS A 47 2.93 5.85 -9.49
N VAL A 48 1.77 5.50 -10.04
CA VAL A 48 1.69 5.09 -11.44
C VAL A 48 1.36 6.29 -12.34
N MET A 49 1.87 6.25 -13.57
CA MET A 49 1.66 7.34 -14.52
C MET A 49 0.45 7.07 -15.41
N HIS A 50 -0.08 8.14 -16.00
CA HIS A 50 -1.27 8.06 -16.84
C HIS A 50 -0.95 7.46 -18.21
N PRO A 51 -1.82 6.55 -18.72
CA PRO A 51 -1.63 5.88 -20.02
C PRO A 51 -2.09 6.73 -21.20
N GLU A 52 -1.72 8.00 -21.19
CA GLU A 52 -1.98 8.94 -22.30
C GLU A 52 -3.47 9.24 -22.49
N GLY A 53 -4.20 8.29 -23.11
CA GLY A 53 -5.57 8.52 -23.54
C GLY A 53 -6.50 9.02 -22.44
N ASN A 54 -7.17 8.09 -21.76
CA ASN A 54 -8.09 8.44 -20.68
C ASN A 54 -7.31 8.98 -19.48
N GLY A 55 -6.01 8.75 -19.49
CA GLY A 55 -5.15 9.28 -18.46
C GLY A 55 -5.51 8.79 -17.07
N ARG A 56 -5.65 9.73 -16.14
CA ARG A 56 -5.97 9.42 -14.75
C ARG A 56 -4.88 8.54 -14.13
N SER A 57 -3.83 9.20 -13.62
CA SER A 57 -2.78 8.51 -12.89
C SER A 57 -3.25 8.22 -11.46
N GLY A 58 -2.39 7.61 -10.66
CA GLY A 58 -2.74 7.28 -9.30
C GLY A 58 -1.64 6.54 -8.60
N PHE A 59 -2.03 5.59 -7.75
CA PHE A 59 -1.06 4.81 -6.98
C PHE A 59 -1.41 3.33 -7.03
N LEU A 60 -0.39 2.51 -6.82
CA LEU A 60 -0.56 1.07 -6.72
C LEU A 60 -0.04 0.62 -5.37
N ILE A 61 -0.95 0.26 -4.48
CA ILE A 61 -0.59 -0.22 -3.16
C ILE A 61 0.04 -1.60 -3.27
N HIS A 62 1.35 -1.61 -3.55
CA HIS A 62 2.09 -2.83 -3.81
C HIS A 62 2.93 -3.22 -2.60
N GLY A 63 2.36 -4.05 -1.74
CA GLY A 63 3.11 -4.58 -0.61
C GLY A 63 3.83 -5.85 -0.98
N GLU A 64 5.15 -5.86 -0.82
CA GLU A 64 5.96 -7.02 -1.15
C GLU A 64 6.79 -7.47 0.04
N ARG A 65 7.63 -8.48 -0.20
CA ARG A 65 8.60 -8.96 0.78
C ARG A 65 7.93 -9.86 1.82
N GLN A 66 8.71 -10.84 2.29
CA GLN A 66 8.31 -11.71 3.41
C GLN A 66 9.32 -12.84 3.56
N LYS A 67 9.52 -13.59 2.49
CA LYS A 67 10.34 -14.81 2.53
C LYS A 67 10.88 -15.17 1.14
N ASP A 68 10.08 -14.96 0.10
CA ASP A 68 10.49 -15.30 -1.27
C ASP A 68 10.54 -14.07 -2.16
N LYS A 69 10.40 -12.88 -1.55
CA LYS A 69 10.15 -11.64 -2.29
C LYS A 69 8.99 -11.85 -3.26
N LEU A 70 7.79 -11.58 -2.78
CA LEU A 70 6.58 -11.81 -3.56
C LEU A 70 5.60 -10.69 -3.29
N VAL A 71 4.65 -10.51 -4.19
CA VAL A 71 3.63 -9.49 -4.04
C VAL A 71 2.55 -9.99 -3.09
N VAL A 72 2.68 -9.67 -1.82
CA VAL A 72 1.75 -10.12 -0.80
C VAL A 72 0.47 -9.28 -0.82
N LEU A 73 0.57 -8.09 -1.39
CA LEU A 73 -0.58 -7.18 -1.49
C LEU A 73 -0.37 -6.26 -2.69
N GLU A 74 -1.41 -6.10 -3.51
CA GLU A 74 -1.37 -5.18 -4.64
C GLU A 74 -2.76 -4.67 -4.96
N CYS A 75 -2.90 -3.36 -5.07
CA CYS A 75 -4.18 -2.72 -5.36
C CYS A 75 -3.94 -1.47 -6.20
N TYR A 76 -4.48 -1.46 -7.41
CA TYR A 76 -4.34 -0.32 -8.32
C TYR A 76 -5.50 0.65 -8.12
N VAL A 77 -5.23 1.94 -8.24
CA VAL A 77 -6.26 2.96 -8.07
C VAL A 77 -5.85 4.25 -8.78
N ARG A 78 -6.83 4.95 -9.34
CA ARG A 78 -6.59 6.21 -10.05
C ARG A 78 -6.60 7.38 -9.05
N LYS A 79 -6.78 8.60 -9.58
CA LYS A 79 -6.88 9.79 -8.76
C LYS A 79 -8.15 9.77 -7.90
N ASP A 80 -8.11 8.99 -6.82
CA ASP A 80 -9.19 8.93 -5.82
C ASP A 80 -8.96 7.76 -4.87
N LEU A 81 -8.35 8.05 -3.73
CA LEU A 81 -8.02 7.02 -2.75
C LEU A 81 -8.35 7.54 -1.35
N VAL A 82 -8.92 6.68 -0.51
CA VAL A 82 -9.28 7.06 0.86
C VAL A 82 -8.64 6.10 1.87
N TYR A 83 -7.92 6.66 2.84
CA TYR A 83 -7.34 5.89 3.94
C TYR A 83 -8.05 6.23 5.25
N THR A 84 -8.29 5.23 6.06
CA THR A 84 -8.97 5.40 7.33
C THR A 84 -8.21 4.67 8.44
N LYS A 85 -7.68 5.43 9.40
CA LYS A 85 -6.99 4.86 10.54
C LYS A 85 -8.00 4.51 11.62
N ALA A 86 -8.38 3.23 11.70
CA ALA A 86 -9.39 2.78 12.65
C ALA A 86 -8.77 2.55 14.03
N ASN A 87 -7.46 2.50 14.04
CA ASN A 87 -6.69 2.24 15.25
C ASN A 87 -5.26 2.73 15.01
N PRO A 88 -4.61 3.36 16.02
CA PRO A 88 -3.21 3.83 15.90
C PRO A 88 -2.26 2.79 15.30
N THR A 89 -2.62 1.50 15.39
CA THR A 89 -1.78 0.43 14.86
C THR A 89 -2.49 -0.33 13.72
N PHE A 90 -3.57 0.25 13.20
CA PHE A 90 -4.36 -0.38 12.14
C PHE A 90 -4.93 0.67 11.18
N HIS A 91 -4.47 0.63 9.93
CA HIS A 91 -4.90 1.56 8.89
C HIS A 91 -5.51 0.78 7.74
N HIS A 92 -6.76 1.08 7.39
CA HIS A 92 -7.42 0.37 6.29
C HIS A 92 -7.84 1.34 5.19
N TRP A 93 -8.23 0.79 4.04
CA TRP A 93 -8.60 1.58 2.89
C TRP A 93 -9.57 0.79 2.00
N LYS A 94 -10.60 1.47 1.50
CA LYS A 94 -11.53 0.88 0.55
C LYS A 94 -11.10 1.24 -0.87
N VAL A 95 -10.59 0.26 -1.61
CA VAL A 95 -10.14 0.48 -2.98
C VAL A 95 -10.59 -0.65 -3.89
N ASP A 96 -10.78 -0.30 -5.17
CA ASP A 96 -11.07 -1.26 -6.23
C ASP A 96 -12.36 -2.04 -5.98
N ASN A 97 -12.30 -3.05 -5.11
CA ASN A 97 -13.44 -3.94 -4.88
C ASN A 97 -13.70 -4.21 -3.40
N ARG A 98 -12.69 -4.04 -2.54
CA ARG A 98 -12.83 -4.44 -1.14
C ARG A 98 -12.04 -3.50 -0.22
N LYS A 99 -12.18 -3.71 1.08
CA LYS A 99 -11.50 -2.90 2.09
C LYS A 99 -10.28 -3.64 2.61
N PHE A 100 -9.09 -3.20 2.24
CA PHE A 100 -7.85 -3.84 2.68
C PHE A 100 -7.22 -3.00 3.79
N GLY A 101 -6.24 -3.55 4.49
CA GLY A 101 -5.63 -2.81 5.58
C GLY A 101 -4.26 -3.33 5.95
N LEU A 102 -3.64 -2.68 6.93
CA LEU A 102 -2.33 -3.09 7.43
C LEU A 102 -2.19 -2.75 8.91
N THR A 103 -1.33 -3.50 9.59
CA THR A 103 -1.00 -3.26 10.98
C THR A 103 0.40 -2.64 11.08
N PHE A 104 0.50 -1.51 11.79
CA PHE A 104 1.76 -0.80 11.94
C PHE A 104 2.70 -1.53 12.89
N GLN A 105 3.95 -1.08 12.93
CA GLN A 105 4.97 -1.67 13.77
C GLN A 105 5.29 -0.75 14.96
N SER A 106 5.29 0.55 14.69
CA SER A 106 5.54 1.56 15.71
C SER A 106 4.84 2.87 15.34
N PRO A 107 4.55 3.75 16.33
CA PRO A 107 3.94 5.06 16.05
C PRO A 107 4.76 5.89 15.07
N ALA A 108 6.06 5.57 14.97
CA ALA A 108 6.95 6.21 14.00
C ALA A 108 6.47 5.97 12.58
N ASP A 109 6.46 4.69 12.17
CA ASP A 109 5.99 4.31 10.83
C ASP A 109 4.50 4.59 10.69
N ALA A 110 3.77 4.52 11.79
CA ALA A 110 2.35 4.85 11.80
C ALA A 110 2.12 6.29 11.34
N ARG A 111 2.83 7.22 11.99
CA ARG A 111 2.71 8.64 11.67
C ARG A 111 3.28 8.92 10.28
N ALA A 112 4.45 8.33 10.00
CA ALA A 112 5.14 8.53 8.74
C ALA A 112 4.27 8.09 7.57
N PHE A 113 3.59 6.94 7.74
CA PHE A 113 2.73 6.40 6.70
C PHE A 113 1.44 7.22 6.61
N ASP A 114 0.91 7.63 7.76
CA ASP A 114 -0.31 8.44 7.81
C ASP A 114 -0.10 9.77 7.11
N ARG A 115 0.77 10.58 7.69
CA ARG A 115 1.12 11.88 7.12
C ARG A 115 1.65 11.71 5.70
N GLY A 116 2.44 10.66 5.48
CA GLY A 116 2.99 10.39 4.16
C GLY A 116 1.91 10.18 3.12
N VAL A 117 0.94 9.31 3.41
CA VAL A 117 -0.12 9.02 2.47
C VAL A 117 -1.05 10.22 2.33
N ARG A 118 -1.16 11.01 3.40
CA ARG A 118 -1.97 12.23 3.37
C ARG A 118 -1.39 13.21 2.35
N LYS A 119 -0.08 13.41 2.39
CA LYS A 119 0.58 14.29 1.43
C LYS A 119 0.47 13.73 0.02
N ALA A 120 0.64 12.41 -0.09
CA ALA A 120 0.51 11.71 -1.38
C ALA A 120 -0.87 11.96 -1.97
N ILE A 121 -1.90 11.83 -1.13
CA ILE A 121 -3.27 12.08 -1.55
C ILE A 121 -3.46 13.55 -1.93
N GLU A 122 -2.82 14.44 -1.17
CA GLU A 122 -2.91 15.87 -1.42
C GLU A 122 -2.43 16.20 -2.83
N ASP A 123 -1.25 15.70 -3.20
CA ASP A 123 -0.70 15.92 -4.54
C ASP A 123 -1.48 15.13 -5.59
N LEU A 124 -2.03 14.00 -5.16
CA LEU A 124 -2.80 13.13 -6.06
C LEU A 124 -4.08 13.82 -6.52
N ILE A 125 -4.88 14.28 -5.57
CA ILE A 125 -6.19 14.85 -5.87
C ILE A 125 -6.08 16.32 -6.27
N GLU A 126 -5.16 17.05 -5.63
CA GLU A 126 -4.98 18.47 -5.86
C GLU A 126 -6.29 19.22 -5.55
N GLY A 1 27.17 -0.44 -4.90
CA GLY A 1 26.19 -1.24 -5.65
C GLY A 1 25.24 -0.38 -6.46
N SER A 2 24.28 -1.00 -7.12
CA SER A 2 23.28 -0.28 -7.91
C SER A 2 22.03 -0.02 -7.08
N MET A 3 22.25 0.25 -5.78
CA MET A 3 21.16 0.46 -4.81
C MET A 3 20.42 -0.86 -4.56
N THR A 4 19.27 -0.79 -3.90
CA THR A 4 18.50 -1.98 -3.57
C THR A 4 17.00 -1.70 -3.60
N GLU A 5 16.37 -2.04 -4.72
CA GLU A 5 14.92 -1.97 -4.86
C GLU A 5 14.41 -3.17 -5.63
N GLU A 6 13.10 -3.28 -5.78
CA GLU A 6 12.49 -4.36 -6.54
C GLU A 6 12.53 -4.04 -8.02
N THR A 7 12.27 -5.05 -8.85
CA THR A 7 12.26 -4.89 -10.30
C THR A 7 10.86 -5.14 -10.84
N HIS A 8 9.87 -5.02 -9.94
CA HIS A 8 8.47 -5.24 -10.27
C HIS A 8 7.92 -4.08 -11.10
N PRO A 9 6.69 -4.21 -11.65
CA PRO A 9 6.02 -3.11 -12.38
C PRO A 9 6.15 -1.76 -11.67
N ASP A 10 6.66 -0.77 -12.39
CA ASP A 10 6.87 0.58 -11.84
C ASP A 10 7.94 0.55 -10.75
N ASP A 11 8.96 -0.28 -10.98
CA ASP A 11 10.12 -0.38 -10.08
C ASP A 11 10.77 0.97 -9.88
N ASP A 12 10.65 1.83 -10.89
CA ASP A 12 11.21 3.18 -10.85
C ASP A 12 10.35 4.11 -9.99
N SER A 13 9.07 3.77 -9.86
CA SER A 13 8.09 4.66 -9.23
C SER A 13 8.00 4.44 -7.72
N TYR A 14 8.67 3.39 -7.21
CA TYR A 14 8.65 3.10 -5.77
C TYR A 14 9.32 4.23 -4.99
N ILE A 15 8.51 5.18 -4.53
CA ILE A 15 9.01 6.33 -3.79
C ILE A 15 9.21 6.01 -2.32
N VAL A 16 8.23 5.34 -1.70
CA VAL A 16 8.29 5.02 -0.28
C VAL A 16 8.10 3.52 -0.06
N ARG A 17 9.10 2.89 0.57
CA ARG A 17 9.04 1.47 0.87
C ARG A 17 9.28 1.23 2.36
N VAL A 18 8.22 0.95 3.09
CA VAL A 18 8.31 0.66 4.52
C VAL A 18 7.78 -0.75 4.80
N LYS A 19 7.87 -1.18 6.05
CA LYS A 19 7.44 -2.53 6.44
C LYS A 19 6.49 -2.46 7.62
N ALA A 20 5.35 -3.16 7.49
CA ALA A 20 4.33 -3.21 8.53
C ALA A 20 3.44 -4.44 8.32
N VAL A 21 2.45 -4.61 9.18
CA VAL A 21 1.57 -5.78 9.12
C VAL A 21 0.32 -5.48 8.28
N VAL A 22 0.33 -5.92 7.04
CA VAL A 22 -0.80 -5.69 6.15
C VAL A 22 -1.90 -6.73 6.38
N MET A 23 -2.99 -6.30 7.01
CA MET A 23 -4.14 -7.16 7.27
C MET A 23 -5.08 -7.15 6.07
N THR A 24 -5.79 -8.26 5.88
CA THR A 24 -6.77 -8.37 4.81
C THR A 24 -8.13 -8.73 5.39
N ARG A 25 -9.18 -8.31 4.69
CA ARG A 25 -10.55 -8.54 5.14
C ARG A 25 -11.32 -9.29 4.06
N ASP A 26 -11.55 -10.59 4.28
CA ASP A 26 -12.26 -11.42 3.30
C ASP A 26 -13.77 -11.21 3.46
N ASP A 27 -14.18 -9.95 3.36
CA ASP A 27 -15.58 -9.55 3.53
C ASP A 27 -16.09 -9.96 4.91
N SER A 28 -15.15 -10.15 5.83
CA SER A 28 -15.44 -10.54 7.19
C SER A 28 -16.18 -9.41 7.93
N SER A 29 -16.93 -9.77 8.98
CA SER A 29 -17.64 -8.79 9.79
C SER A 29 -16.65 -7.83 10.46
N GLY A 30 -15.57 -8.38 10.99
CA GLY A 30 -14.52 -7.56 11.60
C GLY A 30 -13.23 -8.34 11.80
N GLY A 31 -13.17 -9.53 11.21
CA GLY A 31 -11.99 -10.37 11.34
C GLY A 31 -10.90 -10.00 10.36
N TRP A 32 -10.14 -8.96 10.68
CA TRP A 32 -8.98 -8.56 9.87
C TRP A 32 -7.86 -9.56 10.09
N PHE A 33 -7.72 -10.50 9.14
CA PHE A 33 -6.76 -11.58 9.30
C PHE A 33 -5.46 -11.28 8.53
N PRO A 34 -4.31 -11.64 9.11
CA PRO A 34 -3.00 -11.43 8.48
C PRO A 34 -2.78 -12.39 7.31
N GLN A 35 -2.26 -11.86 6.22
CA GLN A 35 -2.00 -12.66 5.02
C GLN A 35 -0.57 -13.20 5.00
N GLU A 36 -0.43 -14.42 4.46
CA GLU A 36 0.88 -15.06 4.22
C GLU A 36 1.88 -14.87 5.37
N GLY A 37 2.56 -13.72 5.37
CA GLY A 37 3.62 -13.47 6.33
C GLY A 37 3.15 -13.55 7.77
N GLY A 38 1.88 -13.20 7.99
CA GLY A 38 1.32 -13.21 9.33
C GLY A 38 1.95 -12.17 10.23
N GLY A 39 2.70 -11.26 9.63
CA GLY A 39 3.39 -10.22 10.36
C GLY A 39 3.93 -9.14 9.45
N ILE A 40 5.24 -8.92 9.50
CA ILE A 40 5.87 -7.86 8.72
C ILE A 40 5.75 -8.12 7.20
N SER A 41 5.41 -7.07 6.47
CA SER A 41 5.35 -7.11 5.01
C SER A 41 5.82 -5.75 4.47
N ARG A 42 6.70 -5.78 3.47
CA ARG A 42 7.24 -4.56 2.89
C ARG A 42 6.19 -3.93 1.97
N VAL A 43 5.54 -2.88 2.46
CA VAL A 43 4.56 -2.14 1.67
C VAL A 43 5.24 -0.99 0.93
N GLY A 44 5.32 -1.14 -0.38
CA GLY A 44 5.95 -0.13 -1.22
C GLY A 44 4.93 0.64 -2.02
N VAL A 45 4.65 1.86 -1.59
CA VAL A 45 3.69 2.71 -2.29
C VAL A 45 4.41 3.48 -3.40
N CYS A 46 3.89 3.35 -4.61
CA CYS A 46 4.49 3.98 -5.78
C CYS A 46 3.46 4.82 -6.53
N LYS A 47 3.80 6.08 -6.79
CA LYS A 47 2.93 6.97 -7.55
C LYS A 47 3.10 6.70 -9.04
N VAL A 48 2.19 5.92 -9.61
CA VAL A 48 2.21 5.63 -11.03
C VAL A 48 1.76 6.86 -11.81
N MET A 49 2.70 7.75 -12.09
CA MET A 49 2.41 8.98 -12.80
C MET A 49 2.55 8.78 -14.30
N HIS A 50 1.74 9.51 -15.05
CA HIS A 50 1.71 9.41 -16.50
C HIS A 50 2.10 10.76 -17.11
N PRO A 51 2.54 10.78 -18.38
CA PRO A 51 2.88 12.03 -19.09
C PRO A 51 1.62 12.85 -19.46
N GLU A 52 0.67 12.94 -18.53
CA GLU A 52 -0.55 13.71 -18.71
C GLU A 52 -1.35 13.24 -19.93
N GLY A 53 -1.07 12.02 -20.38
CA GLY A 53 -1.73 11.48 -21.56
C GLY A 53 -2.57 10.25 -21.25
N ASN A 54 -2.73 9.40 -22.27
CA ASN A 54 -3.58 8.21 -22.18
C ASN A 54 -3.04 7.21 -21.16
N GLY A 55 -1.80 7.41 -20.73
CA GLY A 55 -1.19 6.56 -19.73
C GLY A 55 -1.99 6.52 -18.43
N ARG A 56 -2.04 5.35 -17.79
CA ARG A 56 -2.79 5.20 -16.54
C ARG A 56 -2.11 5.95 -15.40
N SER A 57 -2.92 6.57 -14.54
CA SER A 57 -2.41 7.32 -13.41
C SER A 57 -3.05 6.83 -12.11
N GLY A 58 -2.22 6.60 -11.10
CA GLY A 58 -2.71 6.13 -9.81
C GLY A 58 -1.58 5.77 -8.86
N PHE A 59 -1.91 5.00 -7.84
CA PHE A 59 -0.92 4.57 -6.85
C PHE A 59 -0.98 3.06 -6.70
N LEU A 60 0.16 2.39 -6.87
CA LEU A 60 0.21 0.93 -6.75
C LEU A 60 0.61 0.57 -5.32
N ILE A 61 -0.36 0.05 -4.55
CA ILE A 61 -0.07 -0.45 -3.22
C ILE A 61 0.51 -1.86 -3.34
N HIS A 62 1.84 -1.93 -3.41
CA HIS A 62 2.53 -3.19 -3.65
C HIS A 62 3.26 -3.67 -2.39
N GLY A 63 2.71 -4.71 -1.77
CA GLY A 63 3.32 -5.28 -0.57
C GLY A 63 3.81 -6.69 -0.81
N GLU A 64 4.98 -7.02 -0.29
CA GLU A 64 5.55 -8.36 -0.46
C GLU A 64 5.77 -9.03 0.89
N ARG A 65 5.89 -10.36 0.88
CA ARG A 65 6.16 -11.13 2.07
C ARG A 65 7.66 -11.12 2.34
N GLN A 66 8.07 -10.66 3.51
CA GLN A 66 9.50 -10.50 3.83
C GLN A 66 10.26 -11.81 3.71
N LYS A 67 10.91 -11.99 2.56
CA LYS A 67 11.80 -13.11 2.32
C LYS A 67 13.01 -12.60 1.53
N ASP A 68 12.75 -12.31 0.26
CA ASP A 68 13.76 -11.85 -0.68
C ASP A 68 13.07 -11.15 -1.85
N LYS A 69 12.04 -11.81 -2.37
CA LYS A 69 11.22 -11.30 -3.47
C LYS A 69 9.98 -12.19 -3.64
N LEU A 70 8.85 -11.77 -3.10
CA LEU A 70 7.61 -12.55 -3.19
C LEU A 70 6.40 -11.63 -2.99
N VAL A 71 5.67 -11.39 -4.09
CA VAL A 71 4.52 -10.49 -4.07
C VAL A 71 3.29 -11.17 -3.48
N VAL A 72 2.70 -10.55 -2.46
CA VAL A 72 1.51 -11.10 -1.81
C VAL A 72 0.33 -10.12 -1.84
N LEU A 73 0.65 -8.82 -1.86
CA LEU A 73 -0.38 -7.79 -1.82
C LEU A 73 -0.20 -6.86 -3.03
N GLU A 74 -1.21 -6.85 -3.90
CA GLU A 74 -1.22 -5.96 -5.06
C GLU A 74 -2.56 -5.24 -5.13
N CYS A 75 -2.55 -3.96 -4.81
CA CYS A 75 -3.75 -3.14 -4.84
C CYS A 75 -3.47 -1.81 -5.51
N TYR A 76 -3.43 -1.82 -6.84
CA TYR A 76 -3.26 -0.59 -7.61
C TYR A 76 -4.54 0.23 -7.56
N VAL A 77 -4.51 1.31 -6.79
CA VAL A 77 -5.67 2.19 -6.68
C VAL A 77 -5.67 3.14 -7.88
N ARG A 78 -6.67 3.00 -8.72
CA ARG A 78 -6.73 3.76 -9.96
C ARG A 78 -7.28 5.15 -9.69
N LYS A 79 -6.55 5.90 -8.86
CA LYS A 79 -7.00 7.21 -8.35
C LYS A 79 -8.19 7.05 -7.38
N ASP A 80 -8.64 5.81 -7.22
CA ASP A 80 -9.67 5.47 -6.24
C ASP A 80 -8.99 5.07 -4.92
N LEU A 81 -8.68 6.07 -4.10
CA LEU A 81 -7.91 5.85 -2.88
C LEU A 81 -8.60 6.54 -1.71
N VAL A 82 -9.21 5.74 -0.83
CA VAL A 82 -9.85 6.25 0.37
C VAL A 82 -9.28 5.57 1.61
N TYR A 83 -8.25 6.18 2.20
CA TYR A 83 -7.62 5.66 3.40
C TYR A 83 -8.44 6.06 4.64
N THR A 84 -9.22 5.12 5.16
CA THR A 84 -10.02 5.36 6.34
C THR A 84 -9.22 4.97 7.59
N LYS A 85 -9.12 5.89 8.54
CA LYS A 85 -8.35 5.66 9.76
C LYS A 85 -9.25 5.12 10.87
N ALA A 86 -9.04 3.86 11.24
CA ALA A 86 -9.76 3.25 12.35
C ALA A 86 -8.98 3.46 13.64
N ASN A 87 -7.67 3.25 13.55
CA ASN A 87 -6.75 3.46 14.66
C ASN A 87 -5.49 4.12 14.14
N PRO A 88 -4.76 4.88 14.97
CA PRO A 88 -3.50 5.51 14.57
C PRO A 88 -2.50 4.48 14.01
N THR A 89 -2.63 3.23 14.47
CA THR A 89 -1.76 2.14 14.03
C THR A 89 -2.50 1.19 13.09
N PHE A 90 -3.72 1.56 12.67
CA PHE A 90 -4.51 0.72 11.78
C PHE A 90 -5.26 1.59 10.75
N HIS A 91 -4.73 1.61 9.53
CA HIS A 91 -5.38 2.29 8.41
C HIS A 91 -5.96 1.26 7.45
N HIS A 92 -7.21 1.45 7.04
CA HIS A 92 -7.83 0.54 6.09
C HIS A 92 -8.40 1.32 4.91
N TRP A 93 -8.07 0.89 3.70
CA TRP A 93 -8.56 1.54 2.49
C TRP A 93 -9.57 0.64 1.78
N LYS A 94 -10.51 1.27 1.10
CA LYS A 94 -11.57 0.55 0.40
C LYS A 94 -11.40 0.72 -1.10
N VAL A 95 -11.28 -0.39 -1.81
CA VAL A 95 -11.18 -0.40 -3.27
C VAL A 95 -12.26 -1.30 -3.86
N ASP A 96 -13.03 -0.74 -4.80
CA ASP A 96 -14.12 -1.47 -5.46
C ASP A 96 -15.16 -1.94 -4.43
N ASN A 97 -14.86 -3.05 -3.77
CA ASN A 97 -15.80 -3.65 -2.81
C ASN A 97 -15.11 -4.03 -1.50
N ARG A 98 -13.82 -4.33 -1.56
CA ARG A 98 -13.11 -4.87 -0.39
C ARG A 98 -12.24 -3.83 0.30
N LYS A 99 -11.98 -4.09 1.58
CA LYS A 99 -11.16 -3.22 2.41
C LYS A 99 -9.93 -3.97 2.89
N PHE A 100 -8.78 -3.30 2.87
CA PHE A 100 -7.54 -3.88 3.36
C PHE A 100 -6.96 -2.97 4.45
N GLY A 101 -6.47 -3.56 5.53
CA GLY A 101 -6.08 -2.79 6.70
C GLY A 101 -4.60 -2.87 7.00
N LEU A 102 -3.86 -1.82 6.62
CA LEU A 102 -2.43 -1.74 6.90
C LEU A 102 -2.23 -1.42 8.39
N THR A 103 -1.84 -2.44 9.16
CA THR A 103 -1.61 -2.29 10.58
C THR A 103 -0.12 -2.07 10.84
N PHE A 104 0.21 -0.88 11.35
CA PHE A 104 1.60 -0.50 11.57
C PHE A 104 2.21 -1.25 12.74
N GLN A 105 3.54 -1.17 12.87
CA GLN A 105 4.26 -1.91 13.89
C GLN A 105 4.88 -0.99 14.94
N SER A 106 5.27 0.21 14.52
CA SER A 106 5.87 1.18 15.44
C SER A 106 5.32 2.58 15.16
N PRO A 107 5.25 3.45 16.20
CA PRO A 107 4.80 4.84 16.02
C PRO A 107 5.59 5.56 14.93
N ALA A 108 6.84 5.14 14.73
CA ALA A 108 7.68 5.70 13.67
C ALA A 108 7.06 5.49 12.30
N ASP A 109 6.94 4.24 11.88
CA ASP A 109 6.36 3.89 10.58
C ASP A 109 4.88 4.29 10.52
N ALA A 110 4.21 4.23 11.65
CA ALA A 110 2.80 4.63 11.75
C ALA A 110 2.62 6.08 11.33
N ARG A 111 3.28 6.98 12.05
CA ARG A 111 3.15 8.43 11.80
C ARG A 111 3.76 8.79 10.43
N ALA A 112 4.80 8.06 10.04
CA ALA A 112 5.48 8.29 8.77
C ALA A 112 4.54 8.02 7.60
N PHE A 113 3.98 6.81 7.54
CA PHE A 113 3.13 6.41 6.45
C PHE A 113 1.78 7.14 6.53
N ASP A 114 1.38 7.50 7.75
CA ASP A 114 0.18 8.33 7.97
C ASP A 114 0.32 9.62 7.18
N ARG A 115 1.33 10.39 7.55
CA ARG A 115 1.66 11.64 6.89
C ARG A 115 1.89 11.43 5.39
N GLY A 116 2.52 10.30 5.06
CA GLY A 116 2.82 9.98 3.69
C GLY A 116 1.58 9.79 2.83
N VAL A 117 0.68 8.92 3.27
CA VAL A 117 -0.53 8.62 2.52
C VAL A 117 -1.45 9.85 2.51
N ARG A 118 -1.42 10.61 3.61
CA ARG A 118 -2.13 11.88 3.67
C ARG A 118 -1.67 12.77 2.53
N LYS A 119 -0.36 12.92 2.40
CA LYS A 119 0.23 13.72 1.34
C LYS A 119 -0.25 13.22 -0.03
N ALA A 120 -0.21 11.91 -0.22
CA ALA A 120 -0.66 11.28 -1.45
C ALA A 120 -2.11 11.65 -1.77
N ILE A 121 -2.95 11.63 -0.73
CA ILE A 121 -4.34 12.04 -0.87
C ILE A 121 -4.43 13.50 -1.30
N GLU A 122 -3.55 14.31 -0.74
CA GLU A 122 -3.51 15.73 -1.06
C GLU A 122 -3.09 15.93 -2.52
N ASP A 123 -2.15 15.12 -2.99
CA ASP A 123 -1.73 15.13 -4.39
C ASP A 123 -2.90 14.71 -5.28
N LEU A 124 -3.68 13.76 -4.78
CA LEU A 124 -4.79 13.18 -5.53
C LEU A 124 -5.95 14.17 -5.66
N ILE A 125 -6.44 14.67 -4.53
CA ILE A 125 -7.66 15.48 -4.52
C ILE A 125 -7.59 16.59 -3.46
N GLU A 126 -6.40 16.78 -2.87
CA GLU A 126 -6.21 17.74 -1.76
C GLU A 126 -7.01 17.30 -0.53
N GLY A 1 10.60 1.44 -19.46
CA GLY A 1 11.40 1.39 -20.71
C GLY A 1 10.69 0.61 -21.80
N SER A 2 11.31 -0.47 -22.27
CA SER A 2 10.70 -1.34 -23.25
C SER A 2 9.41 -1.92 -22.68
N MET A 3 9.47 -2.29 -21.40
CA MET A 3 8.31 -2.75 -20.66
C MET A 3 7.79 -1.63 -19.78
N THR A 4 6.54 -1.74 -19.36
CA THR A 4 5.92 -0.75 -18.49
C THR A 4 6.46 -0.87 -17.07
N GLU A 5 6.09 0.07 -16.20
CA GLU A 5 6.48 0.03 -14.80
C GLU A 5 5.83 -1.16 -14.09
N GLU A 6 6.48 -2.31 -14.23
CA GLU A 6 6.09 -3.53 -13.53
C GLU A 6 6.71 -3.51 -12.14
N THR A 7 7.98 -3.12 -12.11
CA THR A 7 8.73 -2.93 -10.87
C THR A 7 8.87 -4.27 -10.12
N HIS A 8 9.20 -4.21 -8.82
CA HIS A 8 9.50 -5.38 -7.97
C HIS A 8 11.02 -5.65 -7.92
N PRO A 9 11.68 -6.22 -8.98
CA PRO A 9 13.13 -6.35 -8.98
C PRO A 9 13.82 -5.12 -9.59
N ASP A 10 12.99 -4.19 -10.09
CA ASP A 10 13.48 -2.94 -10.67
C ASP A 10 13.64 -1.89 -9.58
N ASP A 11 12.58 -1.70 -8.79
CA ASP A 11 12.60 -0.90 -7.56
C ASP A 11 12.60 0.62 -7.83
N ASP A 12 13.06 1.04 -9.01
CA ASP A 12 13.20 2.48 -9.29
C ASP A 12 11.85 3.21 -9.18
N SER A 13 10.77 2.51 -9.50
CA SER A 13 9.44 3.09 -9.46
C SER A 13 8.93 3.27 -8.01
N TYR A 14 9.59 2.60 -7.06
CA TYR A 14 9.24 2.72 -5.64
C TYR A 14 9.50 4.15 -5.14
N ILE A 15 8.46 4.78 -4.62
CA ILE A 15 8.60 6.09 -3.98
C ILE A 15 8.59 5.92 -2.46
N VAL A 16 7.80 4.95 -1.99
CA VAL A 16 7.71 4.64 -0.56
C VAL A 16 7.67 3.11 -0.37
N ARG A 17 8.51 2.60 0.52
CA ARG A 17 8.52 1.17 0.84
C ARG A 17 8.80 0.97 2.33
N VAL A 18 7.72 0.91 3.11
CA VAL A 18 7.82 0.77 4.56
C VAL A 18 7.40 -0.63 5.01
N LYS A 19 7.81 -1.02 6.22
CA LYS A 19 7.48 -2.31 6.79
C LYS A 19 6.21 -2.21 7.65
N ALA A 20 5.26 -3.10 7.42
CA ALA A 20 4.01 -3.14 8.17
C ALA A 20 3.30 -4.48 7.99
N VAL A 21 2.42 -4.82 8.93
CA VAL A 21 1.67 -6.07 8.85
C VAL A 21 0.35 -5.86 8.10
N VAL A 22 0.29 -6.33 6.86
CA VAL A 22 -0.89 -6.12 6.02
C VAL A 22 -2.00 -7.12 6.34
N MET A 23 -3.11 -6.59 6.83
CA MET A 23 -4.28 -7.40 7.18
C MET A 23 -5.32 -7.33 6.06
N THR A 24 -6.26 -8.27 6.06
CA THR A 24 -7.30 -8.32 5.04
C THR A 24 -8.66 -8.61 5.65
N ARG A 25 -9.71 -8.24 4.93
CA ARG A 25 -11.08 -8.44 5.38
C ARG A 25 -11.91 -8.96 4.21
N ASP A 26 -12.13 -10.27 4.21
CA ASP A 26 -12.76 -10.95 3.08
C ASP A 26 -14.18 -10.46 2.85
N ASP A 27 -14.35 -9.63 1.80
CA ASP A 27 -15.64 -9.10 1.38
C ASP A 27 -16.30 -8.28 2.49
N SER A 28 -16.88 -8.96 3.49
CA SER A 28 -17.56 -8.29 4.59
C SER A 28 -17.37 -9.04 5.91
N SER A 29 -16.30 -9.83 6.00
CA SER A 29 -15.99 -10.60 7.21
C SER A 29 -16.00 -9.70 8.46
N GLY A 30 -16.48 -10.24 9.57
CA GLY A 30 -16.59 -9.46 10.80
C GLY A 30 -15.27 -9.38 11.55
N GLY A 31 -14.27 -8.80 10.93
CA GLY A 31 -12.97 -8.65 11.56
C GLY A 31 -11.86 -8.46 10.55
N TRP A 32 -10.62 -8.54 11.01
CA TRP A 32 -9.45 -8.41 10.14
C TRP A 32 -8.52 -9.59 10.36
N PHE A 33 -8.33 -10.41 9.32
CA PHE A 33 -7.53 -11.62 9.44
C PHE A 33 -6.23 -11.50 8.67
N PRO A 34 -5.15 -12.16 9.14
CA PRO A 34 -3.86 -12.18 8.46
C PRO A 34 -3.87 -13.16 7.28
N GLN A 35 -2.98 -12.94 6.33
CA GLN A 35 -2.88 -13.77 5.14
C GLN A 35 -1.41 -14.09 4.84
N GLU A 36 -1.08 -14.33 3.57
CA GLU A 36 0.28 -14.72 3.17
C GLU A 36 1.32 -13.71 3.69
N GLY A 37 0.87 -12.50 3.99
CA GLY A 37 1.73 -11.49 4.60
C GLY A 37 1.32 -11.17 6.02
N GLY A 38 1.07 -12.23 6.79
CA GLY A 38 0.65 -12.06 8.18
C GLY A 38 1.78 -11.58 9.08
N GLY A 39 3.01 -11.77 8.62
CA GLY A 39 4.17 -11.32 9.38
C GLY A 39 4.67 -9.96 8.90
N ILE A 40 5.97 -9.73 9.05
CA ILE A 40 6.59 -8.48 8.64
C ILE A 40 6.52 -8.33 7.11
N SER A 41 5.54 -7.57 6.66
CA SER A 41 5.34 -7.33 5.24
C SER A 41 5.78 -5.92 4.87
N ARG A 42 5.57 -5.55 3.60
CA ARG A 42 5.99 -4.25 3.10
C ARG A 42 4.84 -3.57 2.35
N VAL A 43 4.65 -2.29 2.63
CA VAL A 43 3.72 -1.47 1.87
C VAL A 43 4.51 -0.65 0.86
N GLY A 44 4.62 -1.18 -0.36
CA GLY A 44 5.45 -0.56 -1.37
C GLY A 44 4.68 0.30 -2.34
N VAL A 45 4.56 1.58 -2.03
CA VAL A 45 3.93 2.53 -2.93
C VAL A 45 4.88 2.87 -4.07
N CYS A 46 4.54 2.40 -5.26
CA CYS A 46 5.38 2.61 -6.45
C CYS A 46 4.59 3.34 -7.53
N LYS A 47 5.22 4.30 -8.18
CA LYS A 47 4.57 5.08 -9.24
C LYS A 47 4.67 4.36 -10.58
N VAL A 48 3.53 4.01 -11.14
CA VAL A 48 3.45 3.44 -12.48
C VAL A 48 3.27 4.55 -13.50
N MET A 49 4.23 4.70 -14.40
CA MET A 49 4.18 5.75 -15.41
C MET A 49 3.40 5.29 -16.63
N HIS A 50 2.78 6.24 -17.30
CA HIS A 50 1.99 5.97 -18.49
C HIS A 50 2.39 6.94 -19.60
N PRO A 51 2.14 6.60 -20.88
CA PRO A 51 2.46 7.48 -22.01
C PRO A 51 1.89 8.88 -21.81
N GLU A 52 2.73 9.90 -22.06
CA GLU A 52 2.36 11.31 -21.91
C GLU A 52 2.21 11.67 -20.42
N GLY A 53 3.35 11.86 -19.76
CA GLY A 53 3.36 12.18 -18.34
C GLY A 53 4.21 11.22 -17.53
N ASN A 54 5.23 11.74 -16.86
CA ASN A 54 6.14 10.92 -16.04
C ASN A 54 6.25 11.48 -14.62
N GLY A 55 5.62 12.62 -14.38
CA GLY A 55 5.64 13.23 -13.06
C GLY A 55 4.57 12.65 -12.15
N ARG A 56 3.35 13.08 -12.36
CA ARG A 56 2.21 12.58 -11.59
C ARG A 56 1.78 11.23 -12.17
N SER A 57 2.25 10.16 -11.55
CA SER A 57 1.99 8.80 -12.03
C SER A 57 1.03 8.08 -11.08
N GLY A 58 0.61 6.87 -11.48
CA GLY A 58 -0.28 6.07 -10.65
C GLY A 58 0.42 5.49 -9.44
N PHE A 59 -0.30 5.35 -8.34
CA PHE A 59 0.29 4.83 -7.10
C PHE A 59 -0.10 3.38 -6.88
N LEU A 60 0.79 2.48 -7.28
CA LEU A 60 0.57 1.05 -7.10
C LEU A 60 0.93 0.65 -5.68
N ILE A 61 -0.07 0.31 -4.87
CA ILE A 61 0.17 -0.20 -3.54
C ILE A 61 0.64 -1.65 -3.63
N HIS A 62 1.95 -1.80 -3.80
CA HIS A 62 2.57 -3.11 -4.00
C HIS A 62 2.96 -3.71 -2.65
N GLY A 63 2.13 -4.63 -2.16
CA GLY A 63 2.37 -5.24 -0.87
C GLY A 63 3.20 -6.50 -0.98
N GLU A 64 4.40 -6.47 -0.42
CA GLU A 64 5.30 -7.63 -0.43
C GLU A 64 5.63 -8.08 0.99
N ARG A 65 6.60 -8.99 1.08
CA ARG A 65 7.18 -9.37 2.35
C ARG A 65 8.27 -8.36 2.74
N GLN A 66 8.97 -8.65 3.83
CA GLN A 66 10.08 -7.81 4.29
C GLN A 66 11.13 -7.65 3.18
N LYS A 67 11.34 -8.71 2.39
CA LYS A 67 12.32 -8.71 1.31
C LYS A 67 11.62 -8.83 -0.04
N ASP A 68 12.22 -8.22 -1.06
CA ASP A 68 11.65 -8.23 -2.42
C ASP A 68 11.72 -9.63 -3.01
N LYS A 69 10.57 -10.30 -3.07
CA LYS A 69 10.49 -11.66 -3.60
C LYS A 69 9.05 -12.17 -3.66
N LEU A 70 8.26 -11.86 -2.64
CA LEU A 70 6.89 -12.36 -2.54
C LEU A 70 5.88 -11.22 -2.45
N VAL A 71 5.04 -11.12 -3.48
CA VAL A 71 3.97 -10.13 -3.52
C VAL A 71 2.71 -10.68 -2.86
N VAL A 72 2.36 -10.15 -1.69
CA VAL A 72 1.20 -10.63 -0.94
C VAL A 72 -0.06 -9.85 -1.31
N LEU A 73 0.08 -8.56 -1.56
CA LEU A 73 -1.05 -7.70 -1.97
C LEU A 73 -0.66 -6.84 -3.16
N GLU A 74 -1.65 -6.48 -3.97
CA GLU A 74 -1.44 -5.59 -5.11
C GLU A 74 -2.69 -4.75 -5.31
N CYS A 75 -2.56 -3.44 -5.13
CA CYS A 75 -3.69 -2.53 -5.25
C CYS A 75 -3.25 -1.22 -5.94
N TYR A 76 -3.22 -1.24 -7.26
CA TYR A 76 -2.91 -0.06 -8.06
C TYR A 76 -4.04 0.97 -7.95
N VAL A 77 -3.70 2.18 -7.50
CA VAL A 77 -4.66 3.27 -7.40
C VAL A 77 -4.08 4.55 -7.99
N ARG A 78 -4.78 5.11 -8.97
CA ARG A 78 -4.35 6.36 -9.61
C ARG A 78 -5.29 7.50 -9.24
N LYS A 79 -6.52 7.14 -8.94
CA LYS A 79 -7.52 8.09 -8.43
C LYS A 79 -8.56 7.31 -7.64
N ASP A 80 -8.15 6.14 -7.18
CA ASP A 80 -9.04 5.17 -6.54
C ASP A 80 -8.63 4.99 -5.08
N LEU A 81 -7.72 5.85 -4.63
CA LEU A 81 -7.10 5.72 -3.32
C LEU A 81 -8.05 6.24 -2.23
N VAL A 82 -8.67 5.31 -1.49
CA VAL A 82 -9.55 5.67 -0.38
C VAL A 82 -9.15 4.93 0.89
N TYR A 83 -8.37 5.59 1.76
CA TYR A 83 -7.94 5.01 3.03
C TYR A 83 -8.92 5.36 4.15
N THR A 84 -8.70 4.75 5.31
CA THR A 84 -9.52 4.94 6.49
C THR A 84 -8.69 4.65 7.73
N LYS A 85 -8.38 5.68 8.50
CA LYS A 85 -7.64 5.51 9.75
C LYS A 85 -8.58 4.98 10.83
N ALA A 86 -8.41 3.70 11.18
CA ALA A 86 -9.24 3.07 12.19
C ALA A 86 -8.67 3.33 13.57
N ASN A 87 -7.44 2.88 13.77
CA ASN A 87 -6.74 3.04 15.05
C ASN A 87 -5.36 3.63 14.81
N PRO A 88 -4.74 4.25 15.84
CA PRO A 88 -3.40 4.86 15.70
C PRO A 88 -2.33 3.86 15.22
N THR A 89 -2.65 2.57 15.23
CA THR A 89 -1.71 1.55 14.79
C THR A 89 -2.34 0.66 13.70
N PHE A 90 -3.55 1.00 13.26
CA PHE A 90 -4.25 0.22 12.24
C PHE A 90 -4.86 1.16 11.20
N HIS A 91 -4.35 1.08 9.98
CA HIS A 91 -4.77 1.94 8.89
C HIS A 91 -5.09 1.07 7.67
N HIS A 92 -6.26 1.27 7.07
CA HIS A 92 -6.70 0.41 5.97
C HIS A 92 -7.34 1.22 4.86
N TRP A 93 -7.69 0.56 3.77
CA TRP A 93 -8.40 1.20 2.66
C TRP A 93 -9.42 0.24 2.07
N LYS A 94 -10.25 0.73 1.16
CA LYS A 94 -11.28 -0.10 0.54
C LYS A 94 -11.36 0.16 -0.95
N VAL A 95 -11.76 -0.87 -1.69
CA VAL A 95 -12.03 -0.75 -3.11
C VAL A 95 -13.46 -1.21 -3.36
N ASP A 96 -13.70 -1.95 -4.45
CA ASP A 96 -15.04 -2.48 -4.73
C ASP A 96 -15.50 -3.41 -3.59
N ASN A 97 -16.06 -2.80 -2.55
CA ASN A 97 -16.57 -3.49 -1.36
C ASN A 97 -15.45 -4.11 -0.52
N ARG A 98 -14.71 -5.07 -1.09
CA ARG A 98 -13.66 -5.78 -0.36
C ARG A 98 -12.66 -4.79 0.22
N LYS A 99 -12.29 -5.04 1.47
CA LYS A 99 -11.51 -4.08 2.25
C LYS A 99 -10.27 -4.74 2.82
N PHE A 100 -9.13 -4.08 2.68
CA PHE A 100 -7.85 -4.59 3.17
C PHE A 100 -6.97 -3.44 3.61
N GLY A 101 -5.99 -3.72 4.47
CA GLY A 101 -5.18 -2.65 5.03
C GLY A 101 -3.90 -3.15 5.67
N LEU A 102 -3.40 -2.40 6.64
CA LEU A 102 -2.12 -2.69 7.26
C LEU A 102 -2.16 -2.35 8.75
N THR A 103 -1.13 -2.80 9.45
CA THR A 103 -0.98 -2.53 10.87
C THR A 103 0.42 -1.97 11.14
N PHE A 104 0.47 -0.76 11.68
CA PHE A 104 1.74 -0.12 12.03
C PHE A 104 2.42 -0.88 13.16
N GLN A 105 3.73 -0.69 13.31
CA GLN A 105 4.48 -1.40 14.34
C GLN A 105 5.33 -0.45 15.17
N SER A 106 5.71 0.68 14.59
CA SER A 106 6.52 1.68 15.29
C SER A 106 5.96 3.08 15.04
N PRO A 107 6.12 4.00 16.01
CA PRO A 107 5.69 5.40 15.86
C PRO A 107 6.17 6.02 14.55
N ALA A 108 7.38 5.62 14.11
CA ALA A 108 7.98 6.13 12.88
C ALA A 108 7.09 5.86 11.67
N ASP A 109 6.89 4.57 11.37
CA ASP A 109 6.06 4.19 10.21
C ASP A 109 4.64 4.69 10.37
N ALA A 110 4.15 4.71 11.62
CA ALA A 110 2.82 5.21 11.92
C ALA A 110 2.65 6.64 11.41
N ARG A 111 3.39 7.57 11.99
CA ARG A 111 3.28 8.99 11.65
C ARG A 111 3.59 9.24 10.17
N ALA A 112 4.69 8.64 9.71
CA ALA A 112 5.19 8.90 8.36
C ALA A 112 4.20 8.45 7.29
N PHE A 113 3.72 7.21 7.42
CA PHE A 113 2.83 6.64 6.40
C PHE A 113 1.43 7.23 6.51
N ASP A 114 0.93 7.35 7.74
CA ASP A 114 -0.41 7.91 7.98
C ASP A 114 -0.52 9.29 7.35
N ARG A 115 0.35 10.18 7.82
CA ARG A 115 0.42 11.53 7.28
C ARG A 115 0.73 11.48 5.78
N GLY A 116 1.58 10.54 5.40
CA GLY A 116 1.93 10.35 4.01
C GLY A 116 0.72 10.08 3.13
N VAL A 117 -0.22 9.29 3.66
CA VAL A 117 -1.43 8.94 2.93
C VAL A 117 -2.37 10.14 2.83
N ARG A 118 -2.62 10.78 3.97
CA ARG A 118 -3.50 11.96 3.99
C ARG A 118 -2.95 13.07 3.10
N LYS A 119 -1.64 13.31 3.20
CA LYS A 119 -0.97 14.31 2.35
C LYS A 119 -1.00 13.87 0.89
N ALA A 120 -0.88 12.57 0.65
CA ALA A 120 -0.96 12.03 -0.70
C ALA A 120 -2.34 12.29 -1.29
N ILE A 121 -3.37 12.07 -0.48
CA ILE A 121 -4.75 12.34 -0.90
C ILE A 121 -4.93 13.82 -1.23
N GLU A 122 -4.35 14.67 -0.39
CA GLU A 122 -4.39 16.11 -0.61
C GLU A 122 -3.82 16.46 -1.99
N ASP A 123 -2.57 16.04 -2.22
CA ASP A 123 -1.87 16.34 -3.47
C ASP A 123 -2.46 15.57 -4.64
N LEU A 124 -3.21 14.51 -4.35
CA LEU A 124 -3.86 13.72 -5.39
C LEU A 124 -5.10 14.45 -5.88
N ILE A 125 -5.90 14.97 -4.94
CA ILE A 125 -7.17 15.60 -5.27
C ILE A 125 -6.96 17.04 -5.78
N GLU A 126 -5.87 17.68 -5.35
CA GLU A 126 -5.57 19.04 -5.80
C GLU A 126 -4.79 18.99 -7.12
N GLY A 1 23.20 -14.04 -16.14
CA GLY A 1 21.72 -13.95 -15.97
C GLY A 1 21.26 -14.54 -14.65
N SER A 2 20.09 -14.09 -14.20
CA SER A 2 19.51 -14.53 -12.94
C SER A 2 18.07 -14.05 -12.86
N MET A 3 17.88 -12.76 -13.13
CA MET A 3 16.57 -12.12 -13.11
C MET A 3 16.64 -10.82 -13.90
N THR A 4 15.95 -10.79 -15.05
CA THR A 4 16.02 -9.66 -15.98
C THR A 4 15.61 -8.35 -15.30
N GLU A 5 14.36 -8.26 -14.89
CA GLU A 5 13.86 -7.08 -14.19
C GLU A 5 14.14 -7.24 -12.70
N GLU A 6 14.64 -6.17 -12.08
CA GLU A 6 15.22 -6.24 -10.74
C GLU A 6 14.17 -6.50 -9.65
N THR A 7 13.14 -5.67 -9.60
CA THR A 7 12.15 -5.75 -8.52
C THR A 7 10.72 -5.61 -9.07
N HIS A 8 10.38 -4.39 -9.49
CA HIS A 8 9.04 -4.09 -10.00
C HIS A 8 9.08 -2.83 -10.86
N PRO A 9 8.10 -2.66 -11.78
CA PRO A 9 8.12 -1.59 -12.80
C PRO A 9 8.38 -0.18 -12.23
N ASP A 10 7.93 0.05 -11.01
CA ASP A 10 8.06 1.36 -10.37
C ASP A 10 9.07 1.31 -9.24
N ASP A 11 10.12 0.52 -9.43
CA ASP A 11 11.17 0.32 -8.41
C ASP A 11 11.75 1.66 -7.94
N ASP A 12 11.81 2.63 -8.84
CA ASP A 12 12.36 3.95 -8.51
C ASP A 12 11.30 4.85 -7.89
N SER A 13 10.03 4.49 -8.11
CA SER A 13 8.91 5.35 -7.72
C SER A 13 8.45 5.02 -6.31
N TYR A 14 8.91 3.90 -5.76
CA TYR A 14 8.57 3.50 -4.40
C TYR A 14 9.11 4.53 -3.40
N ILE A 15 8.29 5.53 -3.11
CA ILE A 15 8.66 6.60 -2.19
C ILE A 15 8.63 6.11 -0.75
N VAL A 16 7.72 5.17 -0.47
CA VAL A 16 7.56 4.62 0.87
C VAL A 16 7.72 3.09 0.86
N ARG A 17 8.89 2.62 1.26
CA ARG A 17 9.14 1.19 1.45
C ARG A 17 9.37 0.91 2.93
N VAL A 18 8.30 0.55 3.63
CA VAL A 18 8.35 0.33 5.08
C VAL A 18 7.97 -1.10 5.45
N LYS A 19 8.10 -1.42 6.74
CA LYS A 19 7.81 -2.75 7.26
C LYS A 19 6.56 -2.73 8.15
N ALA A 20 5.51 -3.42 7.69
CA ALA A 20 4.25 -3.49 8.44
C ALA A 20 3.57 -4.83 8.19
N VAL A 21 2.41 -5.03 8.80
CA VAL A 21 1.66 -6.28 8.64
C VAL A 21 0.40 -6.03 7.81
N VAL A 22 0.37 -6.54 6.58
CA VAL A 22 -0.76 -6.35 5.69
C VAL A 22 -1.99 -7.14 6.16
N MET A 23 -2.86 -6.46 6.89
CA MET A 23 -4.08 -7.06 7.42
C MET A 23 -5.22 -6.91 6.42
N THR A 24 -5.70 -8.03 5.90
CA THR A 24 -6.78 -8.01 4.94
C THR A 24 -8.04 -8.64 5.54
N ARG A 25 -9.17 -8.37 4.91
CA ARG A 25 -10.44 -8.95 5.32
C ARG A 25 -11.13 -9.46 4.07
N ASP A 26 -11.00 -10.77 3.83
CA ASP A 26 -11.58 -11.42 2.66
C ASP A 26 -13.10 -11.25 2.67
N ASP A 27 -13.55 -10.07 2.22
CA ASP A 27 -14.96 -9.67 2.25
C ASP A 27 -15.52 -9.73 3.67
N SER A 28 -16.75 -9.27 3.84
CA SER A 28 -17.39 -9.24 5.16
C SER A 28 -16.57 -8.39 6.15
N SER A 29 -16.92 -8.50 7.43
CA SER A 29 -16.14 -7.89 8.51
C SER A 29 -16.26 -8.72 9.77
N GLY A 30 -15.13 -9.01 10.41
CA GLY A 30 -15.12 -9.82 11.62
C GLY A 30 -13.88 -10.66 11.70
N GLY A 31 -12.73 -10.00 11.85
CA GLY A 31 -11.46 -10.70 11.95
C GLY A 31 -10.51 -10.32 10.82
N TRP A 32 -9.59 -9.41 11.11
CA TRP A 32 -8.57 -9.00 10.14
C TRP A 32 -7.43 -10.01 10.13
N PHE A 33 -7.19 -10.63 8.98
CA PHE A 33 -6.17 -11.66 8.86
C PHE A 33 -5.05 -11.19 7.93
N PRO A 34 -3.79 -11.36 8.36
CA PRO A 34 -2.64 -11.05 7.51
C PRO A 34 -2.46 -12.13 6.43
N GLN A 35 -2.68 -11.73 5.17
CA GLN A 35 -2.65 -12.68 4.06
C GLN A 35 -1.32 -13.43 4.01
N GLU A 36 -1.43 -14.76 3.92
CA GLU A 36 -0.28 -15.67 3.87
C GLU A 36 0.56 -15.59 5.15
N GLY A 37 -0.04 -15.03 6.21
CA GLY A 37 0.63 -14.94 7.50
C GLY A 37 1.09 -13.54 7.83
N GLY A 38 1.34 -12.73 6.80
CA GLY A 38 1.78 -11.36 6.99
C GLY A 38 3.22 -11.28 7.47
N GLY A 39 3.44 -11.67 8.73
CA GLY A 39 4.77 -11.63 9.32
C GLY A 39 5.32 -10.22 9.38
N ILE A 40 6.13 -9.87 8.39
CA ILE A 40 6.71 -8.54 8.28
C ILE A 40 6.75 -8.12 6.82
N SER A 41 5.61 -7.64 6.33
CA SER A 41 5.43 -7.32 4.92
C SER A 41 6.10 -5.99 4.59
N ARG A 42 6.70 -5.90 3.41
CA ARG A 42 7.33 -4.68 2.97
C ARG A 42 6.34 -3.87 2.15
N VAL A 43 5.70 -2.90 2.79
CA VAL A 43 4.70 -2.07 2.12
C VAL A 43 5.39 -1.05 1.22
N GLY A 44 5.31 -1.27 -0.08
CA GLY A 44 5.90 -0.36 -1.04
C GLY A 44 4.86 0.47 -1.75
N VAL A 45 4.85 1.78 -1.48
CA VAL A 45 3.94 2.70 -2.15
C VAL A 45 4.69 3.55 -3.16
N CYS A 46 4.41 3.31 -4.45
CA CYS A 46 5.02 4.07 -5.53
C CYS A 46 4.04 5.08 -6.11
N LYS A 47 4.54 6.25 -6.48
CA LYS A 47 3.71 7.31 -7.04
C LYS A 47 3.74 7.23 -8.57
N VAL A 48 2.78 6.52 -9.14
CA VAL A 48 2.68 6.38 -10.58
C VAL A 48 2.07 7.66 -11.17
N MET A 49 2.93 8.62 -11.48
CA MET A 49 2.49 9.89 -12.05
C MET A 49 1.89 9.67 -13.44
N HIS A 50 0.82 10.38 -13.74
CA HIS A 50 0.13 10.25 -15.02
C HIS A 50 1.03 10.77 -16.14
N PRO A 51 1.27 9.95 -17.20
CA PRO A 51 2.02 10.39 -18.38
C PRO A 51 1.36 11.59 -19.06
N GLU A 52 0.06 11.74 -18.81
CA GLU A 52 -0.70 12.89 -19.31
C GLU A 52 -0.11 14.19 -18.77
N GLY A 53 0.38 14.14 -17.53
CA GLY A 53 1.09 15.27 -16.93
C GLY A 53 0.23 16.50 -16.69
N ASN A 54 -1.10 16.35 -16.82
CA ASN A 54 -2.02 17.47 -16.61
C ASN A 54 -2.32 17.65 -15.12
N GLY A 55 -2.21 16.55 -14.36
CA GLY A 55 -2.51 16.57 -12.94
C GLY A 55 -2.83 15.20 -12.41
N ARG A 56 -2.95 15.10 -11.08
CA ARG A 56 -3.20 13.83 -10.39
C ARG A 56 -2.00 12.89 -10.49
N SER A 57 -1.81 12.09 -9.45
CA SER A 57 -0.76 11.08 -9.44
C SER A 57 -1.34 9.77 -8.90
N GLY A 58 -1.11 8.68 -9.63
CA GLY A 58 -1.57 7.37 -9.18
C GLY A 58 -0.66 6.80 -8.10
N PHE A 59 -1.18 5.92 -7.28
CA PHE A 59 -0.42 5.30 -6.20
C PHE A 59 -0.63 3.79 -6.19
N LEU A 60 0.47 3.06 -6.36
CA LEU A 60 0.42 1.61 -6.35
C LEU A 60 0.77 1.10 -4.94
N ILE A 61 -0.21 0.57 -4.23
CA ILE A 61 0.03 -0.04 -2.95
C ILE A 61 0.48 -1.49 -3.16
N HIS A 62 1.78 -1.69 -3.27
CA HIS A 62 2.35 -3.00 -3.59
C HIS A 62 2.93 -3.64 -2.32
N GLY A 63 2.34 -4.75 -1.91
CA GLY A 63 2.79 -5.45 -0.72
C GLY A 63 3.83 -6.50 -1.02
N GLU A 64 5.10 -6.12 -0.86
CA GLU A 64 6.22 -7.03 -1.06
C GLU A 64 6.30 -8.02 0.11
N ARG A 65 6.69 -9.25 -0.17
CA ARG A 65 6.78 -10.31 0.85
C ARG A 65 8.03 -10.12 1.72
N GLN A 66 8.71 -8.98 1.55
CA GLN A 66 9.94 -8.66 2.28
C GLN A 66 11.10 -9.53 1.79
N LYS A 67 11.02 -10.83 2.09
CA LYS A 67 12.02 -11.78 1.64
C LYS A 67 11.63 -12.31 0.26
N ASP A 68 12.50 -12.06 -0.72
CA ASP A 68 12.28 -12.48 -2.12
C ASP A 68 11.22 -11.61 -2.79
N LYS A 69 11.39 -11.38 -4.09
CA LYS A 69 10.44 -10.55 -4.86
C LYS A 69 9.15 -11.34 -5.11
N LEU A 70 8.29 -11.37 -4.11
CA LEU A 70 7.01 -12.07 -4.19
C LEU A 70 5.90 -11.13 -3.70
N VAL A 71 4.82 -11.02 -4.47
CA VAL A 71 3.73 -10.11 -4.16
C VAL A 71 2.68 -10.78 -3.28
N VAL A 72 2.48 -10.26 -2.08
CA VAL A 72 1.45 -10.77 -1.18
C VAL A 72 0.18 -9.92 -1.24
N LEU A 73 0.34 -8.67 -1.68
CA LEU A 73 -0.77 -7.73 -1.79
C LEU A 73 -0.55 -6.82 -2.99
N GLU A 74 -1.62 -6.54 -3.73
CA GLU A 74 -1.53 -5.69 -4.92
C GLU A 74 -2.78 -4.82 -5.01
N CYS A 75 -2.61 -3.52 -4.77
CA CYS A 75 -3.73 -2.59 -4.82
C CYS A 75 -3.31 -1.27 -5.48
N TYR A 76 -3.35 -1.27 -6.81
CA TYR A 76 -3.09 -0.06 -7.60
C TYR A 76 -4.30 0.87 -7.54
N VAL A 77 -4.10 2.09 -7.08
CA VAL A 77 -5.19 3.06 -6.91
C VAL A 77 -4.87 4.33 -7.67
N ARG A 78 -5.63 4.60 -8.72
CA ARG A 78 -5.42 5.80 -9.53
C ARG A 78 -6.68 6.67 -9.54
N LYS A 79 -7.70 6.22 -8.81
CA LYS A 79 -8.99 6.90 -8.79
C LYS A 79 -9.61 6.89 -7.38
N ASP A 80 -9.24 7.91 -6.59
CA ASP A 80 -9.75 8.08 -5.22
C ASP A 80 -9.34 6.93 -4.30
N LEU A 81 -9.15 7.24 -3.02
CA LEU A 81 -8.78 6.25 -2.02
C LEU A 81 -9.36 6.65 -0.66
N VAL A 82 -9.88 5.67 0.06
CA VAL A 82 -10.43 5.89 1.39
C VAL A 82 -9.31 6.03 2.42
N TYR A 83 -8.57 4.93 2.61
CA TYR A 83 -7.46 4.84 3.56
C TYR A 83 -7.76 5.60 4.85
N THR A 84 -8.54 4.97 5.73
CA THR A 84 -8.93 5.53 7.00
C THR A 84 -8.28 4.73 8.13
N LYS A 85 -7.76 5.43 9.14
CA LYS A 85 -7.19 4.77 10.30
C LYS A 85 -8.29 4.47 11.32
N ALA A 86 -8.63 3.20 11.45
CA ALA A 86 -9.66 2.77 12.39
C ALA A 86 -9.13 2.83 13.81
N ASN A 87 -7.81 2.67 13.93
CA ASN A 87 -7.12 2.74 15.20
C ASN A 87 -5.78 3.46 14.99
N PRO A 88 -5.20 4.06 16.05
CA PRO A 88 -3.92 4.77 15.95
C PRO A 88 -2.78 3.88 15.44
N THR A 89 -3.03 2.57 15.44
CA THR A 89 -2.04 1.59 15.01
C THR A 89 -2.58 0.69 13.88
N PHE A 90 -3.69 1.10 13.28
CA PHE A 90 -4.34 0.31 12.23
C PHE A 90 -4.96 1.21 11.16
N HIS A 91 -4.55 1.01 9.90
CA HIS A 91 -5.04 1.81 8.79
C HIS A 91 -5.57 0.88 7.69
N HIS A 92 -6.73 1.20 7.12
CA HIS A 92 -7.36 0.34 6.12
C HIS A 92 -8.00 1.16 5.01
N TRP A 93 -8.19 0.55 3.85
CA TRP A 93 -8.86 1.21 2.73
C TRP A 93 -9.88 0.28 2.07
N LYS A 94 -10.83 0.86 1.36
CA LYS A 94 -11.86 0.09 0.67
C LYS A 94 -11.83 0.41 -0.82
N VAL A 95 -11.47 -0.57 -1.64
CA VAL A 95 -11.45 -0.41 -3.09
C VAL A 95 -11.95 -1.68 -3.77
N ASP A 96 -12.32 -1.55 -5.04
CA ASP A 96 -12.82 -2.68 -5.85
C ASP A 96 -14.13 -3.21 -5.27
N ASN A 97 -14.05 -3.96 -4.18
CA ASN A 97 -15.23 -4.48 -3.50
C ASN A 97 -14.93 -4.76 -2.02
N ARG A 98 -13.65 -4.70 -1.66
CA ARG A 98 -13.19 -5.25 -0.38
C ARG A 98 -12.51 -4.19 0.48
N LYS A 99 -12.53 -4.43 1.79
CA LYS A 99 -11.90 -3.56 2.77
C LYS A 99 -10.65 -4.24 3.34
N PHE A 100 -9.48 -3.76 2.94
CA PHE A 100 -8.21 -4.32 3.39
C PHE A 100 -7.20 -3.22 3.71
N GLY A 101 -6.24 -3.53 4.58
CA GLY A 101 -5.27 -2.52 5.01
C GLY A 101 -4.04 -3.14 5.65
N LEU A 102 -3.53 -2.49 6.70
CA LEU A 102 -2.34 -2.96 7.39
C LEU A 102 -2.28 -2.41 8.81
N THR A 103 -1.57 -3.12 9.68
CA THR A 103 -1.33 -2.69 11.05
C THR A 103 0.07 -2.09 11.18
N PHE A 104 0.16 -0.93 11.81
CA PHE A 104 1.43 -0.25 12.00
C PHE A 104 2.33 -1.04 12.95
N GLN A 105 3.63 -0.77 12.90
CA GLN A 105 4.59 -1.45 13.77
C GLN A 105 5.27 -0.44 14.69
N SER A 106 5.82 0.62 14.10
CA SER A 106 6.54 1.64 14.86
C SER A 106 6.02 3.03 14.49
N PRO A 107 6.14 4.01 15.41
CA PRO A 107 5.71 5.40 15.15
C PRO A 107 6.24 5.95 13.83
N ALA A 108 7.42 5.48 13.44
CA ALA A 108 8.05 5.91 12.19
C ALA A 108 7.16 5.57 10.98
N ASP A 109 6.91 4.28 10.78
CA ASP A 109 6.08 3.83 9.65
C ASP A 109 4.65 4.31 9.81
N ALA A 110 4.16 4.30 11.05
CA ALA A 110 2.82 4.80 11.35
C ALA A 110 2.64 6.22 10.81
N ARG A 111 3.46 7.14 11.30
CA ARG A 111 3.41 8.54 10.88
C ARG A 111 3.73 8.67 9.40
N ALA A 112 4.53 7.74 8.88
CA ALA A 112 4.86 7.71 7.46
C ALA A 112 3.61 7.43 6.63
N PHE A 113 2.75 6.53 7.13
CA PHE A 113 1.49 6.21 6.46
C PHE A 113 0.51 7.37 6.56
N ASP A 114 0.42 7.96 7.76
CA ASP A 114 -0.50 9.09 7.98
C ASP A 114 -0.11 10.28 7.09
N ARG A 115 1.14 10.73 7.18
CA ARG A 115 1.62 11.81 6.33
C ARG A 115 1.66 11.35 4.87
N GLY A 116 1.86 10.04 4.69
CA GLY A 116 1.83 9.46 3.37
C GLY A 116 0.51 9.68 2.68
N VAL A 117 -0.59 9.34 3.36
CA VAL A 117 -1.91 9.51 2.79
C VAL A 117 -2.27 10.98 2.66
N ARG A 118 -1.77 11.81 3.59
CA ARG A 118 -1.95 13.26 3.50
C ARG A 118 -1.47 13.75 2.12
N LYS A 119 -0.17 13.59 1.88
CA LYS A 119 0.46 14.09 0.66
C LYS A 119 -0.06 13.31 -0.56
N ALA A 120 -0.34 12.03 -0.37
CA ALA A 120 -0.87 11.19 -1.43
C ALA A 120 -2.21 11.73 -1.92
N ILE A 121 -3.12 11.98 -0.99
CA ILE A 121 -4.43 12.52 -1.32
C ILE A 121 -4.27 13.88 -2.01
N GLU A 122 -3.35 14.70 -1.52
CA GLU A 122 -3.07 15.98 -2.15
C GLU A 122 -2.73 15.78 -3.64
N ASP A 123 -1.73 14.96 -3.92
CA ASP A 123 -1.29 14.70 -5.29
C ASP A 123 -2.38 13.98 -6.09
N LEU A 124 -3.22 13.23 -5.40
CA LEU A 124 -4.26 12.42 -6.05
C LEU A 124 -5.43 13.29 -6.51
N ILE A 125 -6.04 14.03 -5.59
CA ILE A 125 -7.28 14.74 -5.85
C ILE A 125 -7.04 16.18 -6.29
N GLU A 126 -6.01 16.83 -5.76
CA GLU A 126 -5.78 18.25 -6.02
C GLU A 126 -5.18 18.45 -7.41
N GLY A 1 11.48 -6.82 -28.02
CA GLY A 1 11.22 -5.48 -27.44
C GLY A 1 11.03 -5.55 -25.94
N SER A 2 10.72 -4.40 -25.33
CA SER A 2 10.54 -4.31 -23.88
C SER A 2 9.27 -5.04 -23.44
N MET A 3 9.44 -6.28 -22.98
CA MET A 3 8.30 -7.09 -22.51
C MET A 3 8.24 -7.07 -20.98
N THR A 4 9.27 -6.52 -20.35
CA THR A 4 9.36 -6.48 -18.91
C THR A 4 8.37 -5.48 -18.29
N GLU A 5 7.49 -6.00 -17.44
CA GLU A 5 6.51 -5.20 -16.72
C GLU A 5 6.03 -5.99 -15.49
N GLU A 6 6.48 -5.59 -14.32
CA GLU A 6 6.23 -6.33 -13.09
C GLU A 6 6.52 -5.45 -11.87
N THR A 7 7.77 -4.96 -11.82
CA THR A 7 8.25 -4.09 -10.74
C THR A 7 8.02 -4.70 -9.35
N HIS A 8 9.10 -5.16 -8.74
CA HIS A 8 9.07 -5.88 -7.46
C HIS A 8 10.51 -6.30 -7.10
N PRO A 9 11.22 -7.02 -8.00
CA PRO A 9 12.66 -7.27 -7.84
C PRO A 9 13.46 -6.12 -8.45
N ASP A 10 12.72 -5.11 -8.88
CA ASP A 10 13.27 -3.92 -9.51
C ASP A 10 12.32 -2.75 -9.21
N ASP A 11 12.75 -1.86 -8.34
CA ASP A 11 11.87 -0.80 -7.82
C ASP A 11 11.79 0.40 -8.78
N ASP A 12 11.72 0.11 -10.07
CA ASP A 12 11.74 1.12 -11.13
C ASP A 12 10.85 2.33 -10.81
N SER A 13 9.66 2.08 -10.27
CA SER A 13 8.67 3.14 -10.04
C SER A 13 8.23 3.21 -8.58
N TYR A 14 8.99 2.60 -7.67
CA TYR A 14 8.62 2.55 -6.26
C TYR A 14 9.21 3.73 -5.49
N ILE A 15 8.35 4.68 -5.15
CA ILE A 15 8.77 5.90 -4.47
C ILE A 15 9.18 5.61 -3.03
N VAL A 16 8.26 5.04 -2.25
CA VAL A 16 8.52 4.77 -0.84
C VAL A 16 8.19 3.32 -0.49
N ARG A 17 9.11 2.66 0.21
CA ARG A 17 8.90 1.31 0.71
C ARG A 17 9.21 1.26 2.21
N VAL A 18 8.20 1.00 3.02
CA VAL A 18 8.37 0.93 4.48
C VAL A 18 7.90 -0.42 5.02
N LYS A 19 8.27 -0.70 6.27
CA LYS A 19 7.92 -1.96 6.91
C LYS A 19 6.55 -1.86 7.58
N ALA A 20 5.75 -2.91 7.42
CA ALA A 20 4.43 -2.99 8.01
C ALA A 20 3.89 -4.40 7.85
N VAL A 21 2.59 -4.58 8.05
CA VAL A 21 1.93 -5.84 7.79
C VAL A 21 0.56 -5.62 7.18
N VAL A 22 0.33 -6.28 6.04
CA VAL A 22 -0.97 -6.23 5.38
C VAL A 22 -1.92 -7.22 6.04
N MET A 23 -3.12 -6.76 6.36
CA MET A 23 -4.10 -7.58 7.07
C MET A 23 -5.31 -7.83 6.16
N THR A 24 -5.71 -9.09 6.06
CA THR A 24 -6.83 -9.47 5.20
C THR A 24 -8.08 -9.73 6.01
N ARG A 25 -9.22 -9.70 5.33
CA ARG A 25 -10.51 -9.97 5.93
C ARG A 25 -11.14 -11.18 5.23
N ASP A 26 -10.27 -11.97 4.60
CA ASP A 26 -10.65 -13.19 3.90
C ASP A 26 -11.83 -12.96 2.96
N ASP A 27 -11.82 -11.80 2.31
CA ASP A 27 -12.83 -11.42 1.33
C ASP A 27 -14.18 -11.07 1.97
N SER A 28 -14.75 -11.96 2.77
CA SER A 28 -16.10 -11.76 3.33
C SER A 28 -16.19 -12.13 4.81
N SER A 29 -15.06 -12.22 5.49
CA SER A 29 -15.05 -12.50 6.92
C SER A 29 -15.22 -11.22 7.73
N GLY A 30 -15.05 -11.30 9.05
CA GLY A 30 -15.19 -10.12 9.91
C GLY A 30 -13.87 -9.69 10.51
N GLY A 31 -13.10 -10.66 10.99
CA GLY A 31 -11.82 -10.36 11.61
C GLY A 31 -10.72 -10.05 10.60
N TRP A 32 -9.58 -9.58 11.09
CA TRP A 32 -8.44 -9.25 10.25
C TRP A 32 -7.25 -10.15 10.60
N PHE A 33 -6.79 -10.91 9.61
CA PHE A 33 -5.79 -11.95 9.82
C PHE A 33 -4.41 -11.47 9.38
N PRO A 34 -3.34 -12.09 9.94
CA PRO A 34 -1.94 -11.75 9.59
C PRO A 34 -1.65 -11.88 8.09
N GLN A 35 -2.58 -12.50 7.36
CA GLN A 35 -2.53 -12.61 5.91
C GLN A 35 -1.45 -13.61 5.48
N GLU A 36 -0.19 -13.23 5.65
CA GLU A 36 0.94 -14.07 5.28
C GLU A 36 2.20 -13.58 5.99
N GLY A 37 2.51 -12.30 5.79
CA GLY A 37 3.69 -11.70 6.40
C GLY A 37 3.62 -11.70 7.92
N GLY A 38 2.44 -11.44 8.46
CA GLY A 38 2.23 -11.47 9.90
C GLY A 38 3.16 -10.54 10.68
N GLY A 39 3.72 -9.55 9.98
CA GLY A 39 4.64 -8.62 10.60
C GLY A 39 5.79 -8.30 9.66
N ILE A 40 6.12 -9.25 8.81
CA ILE A 40 7.15 -9.06 7.79
C ILE A 40 6.48 -8.78 6.45
N SER A 41 6.31 -7.49 6.14
CA SER A 41 5.80 -7.08 4.84
C SER A 41 6.34 -5.69 4.49
N ARG A 42 6.88 -5.53 3.29
CA ARG A 42 7.38 -4.24 2.83
C ARG A 42 6.35 -3.62 1.89
N VAL A 43 5.59 -2.65 2.40
CA VAL A 43 4.59 -1.97 1.61
C VAL A 43 5.25 -0.89 0.75
N GLY A 44 5.34 -1.16 -0.54
CA GLY A 44 5.95 -0.24 -1.47
C GLY A 44 4.92 0.51 -2.29
N VAL A 45 4.81 1.82 -2.05
CA VAL A 45 3.92 2.67 -2.82
C VAL A 45 4.62 3.15 -4.09
N CYS A 46 4.18 2.62 -5.22
CA CYS A 46 4.71 3.00 -6.52
C CYS A 46 3.72 3.88 -7.25
N LYS A 47 4.23 4.84 -8.02
CA LYS A 47 3.37 5.73 -8.79
C LYS A 47 3.34 5.26 -10.24
N VAL A 48 2.21 4.67 -10.63
CA VAL A 48 2.04 4.16 -11.97
C VAL A 48 2.01 5.31 -12.98
N MET A 49 2.87 5.23 -13.98
CA MET A 49 2.94 6.25 -15.02
C MET A 49 1.96 5.93 -16.14
N HIS A 50 1.40 6.97 -16.76
CA HIS A 50 0.44 6.79 -17.85
C HIS A 50 1.18 6.62 -19.18
N PRO A 51 0.76 5.63 -19.99
CA PRO A 51 1.25 5.50 -21.36
C PRO A 51 0.52 6.47 -22.29
N GLU A 52 0.93 6.53 -23.55
CA GLU A 52 0.28 7.40 -24.52
C GLU A 52 -1.16 6.94 -24.76
N GLY A 53 -2.09 7.89 -24.77
CA GLY A 53 -3.50 7.58 -24.92
C GLY A 53 -4.32 8.27 -23.83
N ASN A 54 -5.44 7.66 -23.45
CA ASN A 54 -6.31 8.22 -22.42
C ASN A 54 -5.56 8.42 -21.11
N GLY A 55 -5.10 7.32 -20.52
CA GLY A 55 -4.37 7.37 -19.26
C GLY A 55 -4.58 6.13 -18.43
N ARG A 56 -3.66 5.87 -17.51
CA ARG A 56 -3.73 4.73 -16.61
C ARG A 56 -2.76 4.93 -15.45
N SER A 57 -2.53 6.21 -15.12
CA SER A 57 -1.59 6.58 -14.08
C SER A 57 -2.27 6.65 -12.71
N GLY A 58 -1.47 6.46 -11.66
CA GLY A 58 -1.98 6.50 -10.31
C GLY A 58 -0.97 5.95 -9.33
N PHE A 59 -1.44 5.23 -8.32
CA PHE A 59 -0.57 4.61 -7.33
C PHE A 59 -0.93 3.14 -7.19
N LEU A 60 0.03 2.33 -6.76
CA LEU A 60 -0.20 0.90 -6.56
C LEU A 60 0.27 0.51 -5.16
N ILE A 61 -0.67 0.03 -4.34
CA ILE A 61 -0.33 -0.47 -3.03
C ILE A 61 0.22 -1.89 -3.15
N HIS A 62 1.52 -1.98 -3.37
CA HIS A 62 2.19 -3.25 -3.59
C HIS A 62 2.86 -3.72 -2.30
N GLY A 63 2.27 -4.74 -1.68
CA GLY A 63 2.77 -5.27 -0.43
C GLY A 63 3.66 -6.49 -0.63
N GLU A 64 4.97 -6.25 -0.60
CA GLU A 64 5.95 -7.34 -0.68
C GLU A 64 5.98 -8.12 0.63
N ARG A 65 6.34 -9.40 0.55
CA ARG A 65 6.51 -10.19 1.75
C ARG A 65 7.71 -9.68 2.54
N GLN A 66 8.71 -9.16 1.82
CA GLN A 66 9.91 -8.59 2.44
C GLN A 66 10.75 -7.82 1.42
N LYS A 67 11.23 -8.50 0.37
CA LYS A 67 11.97 -7.80 -0.70
C LYS A 67 12.29 -8.75 -1.86
N ASP A 68 11.87 -8.37 -3.07
CA ASP A 68 12.19 -9.08 -4.32
C ASP A 68 11.74 -10.54 -4.28
N LYS A 69 10.89 -10.89 -3.33
CA LYS A 69 10.61 -12.29 -3.03
C LYS A 69 9.23 -12.71 -3.52
N LEU A 70 8.19 -12.19 -2.88
CA LEU A 70 6.82 -12.60 -3.18
C LEU A 70 5.85 -11.44 -2.92
N VAL A 71 4.90 -11.26 -3.83
CA VAL A 71 3.86 -10.26 -3.67
C VAL A 71 2.69 -10.86 -2.90
N VAL A 72 2.59 -10.53 -1.61
CA VAL A 72 1.56 -11.12 -0.75
C VAL A 72 0.28 -10.30 -0.80
N LEU A 73 0.39 -9.04 -1.20
CA LEU A 73 -0.76 -8.13 -1.30
C LEU A 73 -0.49 -7.15 -2.42
N GLU A 74 -1.52 -6.82 -3.20
CA GLU A 74 -1.38 -5.91 -4.32
C GLU A 74 -2.74 -5.32 -4.70
N CYS A 75 -2.84 -4.00 -4.63
CA CYS A 75 -4.10 -3.30 -4.89
C CYS A 75 -3.81 -2.00 -5.64
N TYR A 76 -4.62 -1.69 -6.64
CA TYR A 76 -4.41 -0.51 -7.47
C TYR A 76 -5.32 0.62 -7.03
N VAL A 77 -4.80 1.85 -7.00
CA VAL A 77 -5.56 3.01 -6.57
C VAL A 77 -5.33 4.18 -7.52
N ARG A 78 -6.39 4.93 -7.79
CA ARG A 78 -6.31 6.05 -8.73
C ARG A 78 -6.45 7.38 -7.97
N LYS A 79 -7.66 7.66 -7.52
CA LYS A 79 -7.96 8.84 -6.70
C LYS A 79 -9.18 8.53 -5.85
N ASP A 80 -9.43 7.23 -5.71
CA ASP A 80 -10.60 6.71 -5.01
C ASP A 80 -10.17 5.99 -3.73
N LEU A 81 -8.94 6.26 -3.30
CA LEU A 81 -8.35 5.59 -2.13
C LEU A 81 -8.99 6.12 -0.85
N VAL A 82 -10.04 5.45 -0.39
CA VAL A 82 -10.67 5.79 0.88
C VAL A 82 -9.87 5.16 2.04
N TYR A 83 -8.84 5.87 2.48
CA TYR A 83 -7.95 5.38 3.53
C TYR A 83 -8.44 5.85 4.90
N THR A 84 -9.08 4.95 5.63
CA THR A 84 -9.60 5.26 6.96
C THR A 84 -8.86 4.45 8.02
N LYS A 85 -8.45 5.12 9.09
CA LYS A 85 -7.82 4.44 10.22
C LYS A 85 -8.87 4.12 11.29
N ALA A 86 -9.15 2.82 11.47
CA ALA A 86 -10.06 2.38 12.51
C ALA A 86 -9.39 2.56 13.88
N ASN A 87 -8.07 2.35 13.89
CA ASN A 87 -7.25 2.55 15.08
C ASN A 87 -5.99 3.31 14.67
N PRO A 88 -5.36 4.05 15.61
CA PRO A 88 -4.12 4.79 15.32
C PRO A 88 -3.02 3.92 14.70
N THR A 89 -3.09 2.61 14.94
CA THR A 89 -2.11 1.67 14.43
C THR A 89 -2.71 0.74 13.38
N PHE A 90 -3.99 0.94 13.05
CA PHE A 90 -4.69 0.09 12.08
C PHE A 90 -5.43 0.94 11.05
N HIS A 91 -4.93 0.92 9.82
CA HIS A 91 -5.54 1.63 8.70
C HIS A 91 -6.21 0.62 7.78
N HIS A 92 -7.16 1.08 6.96
CA HIS A 92 -7.84 0.22 6.00
C HIS A 92 -8.38 1.04 4.84
N TRP A 93 -8.67 0.37 3.73
CA TRP A 93 -9.17 1.03 2.53
C TRP A 93 -10.09 0.10 1.74
N LYS A 94 -10.82 0.67 0.79
CA LYS A 94 -11.64 -0.10 -0.12
C LYS A 94 -11.39 0.36 -1.55
N VAL A 95 -10.67 -0.46 -2.31
CA VAL A 95 -10.36 -0.15 -3.70
C VAL A 95 -10.55 -1.40 -4.56
N ASP A 96 -10.45 -1.22 -5.87
CA ASP A 96 -10.72 -2.28 -6.83
C ASP A 96 -12.15 -2.78 -6.68
N ASN A 97 -12.41 -3.60 -5.65
CA ASN A 97 -13.74 -4.12 -5.41
C ASN A 97 -13.90 -4.68 -3.99
N ARG A 98 -12.92 -4.46 -3.11
CA ARG A 98 -12.97 -5.06 -1.78
C ARG A 98 -12.26 -4.18 -0.74
N LYS A 99 -12.48 -4.50 0.54
CA LYS A 99 -11.95 -3.73 1.67
C LYS A 99 -10.76 -4.46 2.28
N PHE A 100 -9.60 -3.82 2.25
CA PHE A 100 -8.36 -4.40 2.78
C PHE A 100 -7.86 -3.57 3.95
N GLY A 101 -6.85 -4.08 4.66
CA GLY A 101 -6.34 -3.40 5.84
C GLY A 101 -4.83 -3.50 5.97
N LEU A 102 -4.27 -2.65 6.82
CA LEU A 102 -2.83 -2.62 7.06
C LEU A 102 -2.57 -2.15 8.49
N THR A 103 -1.71 -2.87 9.20
CA THR A 103 -1.37 -2.54 10.57
C THR A 103 0.09 -2.09 10.67
N PHE A 104 0.31 -0.99 11.40
CA PHE A 104 1.65 -0.43 11.56
C PHE A 104 2.36 -1.09 12.74
N GLN A 105 3.58 -0.65 13.03
CA GLN A 105 4.38 -1.23 14.10
C GLN A 105 4.81 -0.17 15.11
N SER A 106 5.72 0.70 14.69
CA SER A 106 6.31 1.71 15.57
C SER A 106 5.80 3.10 15.21
N PRO A 107 5.86 4.07 16.15
CA PRO A 107 5.42 5.44 15.90
C PRO A 107 6.11 6.06 14.68
N ALA A 108 7.33 5.59 14.40
CA ALA A 108 8.08 6.07 13.25
C ALA A 108 7.32 5.78 11.95
N ASP A 109 7.20 4.50 11.60
CA ASP A 109 6.53 4.09 10.37
C ASP A 109 5.06 4.52 10.38
N ALA A 110 4.39 4.31 11.51
CA ALA A 110 2.99 4.67 11.65
C ALA A 110 2.75 6.15 11.34
N ARG A 111 3.34 7.01 12.18
CA ARG A 111 3.12 8.45 12.08
C ARG A 111 3.58 8.97 10.71
N ALA A 112 4.70 8.44 10.23
CA ALA A 112 5.26 8.85 8.94
C ALA A 112 4.33 8.48 7.80
N PHE A 113 3.74 7.29 7.88
CA PHE A 113 2.86 6.79 6.82
C PHE A 113 1.56 7.61 6.82
N ASP A 114 1.02 7.88 8.00
CA ASP A 114 -0.17 8.73 8.13
C ASP A 114 0.11 10.11 7.54
N ARG A 115 1.28 10.64 7.86
CA ARG A 115 1.72 11.93 7.34
C ARG A 115 1.88 11.87 5.82
N GLY A 116 2.41 10.74 5.36
CA GLY A 116 2.65 10.54 3.95
C GLY A 116 1.38 10.45 3.13
N VAL A 117 0.41 9.69 3.63
CA VAL A 117 -0.85 9.53 2.93
C VAL A 117 -1.64 10.83 2.92
N ARG A 118 -1.55 11.59 4.02
CA ARG A 118 -2.16 12.92 4.06
C ARG A 118 -1.56 13.78 2.96
N LYS A 119 -0.24 13.85 2.92
CA LYS A 119 0.47 14.61 1.91
C LYS A 119 0.10 14.12 0.51
N ALA A 120 -0.19 12.81 0.43
CA ALA A 120 -0.63 12.20 -0.82
C ALA A 120 -2.03 12.69 -1.18
N ILE A 121 -2.88 12.88 -0.17
CA ILE A 121 -4.22 13.41 -0.40
C ILE A 121 -4.14 14.80 -1.02
N GLU A 122 -3.29 15.66 -0.44
CA GLU A 122 -3.03 16.97 -1.02
C GLU A 122 -2.47 16.82 -2.44
N ASP A 123 -1.36 16.11 -2.55
CA ASP A 123 -0.59 16.02 -3.80
C ASP A 123 -1.38 15.35 -4.93
N LEU A 124 -2.30 14.46 -4.58
CA LEU A 124 -3.08 13.73 -5.57
C LEU A 124 -4.42 14.43 -5.87
N ILE A 125 -5.10 14.87 -4.80
CA ILE A 125 -6.47 15.37 -4.93
C ILE A 125 -6.54 16.90 -4.98
N GLU A 126 -5.80 17.57 -4.10
CA GLU A 126 -5.95 19.01 -3.91
C GLU A 126 -5.45 19.80 -5.14
N GLY A 1 18.47 -10.66 -23.92
CA GLY A 1 18.61 -9.76 -22.75
C GLY A 1 17.90 -10.31 -21.54
N SER A 2 18.07 -9.65 -20.41
CA SER A 2 17.42 -10.06 -19.17
C SER A 2 15.95 -9.66 -19.19
N MET A 3 15.09 -10.59 -19.58
CA MET A 3 13.64 -10.33 -19.64
C MET A 3 13.11 -10.01 -18.24
N THR A 4 13.64 -10.70 -17.24
CA THR A 4 13.20 -10.50 -15.87
C THR A 4 14.39 -10.33 -14.92
N GLU A 5 14.76 -9.08 -14.66
CA GLU A 5 15.70 -8.74 -13.60
C GLU A 5 14.96 -7.90 -12.55
N GLU A 6 13.97 -7.17 -13.03
CA GLU A 6 13.09 -6.38 -12.19
C GLU A 6 12.06 -7.27 -11.49
N THR A 7 12.06 -7.25 -10.16
CA THR A 7 11.13 -8.05 -9.38
C THR A 7 9.68 -7.62 -9.63
N HIS A 8 9.50 -6.33 -9.90
CA HIS A 8 8.18 -5.77 -10.18
C HIS A 8 8.26 -4.89 -11.42
N PRO A 9 7.17 -4.77 -12.21
CA PRO A 9 7.14 -3.92 -13.40
C PRO A 9 7.58 -2.49 -13.11
N ASP A 10 7.09 -1.97 -11.99
CA ASP A 10 7.41 -0.61 -11.56
C ASP A 10 8.41 -0.65 -10.39
N ASP A 11 9.28 -1.66 -10.40
CA ASP A 11 10.23 -1.89 -9.29
C ASP A 11 11.08 -0.65 -9.01
N ASP A 12 11.43 0.06 -10.08
CA ASP A 12 12.27 1.25 -9.96
C ASP A 12 11.43 2.49 -9.61
N SER A 13 10.13 2.39 -9.86
CA SER A 13 9.22 3.53 -9.72
C SER A 13 8.58 3.61 -8.33
N TYR A 14 9.08 2.78 -7.41
CA TYR A 14 8.60 2.84 -6.01
C TYR A 14 9.06 4.14 -5.35
N ILE A 15 8.10 4.88 -4.80
CA ILE A 15 8.39 6.10 -4.07
C ILE A 15 9.13 5.78 -2.79
N VAL A 16 8.60 4.79 -2.06
CA VAL A 16 9.21 4.33 -0.82
C VAL A 16 8.59 2.99 -0.41
N ARG A 17 9.42 2.08 0.08
CA ARG A 17 8.97 0.79 0.59
C ARG A 17 9.13 0.77 2.11
N VAL A 18 8.03 0.98 2.82
CA VAL A 18 8.05 1.10 4.28
C VAL A 18 7.82 -0.25 4.94
N LYS A 19 8.42 -0.44 6.11
CA LYS A 19 8.28 -1.68 6.87
C LYS A 19 7.01 -1.65 7.72
N ALA A 20 6.12 -2.61 7.48
CA ALA A 20 4.85 -2.70 8.20
C ALA A 20 4.24 -4.09 7.99
N VAL A 21 3.00 -4.27 8.42
CA VAL A 21 2.30 -5.56 8.25
C VAL A 21 1.01 -5.36 7.46
N VAL A 22 0.94 -5.96 6.27
CA VAL A 22 -0.26 -5.88 5.44
C VAL A 22 -1.27 -6.95 5.86
N MET A 23 -2.50 -6.51 6.15
CA MET A 23 -3.54 -7.40 6.64
C MET A 23 -4.65 -7.56 5.61
N THR A 24 -5.31 -8.71 5.61
CA THR A 24 -6.42 -8.97 4.71
C THR A 24 -7.61 -9.50 5.50
N ARG A 25 -8.81 -9.30 4.97
CA ARG A 25 -10.03 -9.79 5.60
C ARG A 25 -10.98 -10.31 4.54
N ASP A 26 -11.67 -11.41 4.86
CA ASP A 26 -12.69 -11.93 3.96
C ASP A 26 -13.90 -11.00 3.97
N ASP A 27 -14.13 -10.34 2.84
CA ASP A 27 -15.26 -9.41 2.67
C ASP A 27 -15.19 -8.23 3.65
N SER A 28 -15.67 -8.44 4.88
CA SER A 28 -15.72 -7.37 5.90
C SER A 28 -15.69 -7.96 7.31
N SER A 29 -15.90 -7.08 8.31
CA SER A 29 -15.92 -7.44 9.74
C SER A 29 -14.51 -7.46 10.34
N GLY A 30 -14.43 -7.19 11.64
CA GLY A 30 -13.15 -7.09 12.32
C GLY A 30 -12.54 -8.45 12.62
N GLY A 31 -11.90 -9.03 11.62
CA GLY A 31 -11.23 -10.30 11.78
C GLY A 31 -10.08 -10.43 10.79
N TRP A 32 -9.20 -9.44 10.83
CA TRP A 32 -8.12 -9.32 9.87
C TRP A 32 -7.07 -10.41 10.08
N PHE A 33 -6.86 -11.24 9.05
CA PHE A 33 -5.93 -12.35 9.14
C PHE A 33 -4.68 -12.06 8.31
N PRO A 34 -3.48 -12.18 8.92
CA PRO A 34 -2.20 -11.95 8.23
C PRO A 34 -1.87 -13.10 7.27
N GLN A 35 -2.15 -12.88 6.00
CA GLN A 35 -1.98 -13.91 4.96
C GLN A 35 -0.54 -14.45 4.89
N GLU A 36 0.45 -13.55 4.85
CA GLU A 36 1.84 -13.97 4.67
C GLU A 36 2.76 -13.24 5.65
N GLY A 37 3.18 -12.02 5.29
CA GLY A 37 4.05 -11.24 6.15
C GLY A 37 3.32 -10.69 7.38
N GLY A 38 2.93 -11.58 8.28
CA GLY A 38 2.22 -11.19 9.48
C GLY A 38 3.15 -10.67 10.56
N GLY A 39 4.33 -11.25 10.64
CA GLY A 39 5.32 -10.80 11.60
C GLY A 39 6.04 -9.57 11.13
N ILE A 40 6.14 -9.43 9.80
CA ILE A 40 6.79 -8.29 9.17
C ILE A 40 6.62 -8.38 7.65
N SER A 41 6.35 -7.25 7.02
CA SER A 41 6.22 -7.19 5.56
C SER A 41 6.76 -5.85 5.07
N ARG A 42 6.69 -5.61 3.76
CA ARG A 42 7.23 -4.39 3.17
C ARG A 42 6.19 -3.75 2.25
N VAL A 43 5.62 -2.64 2.71
CA VAL A 43 4.61 -1.92 1.94
C VAL A 43 5.28 -1.03 0.91
N GLY A 44 5.25 -1.47 -0.34
CA GLY A 44 5.87 -0.71 -1.41
C GLY A 44 4.91 0.25 -2.06
N VAL A 45 5.06 1.54 -1.76
CA VAL A 45 4.25 2.57 -2.39
C VAL A 45 4.92 3.04 -3.68
N CYS A 46 4.40 2.58 -4.82
CA CYS A 46 4.95 2.93 -6.12
C CYS A 46 4.03 3.89 -6.87
N LYS A 47 4.63 4.79 -7.64
CA LYS A 47 3.90 5.72 -8.50
C LYS A 47 3.90 5.15 -9.91
N VAL A 48 2.79 4.53 -10.31
CA VAL A 48 2.71 3.80 -11.57
C VAL A 48 2.32 4.73 -12.72
N MET A 49 3.10 4.68 -13.79
CA MET A 49 2.84 5.48 -14.98
C MET A 49 1.84 4.78 -15.89
N HIS A 50 0.93 5.56 -16.48
CA HIS A 50 -0.12 5.03 -17.35
C HIS A 50 0.24 5.26 -18.81
N PRO A 51 -0.32 4.45 -19.74
CA PRO A 51 -0.19 4.70 -21.19
C PRO A 51 -1.02 5.93 -21.61
N GLU A 52 -0.67 7.09 -21.05
CA GLU A 52 -1.38 8.34 -21.27
C GLU A 52 -2.77 8.30 -20.62
N GLY A 53 -3.33 9.48 -20.35
CA GLY A 53 -4.64 9.57 -19.71
C GLY A 53 -4.84 10.90 -19.02
N ASN A 54 -3.74 11.53 -18.60
CA ASN A 54 -3.80 12.80 -17.87
C ASN A 54 -2.45 13.48 -17.90
N GLY A 55 -1.43 12.75 -17.47
CA GLY A 55 -0.07 13.28 -17.43
C GLY A 55 0.64 12.82 -16.19
N ARG A 56 0.03 13.06 -15.04
CA ARG A 56 0.55 12.60 -13.76
C ARG A 56 0.33 11.10 -13.63
N SER A 57 1.33 10.40 -13.09
CA SER A 57 1.25 8.97 -12.88
C SER A 57 0.40 8.64 -11.66
N GLY A 58 -0.21 7.46 -11.67
CA GLY A 58 -1.04 7.02 -10.55
C GLY A 58 -0.20 6.36 -9.48
N PHE A 59 -0.86 5.60 -8.60
CA PHE A 59 -0.16 4.96 -7.50
C PHE A 59 -0.60 3.51 -7.35
N LEU A 60 0.17 2.74 -6.62
CA LEU A 60 -0.15 1.33 -6.37
C LEU A 60 0.41 0.93 -5.01
N ILE A 61 -0.49 0.54 -4.10
CA ILE A 61 -0.08 0.03 -2.80
C ILE A 61 0.28 -1.45 -2.93
N HIS A 62 1.56 -1.71 -3.18
CA HIS A 62 2.03 -3.07 -3.45
C HIS A 62 2.73 -3.62 -2.21
N GLY A 63 2.00 -4.42 -1.43
CA GLY A 63 2.48 -4.86 -0.14
C GLY A 63 2.94 -6.32 -0.11
N GLU A 64 4.23 -6.48 0.17
CA GLU A 64 4.84 -7.75 0.58
C GLU A 64 6.36 -7.64 0.45
N ARG A 65 6.93 -8.16 -0.65
CA ARG A 65 8.34 -7.97 -0.99
C ARG A 65 9.31 -8.51 0.08
N GLN A 66 8.79 -9.04 1.19
CA GLN A 66 9.62 -9.41 2.34
C GLN A 66 10.80 -10.30 1.93
N LYS A 67 10.50 -11.45 1.35
CA LYS A 67 11.54 -12.40 0.94
C LYS A 67 11.98 -12.13 -0.51
N ASP A 68 11.43 -11.06 -1.09
CA ASP A 68 11.66 -10.68 -2.48
C ASP A 68 11.07 -11.74 -3.43
N LYS A 69 10.63 -11.31 -4.61
CA LYS A 69 9.83 -12.15 -5.51
C LYS A 69 8.58 -12.68 -4.80
N LEU A 70 8.12 -11.94 -3.80
CA LEU A 70 6.94 -12.34 -3.02
C LEU A 70 5.97 -11.16 -2.96
N VAL A 71 4.71 -11.42 -3.30
CA VAL A 71 3.65 -10.41 -3.28
C VAL A 71 2.38 -11.01 -2.69
N VAL A 72 1.64 -10.26 -1.87
CA VAL A 72 0.38 -10.77 -1.32
C VAL A 72 -0.76 -9.77 -1.50
N LEU A 73 -0.48 -8.50 -1.29
CA LEU A 73 -1.52 -7.46 -1.33
C LEU A 73 -1.11 -6.40 -2.34
N GLU A 74 -2.06 -6.00 -3.18
CA GLU A 74 -1.84 -4.88 -4.10
C GLU A 74 -3.15 -4.13 -4.32
N CYS A 75 -3.10 -2.83 -4.17
CA CYS A 75 -4.28 -1.98 -4.34
C CYS A 75 -3.93 -0.84 -5.27
N TYR A 76 -4.49 -0.88 -6.48
CA TYR A 76 -4.21 0.11 -7.50
C TYR A 76 -4.92 1.43 -7.16
N VAL A 77 -4.18 2.52 -7.17
CA VAL A 77 -4.72 3.83 -6.83
C VAL A 77 -4.91 4.64 -8.09
N ARG A 78 -6.04 4.44 -8.74
CA ARG A 78 -6.37 5.13 -9.97
C ARG A 78 -7.26 6.34 -9.66
N LYS A 79 -6.66 7.32 -8.96
CA LYS A 79 -7.37 8.52 -8.48
C LYS A 79 -8.20 8.19 -7.24
N ASP A 80 -8.98 7.11 -7.31
CA ASP A 80 -9.85 6.72 -6.19
C ASP A 80 -9.05 5.95 -5.15
N LEU A 81 -9.17 6.38 -3.90
CA LEU A 81 -8.46 5.78 -2.77
C LEU A 81 -8.88 6.50 -1.49
N VAL A 82 -9.15 5.72 -0.44
CA VAL A 82 -9.57 6.29 0.83
C VAL A 82 -9.04 5.48 2.01
N TYR A 83 -8.04 6.02 2.70
CA TYR A 83 -7.48 5.40 3.90
C TYR A 83 -8.24 5.85 5.14
N THR A 84 -8.28 4.99 6.15
CA THR A 84 -8.92 5.29 7.42
C THR A 84 -8.22 4.52 8.55
N LYS A 85 -7.69 5.24 9.53
CA LYS A 85 -7.05 4.62 10.67
C LYS A 85 -8.07 4.39 11.78
N ALA A 86 -8.40 3.13 12.03
CA ALA A 86 -9.37 2.77 13.05
C ALA A 86 -8.72 2.83 14.44
N ASN A 87 -7.56 2.18 14.55
CA ASN A 87 -6.81 2.14 15.80
C ASN A 87 -5.43 2.75 15.56
N PRO A 88 -4.79 3.31 16.60
CA PRO A 88 -3.50 4.00 16.48
C PRO A 88 -2.47 3.18 15.67
N THR A 89 -2.53 1.86 15.80
CA THR A 89 -1.57 0.96 15.17
C THR A 89 -2.24 0.12 14.07
N PHE A 90 -3.45 0.51 13.67
CA PHE A 90 -4.20 -0.24 12.65
C PHE A 90 -4.90 0.69 11.68
N HIS A 91 -4.55 0.57 10.41
CA HIS A 91 -5.14 1.35 9.33
C HIS A 91 -5.89 0.41 8.38
N HIS A 92 -6.83 0.94 7.63
CA HIS A 92 -7.53 0.18 6.60
C HIS A 92 -8.07 1.10 5.53
N TRP A 93 -8.32 0.55 4.36
CA TRP A 93 -8.91 1.29 3.26
C TRP A 93 -9.84 0.40 2.46
N LYS A 94 -10.55 0.96 1.50
CA LYS A 94 -11.47 0.20 0.67
C LYS A 94 -11.45 0.74 -0.76
N VAL A 95 -11.81 -0.12 -1.71
CA VAL A 95 -11.89 0.30 -3.12
C VAL A 95 -13.19 -0.19 -3.75
N ASP A 96 -13.37 -1.50 -3.84
CA ASP A 96 -14.57 -2.08 -4.44
C ASP A 96 -15.35 -2.86 -3.39
N ASN A 97 -15.98 -2.10 -2.47
CA ASN A 97 -16.80 -2.66 -1.39
C ASN A 97 -15.95 -3.30 -0.28
N ARG A 98 -14.89 -4.00 -0.67
CA ARG A 98 -14.06 -4.72 0.29
C ARG A 98 -12.97 -3.83 0.88
N LYS A 99 -12.62 -4.11 2.14
CA LYS A 99 -11.59 -3.38 2.86
C LYS A 99 -10.27 -4.16 2.86
N PHE A 100 -9.15 -3.44 2.77
CA PHE A 100 -7.82 -4.02 2.93
C PHE A 100 -7.15 -3.34 4.13
N GLY A 101 -6.35 -4.09 4.90
CA GLY A 101 -5.84 -3.58 6.16
C GLY A 101 -4.34 -3.38 6.17
N LEU A 102 -3.87 -2.60 7.14
CA LEU A 102 -2.46 -2.30 7.31
C LEU A 102 -2.13 -2.06 8.78
N THR A 103 -1.46 -3.02 9.40
CA THR A 103 -1.03 -2.89 10.80
C THR A 103 0.34 -2.24 10.89
N PHE A 104 0.42 -1.15 11.65
CA PHE A 104 1.67 -0.43 11.85
C PHE A 104 2.56 -1.15 12.85
N GLN A 105 3.85 -0.84 12.83
CA GLN A 105 4.80 -1.45 13.75
C GLN A 105 5.27 -0.44 14.80
N SER A 106 5.55 0.79 14.35
CA SER A 106 6.02 1.84 15.24
C SER A 106 5.39 3.18 14.87
N PRO A 107 5.22 4.09 15.86
CA PRO A 107 4.61 5.42 15.63
C PRO A 107 5.21 6.17 14.44
N ALA A 108 6.50 5.93 14.18
CA ALA A 108 7.20 6.57 13.07
C ALA A 108 6.60 6.18 11.73
N ASP A 109 6.68 4.89 11.40
CA ASP A 109 6.12 4.37 10.14
C ASP A 109 4.61 4.55 10.12
N ALA A 110 3.99 4.45 11.29
CA ALA A 110 2.56 4.65 11.45
C ALA A 110 2.14 6.01 10.90
N ARG A 111 2.63 7.08 11.52
CA ARG A 111 2.31 8.44 11.09
C ARG A 111 2.87 8.72 9.71
N ALA A 112 3.92 7.99 9.33
CA ALA A 112 4.47 8.10 7.98
C ALA A 112 3.42 7.68 6.95
N PHE A 113 2.67 6.62 7.26
CA PHE A 113 1.57 6.17 6.40
C PHE A 113 0.41 7.16 6.46
N ASP A 114 0.02 7.55 7.66
CA ASP A 114 -1.09 8.52 7.84
C ASP A 114 -0.81 9.79 7.03
N ARG A 115 0.23 10.51 7.43
CA ARG A 115 0.60 11.77 6.80
C ARG A 115 1.00 11.55 5.34
N GLY A 116 1.68 10.42 5.08
CA GLY A 116 2.11 10.10 3.74
C GLY A 116 0.96 9.98 2.76
N VAL A 117 -0.03 9.15 3.10
CA VAL A 117 -1.17 8.94 2.21
C VAL A 117 -2.00 10.20 2.09
N ARG A 118 -2.12 10.96 3.18
CA ARG A 118 -2.85 12.22 3.17
C ARG A 118 -2.22 13.21 2.19
N LYS A 119 -0.89 13.29 2.18
CA LYS A 119 -0.19 14.17 1.25
C LYS A 119 -0.17 13.58 -0.16
N ALA A 120 -0.23 12.26 -0.25
CA ALA A 120 -0.34 11.58 -1.54
C ALA A 120 -1.64 11.97 -2.21
N ILE A 121 -2.73 11.88 -1.46
CA ILE A 121 -4.06 12.27 -1.93
C ILE A 121 -4.11 13.77 -2.16
N GLU A 122 -3.41 14.51 -1.29
CA GLU A 122 -3.33 15.98 -1.40
C GLU A 122 -2.84 16.37 -2.79
N ASP A 123 -1.67 15.87 -3.15
CA ASP A 123 -1.08 16.16 -4.46
C ASP A 123 -1.87 15.48 -5.58
N LEU A 124 -2.48 14.34 -5.26
CA LEU A 124 -3.32 13.63 -6.24
C LEU A 124 -4.46 14.54 -6.69
N ILE A 125 -5.07 15.23 -5.73
CA ILE A 125 -6.16 16.16 -6.02
C ILE A 125 -5.61 17.47 -6.57
N GLU A 126 -4.41 17.84 -6.13
CA GLU A 126 -3.75 19.05 -6.58
C GLU A 126 -2.86 18.74 -7.79
N GLY A 1 22.78 -4.21 -19.93
CA GLY A 1 22.47 -2.89 -20.51
C GLY A 1 21.15 -2.34 -19.99
N SER A 2 20.88 -1.08 -20.30
CA SER A 2 19.66 -0.42 -19.85
C SER A 2 18.42 -1.04 -20.51
N MET A 3 17.82 -2.01 -19.82
CA MET A 3 16.60 -2.66 -20.28
C MET A 3 15.81 -3.18 -19.07
N THR A 4 15.72 -2.33 -18.05
CA THR A 4 15.07 -2.67 -16.80
C THR A 4 13.65 -2.11 -16.73
N GLU A 5 12.66 -2.99 -16.74
CA GLU A 5 11.25 -2.61 -16.56
C GLU A 5 10.70 -3.37 -15.35
N GLU A 6 9.46 -3.06 -14.95
CA GLU A 6 8.80 -3.68 -13.80
C GLU A 6 9.46 -3.19 -12.51
N THR A 7 10.66 -3.67 -12.23
CA THR A 7 11.51 -3.18 -11.13
C THR A 7 10.77 -3.00 -9.80
N HIS A 8 10.92 -4.00 -8.93
CA HIS A 8 10.27 -4.04 -7.62
C HIS A 8 11.15 -4.87 -6.67
N PRO A 9 11.49 -6.14 -7.02
CA PRO A 9 12.49 -6.92 -6.29
C PRO A 9 13.91 -6.51 -6.69
N ASP A 10 14.09 -5.20 -6.86
CA ASP A 10 15.31 -4.59 -7.36
C ASP A 10 15.20 -3.09 -7.13
N ASP A 11 13.94 -2.64 -7.17
CA ASP A 11 13.52 -1.32 -6.70
C ASP A 11 13.82 -0.20 -7.69
N ASP A 12 12.77 0.24 -8.40
CA ASP A 12 12.84 1.50 -9.19
C ASP A 12 11.47 2.16 -9.26
N SER A 13 10.41 1.38 -9.09
CA SER A 13 9.04 1.89 -9.20
C SER A 13 8.52 2.42 -7.86
N TYR A 14 9.28 2.19 -6.79
CA TYR A 14 8.87 2.57 -5.44
C TYR A 14 9.28 3.99 -5.12
N ILE A 15 8.47 4.66 -4.31
CA ILE A 15 8.84 5.92 -3.69
C ILE A 15 9.14 5.68 -2.22
N VAL A 16 8.34 4.78 -1.62
CA VAL A 16 8.53 4.34 -0.25
C VAL A 16 8.35 2.83 -0.20
N ARG A 17 9.13 2.14 0.63
CA ARG A 17 9.01 0.68 0.76
C ARG A 17 9.39 0.26 2.18
N VAL A 18 8.43 0.34 3.08
CA VAL A 18 8.65 0.02 4.49
C VAL A 18 7.97 -1.31 4.83
N LYS A 19 8.63 -2.12 5.66
CA LYS A 19 8.05 -3.37 6.11
C LYS A 19 7.09 -3.12 7.27
N ALA A 20 5.87 -3.62 7.14
CA ALA A 20 4.85 -3.50 8.18
C ALA A 20 3.91 -4.69 8.12
N VAL A 21 3.02 -4.82 9.10
CA VAL A 21 2.12 -5.97 9.17
C VAL A 21 0.88 -5.74 8.32
N VAL A 22 0.90 -6.26 7.10
CA VAL A 22 -0.22 -6.12 6.18
C VAL A 22 -1.32 -7.13 6.52
N MET A 23 -2.47 -6.61 6.95
CA MET A 23 -3.62 -7.43 7.29
C MET A 23 -4.60 -7.44 6.13
N THR A 24 -5.43 -8.47 6.05
CA THR A 24 -6.42 -8.55 5.00
C THR A 24 -7.80 -8.86 5.58
N ARG A 25 -8.82 -8.25 4.99
CA ARG A 25 -10.19 -8.55 5.35
C ARG A 25 -10.70 -9.61 4.38
N ASP A 26 -10.73 -10.86 4.82
CA ASP A 26 -11.24 -11.95 3.98
C ASP A 26 -12.61 -11.58 3.45
N ASP A 27 -12.72 -11.55 2.12
CA ASP A 27 -13.93 -11.14 1.42
C ASP A 27 -15.18 -11.68 2.12
N SER A 28 -15.93 -10.76 2.76
CA SER A 28 -17.12 -11.09 3.54
C SER A 28 -16.86 -12.28 4.48
N SER A 29 -16.25 -12.00 5.63
CA SER A 29 -15.85 -13.06 6.56
C SER A 29 -16.32 -12.72 7.98
N GLY A 30 -15.69 -11.70 8.59
CA GLY A 30 -16.05 -11.31 9.93
C GLY A 30 -15.12 -10.23 10.46
N GLY A 31 -13.83 -10.55 10.56
CA GLY A 31 -12.86 -9.60 11.08
C GLY A 31 -11.67 -9.44 10.15
N TRP A 32 -10.48 -9.34 10.74
CA TRP A 32 -9.24 -9.21 9.98
C TRP A 32 -8.26 -10.31 10.38
N PHE A 33 -7.41 -10.73 9.45
CA PHE A 33 -6.41 -11.75 9.74
C PHE A 33 -5.17 -11.53 8.89
N PRO A 34 -3.98 -11.97 9.38
CA PRO A 34 -2.74 -11.90 8.61
C PRO A 34 -2.81 -12.74 7.34
N GLN A 35 -2.53 -12.11 6.21
CA GLN A 35 -2.44 -12.82 4.94
C GLN A 35 -1.21 -13.73 4.91
N GLU A 36 -0.86 -14.27 3.74
CA GLU A 36 0.22 -15.25 3.63
C GLU A 36 1.55 -14.73 4.20
N GLY A 37 1.63 -13.43 4.43
CA GLY A 37 2.79 -12.86 5.09
C GLY A 37 2.87 -13.29 6.55
N GLY A 38 1.71 -13.32 7.22
CA GLY A 38 1.64 -13.75 8.60
C GLY A 38 1.89 -12.61 9.56
N GLY A 39 2.76 -11.70 9.14
CA GLY A 39 3.05 -10.51 9.93
C GLY A 39 3.72 -9.45 9.09
N ILE A 40 5.03 -9.29 9.30
CA ILE A 40 5.80 -8.30 8.56
C ILE A 40 5.75 -8.61 7.06
N SER A 41 5.48 -7.58 6.28
CA SER A 41 5.42 -7.68 4.83
C SER A 41 5.92 -6.38 4.21
N ARG A 42 6.47 -6.45 3.00
CA ARG A 42 6.98 -5.28 2.31
C ARG A 42 5.83 -4.39 1.82
N VAL A 43 5.60 -3.28 2.51
CA VAL A 43 4.62 -2.30 2.06
C VAL A 43 5.25 -1.38 1.02
N GLY A 44 5.14 -1.78 -0.24
CA GLY A 44 5.73 -1.04 -1.32
C GLY A 44 4.81 0.03 -1.86
N VAL A 45 5.09 1.28 -1.51
CA VAL A 45 4.36 2.41 -2.05
C VAL A 45 4.91 2.75 -3.43
N CYS A 46 4.33 2.10 -4.44
CA CYS A 46 4.72 2.31 -5.83
C CYS A 46 3.94 3.50 -6.39
N LYS A 47 4.57 4.26 -7.30
CA LYS A 47 3.97 5.48 -7.82
C LYS A 47 4.31 5.63 -9.30
N VAL A 48 3.37 5.22 -10.16
CA VAL A 48 3.59 5.24 -11.61
C VAL A 48 2.94 6.47 -12.23
N MET A 49 3.68 7.16 -13.09
CA MET A 49 3.18 8.40 -13.70
C MET A 49 2.13 8.09 -14.77
N HIS A 50 1.22 9.04 -14.98
CA HIS A 50 0.20 8.92 -16.02
C HIS A 50 0.70 9.61 -17.30
N PRO A 51 0.78 8.86 -18.42
CA PRO A 51 1.33 9.36 -19.68
C PRO A 51 0.74 10.71 -20.11
N GLU A 52 -0.59 10.79 -20.19
CA GLU A 52 -1.26 12.00 -20.61
C GLU A 52 -2.69 12.03 -20.06
N GLY A 53 -3.02 13.11 -19.37
CA GLY A 53 -4.33 13.26 -18.75
C GLY A 53 -4.25 14.09 -17.49
N ASN A 54 -5.24 13.97 -16.61
CA ASN A 54 -5.20 14.67 -15.32
C ASN A 54 -4.66 13.73 -14.26
N GLY A 55 -3.68 14.21 -13.49
CA GLY A 55 -3.04 13.39 -12.48
C GLY A 55 -1.56 13.28 -12.71
N ARG A 56 -0.79 13.24 -11.63
CA ARG A 56 0.67 13.15 -11.72
C ARG A 56 1.10 11.70 -11.82
N SER A 57 0.69 10.90 -10.84
CA SER A 57 1.09 9.51 -10.77
C SER A 57 0.06 8.69 -9.97
N GLY A 58 -0.31 7.54 -10.51
CA GLY A 58 -1.18 6.62 -9.80
C GLY A 58 -0.40 5.84 -8.76
N PHE A 59 -1.04 5.51 -7.65
CA PHE A 59 -0.37 4.86 -6.54
C PHE A 59 -0.71 3.38 -6.49
N LEU A 60 0.30 2.53 -6.56
CA LEU A 60 0.11 1.09 -6.53
C LEU A 60 0.50 0.58 -5.14
N ILE A 61 -0.51 0.20 -4.35
CA ILE A 61 -0.25 -0.41 -3.06
C ILE A 61 0.28 -1.82 -3.28
N HIS A 62 1.60 -1.93 -3.34
CA HIS A 62 2.27 -3.18 -3.69
C HIS A 62 2.71 -3.92 -2.42
N GLY A 63 1.92 -4.92 -2.03
CA GLY A 63 2.20 -5.66 -0.81
C GLY A 63 2.91 -6.97 -1.08
N GLU A 64 4.16 -7.07 -0.64
CA GLU A 64 4.97 -8.26 -0.86
C GLU A 64 5.14 -9.04 0.44
N ARG A 65 5.05 -10.37 0.35
CA ARG A 65 5.31 -11.22 1.51
C ARG A 65 6.80 -11.15 1.87
N GLN A 66 7.09 -10.93 3.15
CA GLN A 66 8.46 -10.77 3.62
C GLN A 66 9.32 -11.99 3.31
N LYS A 67 10.63 -11.78 3.22
CA LYS A 67 11.61 -12.84 2.97
C LYS A 67 11.54 -13.34 1.53
N ASP A 68 10.46 -14.03 1.18
CA ASP A 68 10.33 -14.62 -0.15
C ASP A 68 10.15 -13.53 -1.21
N LYS A 69 9.43 -12.46 -0.82
CA LYS A 69 9.24 -11.30 -1.68
C LYS A 69 8.49 -11.64 -2.97
N LEU A 70 7.16 -11.65 -2.88
CA LEU A 70 6.31 -11.82 -4.04
C LEU A 70 4.99 -11.09 -3.81
N VAL A 71 4.32 -10.70 -4.90
CA VAL A 71 3.14 -9.84 -4.81
C VAL A 71 1.93 -10.59 -4.26
N VAL A 72 1.75 -10.51 -2.94
CA VAL A 72 0.59 -11.13 -2.29
C VAL A 72 -0.59 -10.16 -2.26
N LEU A 73 -0.29 -8.88 -2.05
CA LEU A 73 -1.30 -7.83 -2.08
C LEU A 73 -1.01 -6.85 -3.22
N GLU A 74 -2.05 -6.43 -3.92
CA GLU A 74 -1.91 -5.47 -5.01
C GLU A 74 -3.20 -4.66 -5.12
N CYS A 75 -3.10 -3.36 -4.85
CA CYS A 75 -4.26 -2.47 -4.93
C CYS A 75 -3.87 -1.16 -5.58
N TYR A 76 -4.20 -1.01 -6.85
CA TYR A 76 -3.88 0.20 -7.60
C TYR A 76 -4.96 1.26 -7.37
N VAL A 77 -4.61 2.33 -6.68
CA VAL A 77 -5.53 3.43 -6.43
C VAL A 77 -5.30 4.53 -7.46
N ARG A 78 -6.17 4.54 -8.45
CA ARG A 78 -6.02 5.40 -9.62
C ARG A 78 -6.27 6.87 -9.29
N LYS A 79 -7.34 7.13 -8.55
CA LYS A 79 -7.74 8.51 -8.25
C LYS A 79 -8.67 8.53 -7.04
N ASP A 80 -8.48 7.56 -6.15
CA ASP A 80 -9.31 7.43 -4.96
C ASP A 80 -8.49 6.81 -3.83
N LEU A 81 -8.70 7.31 -2.61
CA LEU A 81 -8.02 6.82 -1.43
C LEU A 81 -8.86 7.11 -0.18
N VAL A 82 -9.55 6.09 0.31
CA VAL A 82 -10.29 6.23 1.56
C VAL A 82 -9.31 6.23 2.76
N TYR A 83 -8.47 5.19 2.80
CA TYR A 83 -7.42 5.02 3.83
C TYR A 83 -7.84 5.64 5.17
N THR A 84 -8.60 4.89 5.94
CA THR A 84 -9.10 5.33 7.24
C THR A 84 -8.45 4.50 8.35
N LYS A 85 -7.98 5.17 9.40
CA LYS A 85 -7.37 4.47 10.52
C LYS A 85 -8.41 4.21 11.61
N ALA A 86 -8.89 2.97 11.65
CA ALA A 86 -9.92 2.57 12.61
C ALA A 86 -9.32 2.49 14.01
N ASN A 87 -8.19 1.79 14.11
CA ASN A 87 -7.43 1.72 15.35
C ASN A 87 -6.20 2.60 15.23
N PRO A 88 -5.66 3.11 16.36
CA PRO A 88 -4.47 3.97 16.36
C PRO A 88 -3.33 3.40 15.51
N THR A 89 -3.23 2.06 15.46
CA THR A 89 -2.17 1.39 14.72
C THR A 89 -2.72 0.48 13.61
N PHE A 90 -3.99 0.66 13.24
CA PHE A 90 -4.59 -0.14 12.17
C PHE A 90 -5.27 0.76 11.15
N HIS A 91 -4.64 0.91 9.99
CA HIS A 91 -5.15 1.71 8.89
C HIS A 91 -5.74 0.75 7.83
N HIS A 92 -6.94 1.04 7.34
CA HIS A 92 -7.59 0.17 6.36
C HIS A 92 -8.07 0.98 5.16
N TRP A 93 -8.19 0.30 4.02
CA TRP A 93 -8.67 0.92 2.80
C TRP A 93 -9.50 -0.06 1.99
N LYS A 94 -10.34 0.45 1.10
CA LYS A 94 -11.18 -0.36 0.24
C LYS A 94 -11.29 0.33 -1.12
N VAL A 95 -11.43 -0.45 -2.18
CA VAL A 95 -11.54 0.13 -3.52
C VAL A 95 -12.76 -0.42 -4.26
N ASP A 96 -12.76 -1.71 -4.58
CA ASP A 96 -13.90 -2.35 -5.22
C ASP A 96 -14.41 -3.48 -4.35
N ASN A 97 -15.19 -3.10 -3.33
CA ASN A 97 -15.78 -4.03 -2.37
C ASN A 97 -14.74 -4.56 -1.38
N ARG A 98 -13.63 -5.09 -1.89
CA ARG A 98 -12.63 -5.71 -1.03
C ARG A 98 -11.92 -4.64 -0.20
N LYS A 99 -11.68 -4.96 1.07
CA LYS A 99 -11.03 -4.06 2.01
C LYS A 99 -9.76 -4.70 2.55
N PHE A 100 -8.68 -3.92 2.60
CA PHE A 100 -7.39 -4.41 3.07
C PHE A 100 -6.90 -3.54 4.23
N GLY A 101 -5.92 -4.02 4.98
CA GLY A 101 -5.48 -3.30 6.18
C GLY A 101 -3.97 -3.31 6.36
N LEU A 102 -3.50 -2.36 7.15
CA LEU A 102 -2.08 -2.20 7.44
C LEU A 102 -1.90 -1.87 8.91
N THR A 103 -1.27 -2.77 9.66
CA THR A 103 -0.97 -2.54 11.05
C THR A 103 0.42 -1.95 11.22
N PHE A 104 0.48 -0.75 11.79
CA PHE A 104 1.74 -0.07 12.02
C PHE A 104 2.55 -0.78 13.10
N GLN A 105 3.86 -0.55 13.11
CA GLN A 105 4.74 -1.20 14.08
C GLN A 105 5.24 -0.19 15.11
N SER A 106 5.68 0.97 14.62
CA SER A 106 6.26 2.00 15.49
C SER A 106 5.68 3.38 15.12
N PRO A 107 5.71 4.33 16.08
CA PRO A 107 5.25 5.71 15.83
C PRO A 107 5.89 6.33 14.58
N ALA A 108 7.13 5.91 14.28
CA ALA A 108 7.86 6.42 13.12
C ALA A 108 7.12 6.11 11.82
N ASP A 109 6.92 4.82 11.53
CA ASP A 109 6.24 4.40 10.31
C ASP A 109 4.79 4.86 10.31
N ALA A 110 4.11 4.70 11.45
CA ALA A 110 2.72 5.15 11.60
C ALA A 110 2.58 6.61 11.19
N ARG A 111 3.39 7.46 11.82
CA ARG A 111 3.34 8.91 11.58
C ARG A 111 3.65 9.21 10.11
N ALA A 112 4.61 8.45 9.56
CA ALA A 112 5.02 8.61 8.17
C ALA A 112 3.88 8.32 7.21
N PHE A 113 3.13 7.23 7.49
CA PHE A 113 2.01 6.83 6.64
C PHE A 113 0.86 7.83 6.75
N ASP A 114 0.59 8.32 7.96
CA ASP A 114 -0.47 9.31 8.17
C ASP A 114 -0.20 10.58 7.37
N ARG A 115 0.95 11.19 7.62
CA ARG A 115 1.32 12.42 6.91
C ARG A 115 1.55 12.14 5.43
N GLY A 116 2.03 10.93 5.14
CA GLY A 116 2.27 10.52 3.78
C GLY A 116 1.00 10.47 2.96
N VAL A 117 -0.03 9.82 3.49
CA VAL A 117 -1.30 9.70 2.79
C VAL A 117 -1.96 11.07 2.67
N ARG A 118 -1.84 11.89 3.71
CA ARG A 118 -2.37 13.26 3.66
C ARG A 118 -1.76 14.01 2.48
N LYS A 119 -0.43 13.95 2.38
CA LYS A 119 0.30 14.59 1.28
C LYS A 119 -0.18 14.03 -0.07
N ALA A 120 -0.34 12.71 -0.12
CA ALA A 120 -0.81 12.03 -1.33
C ALA A 120 -2.18 12.57 -1.74
N ILE A 121 -3.08 12.67 -0.76
CA ILE A 121 -4.44 13.18 -1.01
C ILE A 121 -4.38 14.60 -1.57
N GLU A 122 -3.57 15.44 -0.94
CA GLU A 122 -3.40 16.83 -1.36
C GLU A 122 -3.08 16.91 -2.86
N ASP A 123 -1.99 16.26 -3.26
CA ASP A 123 -1.51 16.35 -4.64
C ASP A 123 -2.39 15.55 -5.60
N LEU A 124 -2.95 14.44 -5.10
CA LEU A 124 -3.79 13.58 -5.92
C LEU A 124 -5.08 14.30 -6.32
N ILE A 125 -5.65 15.04 -5.38
CA ILE A 125 -6.90 15.76 -5.62
C ILE A 125 -6.64 17.06 -6.39
N GLU A 126 -5.77 17.92 -5.84
CA GLU A 126 -5.50 19.21 -6.46
C GLU A 126 -4.09 19.71 -6.11
N GLY A 1 28.19 -8.51 -7.23
CA GLY A 1 27.80 -9.34 -6.07
C GLY A 1 26.29 -9.42 -5.91
N SER A 2 25.82 -10.39 -5.13
CA SER A 2 24.39 -10.56 -4.88
C SER A 2 23.93 -9.73 -3.68
N MET A 3 24.64 -8.63 -3.44
CA MET A 3 24.29 -7.68 -2.39
C MET A 3 23.40 -6.59 -2.96
N THR A 4 22.66 -5.90 -2.09
CA THR A 4 21.72 -4.85 -2.49
C THR A 4 20.48 -5.48 -3.13
N GLU A 5 19.31 -5.11 -2.62
CA GLU A 5 18.05 -5.71 -3.06
C GLU A 5 17.21 -4.73 -3.87
N GLU A 6 16.40 -5.27 -4.76
CA GLU A 6 15.27 -4.55 -5.32
C GLU A 6 14.02 -5.16 -4.71
N THR A 7 13.00 -4.34 -4.47
CA THR A 7 11.80 -4.83 -3.81
C THR A 7 10.93 -5.56 -4.83
N HIS A 8 11.03 -5.13 -6.09
CA HIS A 8 10.33 -5.75 -7.19
C HIS A 8 11.37 -6.26 -8.20
N PRO A 9 11.21 -7.49 -8.74
CA PRO A 9 12.14 -8.06 -9.73
C PRO A 9 12.32 -7.16 -10.96
N ASP A 10 11.54 -6.09 -11.03
CA ASP A 10 11.68 -5.06 -12.06
C ASP A 10 11.42 -3.70 -11.41
N ASP A 11 12.04 -3.50 -10.24
CA ASP A 11 11.83 -2.30 -9.43
C ASP A 11 12.03 -1.04 -10.25
N ASP A 12 10.93 -0.38 -10.62
CA ASP A 12 10.97 0.79 -11.48
C ASP A 12 10.95 2.10 -10.68
N SER A 13 9.94 2.27 -9.82
CA SER A 13 9.77 3.52 -9.08
C SER A 13 9.24 3.27 -7.66
N TYR A 14 9.71 2.19 -7.02
CA TYR A 14 9.31 1.89 -5.65
C TYR A 14 10.05 2.81 -4.67
N ILE A 15 9.41 3.92 -4.33
CA ILE A 15 10.03 4.96 -3.51
C ILE A 15 10.23 4.49 -2.07
N VAL A 16 9.15 4.07 -1.41
CA VAL A 16 9.19 3.69 -0.01
C VAL A 16 8.51 2.35 0.23
N ARG A 17 9.18 1.45 0.94
CA ARG A 17 8.58 0.19 1.38
C ARG A 17 8.41 0.22 2.90
N VAL A 18 7.19 0.55 3.35
CA VAL A 18 6.88 0.68 4.77
C VAL A 18 6.73 -0.70 5.42
N LYS A 19 6.97 -0.78 6.74
CA LYS A 19 6.82 -2.04 7.47
C LYS A 19 5.48 -2.09 8.18
N ALA A 20 4.78 -3.20 8.01
CA ALA A 20 3.51 -3.44 8.69
C ALA A 20 3.08 -4.87 8.45
N VAL A 21 1.83 -5.17 8.78
CA VAL A 21 1.20 -6.41 8.39
C VAL A 21 0.00 -6.08 7.50
N VAL A 22 0.02 -6.58 6.27
CA VAL A 22 -1.08 -6.34 5.34
C VAL A 22 -2.31 -7.13 5.77
N MET A 23 -3.17 -6.47 6.53
CA MET A 23 -4.39 -7.10 7.05
C MET A 23 -5.52 -6.99 6.05
N THR A 24 -5.88 -8.12 5.49
CA THR A 24 -7.03 -8.21 4.62
C THR A 24 -8.20 -8.79 5.41
N ARG A 25 -9.29 -8.03 5.51
CA ARG A 25 -10.47 -8.49 6.23
C ARG A 25 -11.16 -9.57 5.40
N ASP A 26 -11.18 -10.80 5.93
CA ASP A 26 -11.73 -11.95 5.20
C ASP A 26 -13.18 -11.69 4.83
N ASP A 27 -13.39 -11.13 3.63
CA ASP A 27 -14.70 -10.74 3.13
C ASP A 27 -15.41 -9.80 4.11
N SER A 28 -16.12 -10.38 5.08
CA SER A 28 -16.81 -9.61 6.11
C SER A 28 -17.06 -10.50 7.33
N SER A 29 -16.21 -11.52 7.50
CA SER A 29 -16.33 -12.46 8.61
C SER A 29 -14.93 -12.85 9.11
N GLY A 30 -14.86 -13.36 10.34
CA GLY A 30 -13.59 -13.78 10.90
C GLY A 30 -12.81 -12.62 11.48
N GLY A 31 -12.60 -11.59 10.66
CA GLY A 31 -11.90 -10.39 11.11
C GLY A 31 -10.81 -9.97 10.14
N TRP A 32 -9.89 -9.14 10.62
CA TRP A 32 -8.73 -8.74 9.81
C TRP A 32 -7.64 -9.79 9.92
N PHE A 33 -7.47 -10.59 8.88
CA PHE A 33 -6.52 -11.69 8.90
C PHE A 33 -5.26 -11.31 8.10
N PRO A 34 -4.08 -11.83 8.51
CA PRO A 34 -2.81 -11.55 7.81
C PRO A 34 -2.87 -12.03 6.36
N GLN A 35 -2.44 -11.16 5.44
CA GLN A 35 -2.51 -11.42 3.99
C GLN A 35 -2.15 -12.87 3.65
N GLU A 36 -1.06 -13.34 4.24
CA GLU A 36 -0.59 -14.71 4.05
C GLU A 36 0.63 -14.94 4.95
N GLY A 37 1.42 -13.88 5.09
CA GLY A 37 2.51 -13.88 6.05
C GLY A 37 2.20 -12.97 7.22
N GLY A 38 3.00 -13.05 8.28
CA GLY A 38 2.75 -12.24 9.47
C GLY A 38 4.01 -11.56 9.97
N GLY A 39 3.85 -10.40 10.59
CA GLY A 39 4.97 -9.67 11.15
C GLY A 39 5.73 -8.87 10.10
N ILE A 40 6.23 -9.55 9.09
CA ILE A 40 6.99 -8.91 8.03
C ILE A 40 6.13 -8.73 6.77
N SER A 41 5.74 -7.48 6.51
CA SER A 41 5.08 -7.14 5.26
C SER A 41 5.56 -5.77 4.78
N ARG A 42 6.26 -5.76 3.65
CA ARG A 42 6.71 -4.51 3.03
C ARG A 42 5.63 -4.00 2.10
N VAL A 43 5.33 -2.72 2.19
CA VAL A 43 4.37 -2.08 1.32
C VAL A 43 5.09 -1.19 0.30
N GLY A 44 5.24 -1.71 -0.90
CA GLY A 44 5.92 -1.00 -1.96
C GLY A 44 5.12 0.16 -2.49
N VAL A 45 5.22 1.30 -1.82
CA VAL A 45 4.56 2.52 -2.27
C VAL A 45 5.31 3.12 -3.45
N CYS A 46 4.72 3.01 -4.63
CA CYS A 46 5.35 3.48 -5.86
C CYS A 46 4.43 4.47 -6.61
N LYS A 47 4.97 5.65 -6.90
CA LYS A 47 4.26 6.65 -7.69
C LYS A 47 4.53 6.40 -9.17
N VAL A 48 3.68 5.56 -9.77
CA VAL A 48 3.86 5.12 -11.14
C VAL A 48 3.45 6.21 -12.13
N MET A 49 4.36 6.56 -13.04
CA MET A 49 4.05 7.49 -14.12
C MET A 49 3.34 6.78 -15.24
N HIS A 50 2.04 7.06 -15.38
CA HIS A 50 1.21 6.44 -16.41
C HIS A 50 1.63 6.92 -17.80
N PRO A 51 1.37 6.12 -18.85
CA PRO A 51 1.71 6.48 -20.23
C PRO A 51 1.12 7.84 -20.61
N GLU A 52 1.93 8.67 -21.27
CA GLU A 52 1.53 10.03 -21.62
C GLU A 52 1.24 10.83 -20.35
N GLY A 53 2.06 10.62 -19.33
CA GLY A 53 1.90 11.31 -18.06
C GLY A 53 1.76 12.81 -18.23
N ASN A 54 0.54 13.30 -18.05
CA ASN A 54 0.22 14.72 -18.23
C ASN A 54 0.64 15.54 -17.02
N GLY A 55 0.90 14.85 -15.91
CA GLY A 55 1.28 15.52 -14.68
C GLY A 55 0.83 14.75 -13.47
N ARG A 56 -0.20 13.93 -13.64
CA ARG A 56 -0.71 13.09 -12.56
C ARG A 56 0.06 11.76 -12.56
N SER A 57 -0.15 10.95 -11.54
CA SER A 57 0.48 9.64 -11.45
C SER A 57 -0.45 8.63 -10.80
N GLY A 58 -0.09 7.35 -10.92
CA GLY A 58 -0.85 6.29 -10.30
C GLY A 58 -0.11 5.72 -9.11
N PHE A 59 -0.72 5.79 -7.94
CA PHE A 59 -0.09 5.34 -6.71
C PHE A 59 -0.43 3.88 -6.45
N LEU A 60 0.54 3.01 -6.71
CA LEU A 60 0.34 1.57 -6.55
C LEU A 60 0.79 1.15 -5.16
N ILE A 61 -0.17 0.85 -4.29
CA ILE A 61 0.11 0.30 -2.98
C ILE A 61 0.43 -1.18 -3.11
N HIS A 62 1.69 -1.48 -3.39
CA HIS A 62 2.15 -2.85 -3.62
C HIS A 62 2.60 -3.47 -2.30
N GLY A 63 2.81 -4.78 -2.29
CA GLY A 63 3.21 -5.45 -1.07
C GLY A 63 4.05 -6.69 -1.35
N GLU A 64 5.33 -6.64 -0.97
CA GLU A 64 6.27 -7.72 -1.25
C GLU A 64 7.27 -7.87 -0.10
N ARG A 65 8.34 -8.64 -0.36
CA ARG A 65 9.45 -8.78 0.60
C ARG A 65 8.92 -9.31 1.94
N GLN A 66 7.90 -10.17 1.86
CA GLN A 66 7.17 -10.65 3.05
C GLN A 66 8.05 -11.46 3.99
N LYS A 67 9.25 -11.82 3.53
CA LYS A 67 10.24 -12.47 4.39
C LYS A 67 11.55 -12.63 3.62
N ASP A 68 11.51 -13.41 2.54
CA ASP A 68 12.62 -13.48 1.60
C ASP A 68 12.27 -12.72 0.32
N LYS A 69 11.59 -13.40 -0.59
CA LYS A 69 11.16 -12.79 -1.85
C LYS A 69 9.76 -13.29 -2.19
N LEU A 70 8.76 -12.41 -2.06
CA LEU A 70 7.37 -12.81 -2.21
C LEU A 70 6.49 -11.60 -2.41
N VAL A 71 5.73 -11.59 -3.51
CA VAL A 71 4.72 -10.58 -3.77
C VAL A 71 3.35 -11.11 -3.38
N VAL A 72 2.56 -10.29 -2.69
CA VAL A 72 1.24 -10.72 -2.21
C VAL A 72 0.16 -9.66 -2.47
N LEU A 73 0.48 -8.39 -2.26
CA LEU A 73 -0.53 -7.33 -2.29
C LEU A 73 -0.21 -6.31 -3.38
N GLU A 74 -1.26 -5.80 -4.01
CA GLU A 74 -1.15 -4.72 -4.98
C GLU A 74 -2.49 -4.01 -5.14
N CYS A 75 -2.57 -2.77 -4.68
CA CYS A 75 -3.78 -1.97 -4.78
C CYS A 75 -3.45 -0.65 -5.47
N TYR A 76 -3.74 -0.60 -6.77
CA TYR A 76 -3.42 0.56 -7.60
C TYR A 76 -4.56 1.57 -7.57
N VAL A 77 -4.21 2.85 -7.41
CA VAL A 77 -5.18 3.94 -7.45
C VAL A 77 -4.57 5.13 -8.16
N ARG A 78 -5.38 5.87 -8.90
CA ARG A 78 -4.90 7.07 -9.58
C ARG A 78 -5.84 8.26 -9.30
N LYS A 79 -7.08 7.94 -8.97
CA LYS A 79 -8.08 8.93 -8.56
C LYS A 79 -9.21 8.21 -7.83
N ASP A 80 -8.84 7.10 -7.19
CA ASP A 80 -9.81 6.15 -6.66
C ASP A 80 -9.55 5.86 -5.19
N LEU A 81 -10.49 5.15 -4.55
CA LEU A 81 -10.28 4.57 -3.22
C LEU A 81 -10.26 5.62 -2.12
N VAL A 82 -10.65 5.21 -0.91
CA VAL A 82 -10.65 6.07 0.27
C VAL A 82 -10.16 5.28 1.48
N TYR A 83 -9.37 5.92 2.33
CA TYR A 83 -8.80 5.25 3.51
C TYR A 83 -9.67 5.49 4.75
N THR A 84 -9.39 4.71 5.78
CA THR A 84 -10.05 4.82 7.07
C THR A 84 -9.11 4.33 8.16
N LYS A 85 -8.62 5.25 8.98
CA LYS A 85 -7.69 4.91 10.05
C LYS A 85 -8.38 5.04 11.41
N ALA A 86 -8.11 4.08 12.29
CA ALA A 86 -8.68 4.09 13.63
C ALA A 86 -7.58 4.41 14.64
N ASN A 87 -6.44 3.75 14.48
CA ASN A 87 -5.29 3.93 15.35
C ASN A 87 -4.03 4.08 14.51
N PRO A 88 -2.95 4.67 15.06
CA PRO A 88 -1.67 4.82 14.34
C PRO A 88 -1.09 3.46 13.93
N THR A 89 -1.53 2.41 14.61
CA THR A 89 -1.06 1.06 14.35
C THR A 89 -2.05 0.26 13.49
N PHE A 90 -3.14 0.91 13.08
CA PHE A 90 -4.17 0.26 12.27
C PHE A 90 -4.79 1.26 11.30
N HIS A 91 -4.37 1.20 10.04
CA HIS A 91 -4.80 2.11 8.99
C HIS A 91 -5.21 1.28 7.77
N HIS A 92 -6.51 1.24 7.47
CA HIS A 92 -7.01 0.43 6.37
C HIS A 92 -7.73 1.29 5.35
N TRP A 93 -8.26 0.65 4.32
CA TRP A 93 -9.07 1.32 3.32
C TRP A 93 -10.11 0.35 2.77
N LYS A 94 -10.83 0.75 1.74
CA LYS A 94 -11.87 -0.09 1.16
C LYS A 94 -12.05 0.21 -0.33
N VAL A 95 -12.41 -0.82 -1.08
CA VAL A 95 -12.78 -0.69 -2.49
C VAL A 95 -14.18 -1.26 -2.70
N ASP A 96 -15.14 -0.37 -2.92
CA ASP A 96 -16.56 -0.74 -3.03
C ASP A 96 -17.10 -1.24 -1.69
N ASN A 97 -16.62 -2.40 -1.26
CA ASN A 97 -17.03 -2.99 0.02
C ASN A 97 -15.84 -3.69 0.66
N ARG A 98 -15.09 -4.43 -0.15
CA ARG A 98 -13.92 -5.18 0.33
C ARG A 98 -12.91 -4.25 0.98
N LYS A 99 -12.56 -4.55 2.23
CA LYS A 99 -11.69 -3.70 3.03
C LYS A 99 -10.39 -4.43 3.39
N PHE A 100 -9.27 -3.76 3.12
CA PHE A 100 -7.94 -4.28 3.44
C PHE A 100 -7.01 -3.11 3.76
N GLY A 101 -5.96 -3.37 4.53
CA GLY A 101 -5.07 -2.31 4.95
C GLY A 101 -3.88 -2.80 5.75
N LEU A 102 -3.29 -1.89 6.54
CA LEU A 102 -2.05 -2.18 7.27
C LEU A 102 -2.29 -2.17 8.77
N THR A 103 -1.55 -3.02 9.47
CA THR A 103 -1.41 -2.96 10.93
C THR A 103 0.07 -2.84 11.27
N PHE A 104 0.46 -1.69 11.79
CA PHE A 104 1.88 -1.35 11.98
C PHE A 104 2.38 -1.79 13.35
N GLN A 105 3.66 -2.12 13.42
CA GLN A 105 4.35 -2.37 14.69
C GLN A 105 5.20 -1.16 15.05
N SER A 106 5.89 -0.63 14.04
CA SER A 106 6.75 0.54 14.19
C SER A 106 5.91 1.82 14.12
N PRO A 107 6.24 2.84 14.94
CA PRO A 107 5.44 4.06 15.04
C PRO A 107 5.79 5.14 14.00
N ALA A 108 7.08 5.30 13.71
CA ALA A 108 7.56 6.39 12.86
C ALA A 108 7.04 6.26 11.43
N ASP A 109 7.38 5.15 10.78
CA ASP A 109 6.97 4.90 9.40
C ASP A 109 5.45 4.74 9.31
N ALA A 110 4.84 4.30 10.41
CA ALA A 110 3.38 4.24 10.52
C ALA A 110 2.79 5.63 10.36
N ARG A 111 3.30 6.56 11.17
CA ARG A 111 2.86 7.96 11.12
C ARG A 111 3.21 8.57 9.77
N ALA A 112 4.32 8.10 9.20
CA ALA A 112 4.76 8.55 7.87
C ALA A 112 3.76 8.10 6.81
N PHE A 113 3.25 6.88 6.95
CA PHE A 113 2.29 6.32 6.02
C PHE A 113 0.97 7.09 6.10
N ASP A 114 0.45 7.21 7.33
CA ASP A 114 -0.81 7.93 7.58
C ASP A 114 -0.72 9.35 7.02
N ARG A 115 0.29 10.08 7.48
CA ARG A 115 0.58 11.43 7.02
C ARG A 115 0.70 11.46 5.49
N GLY A 116 1.47 10.51 4.95
CA GLY A 116 1.67 10.43 3.52
C GLY A 116 0.38 10.23 2.78
N VAL A 117 -0.51 9.42 3.34
CA VAL A 117 -1.83 9.18 2.76
C VAL A 117 -2.63 10.48 2.70
N ARG A 118 -2.63 11.22 3.80
CA ARG A 118 -3.34 12.49 3.87
C ARG A 118 -2.89 13.41 2.73
N LYS A 119 -1.58 13.63 2.66
CA LYS A 119 -1.01 14.53 1.67
C LYS A 119 -1.15 13.95 0.26
N ALA A 120 -1.16 12.63 0.15
CA ALA A 120 -1.31 11.96 -1.13
C ALA A 120 -2.68 12.25 -1.74
N ILE A 121 -3.73 11.90 -0.99
CA ILE A 121 -5.10 12.12 -1.43
C ILE A 121 -5.35 13.61 -1.65
N GLU A 122 -4.85 14.43 -0.73
CA GLU A 122 -5.02 15.88 -0.80
C GLU A 122 -4.43 16.42 -2.11
N ASP A 123 -3.19 16.03 -2.39
CA ASP A 123 -2.46 16.52 -3.57
C ASP A 123 -3.02 15.90 -4.85
N LEU A 124 -3.54 14.68 -4.73
CA LEU A 124 -4.12 13.96 -5.86
C LEU A 124 -5.41 14.65 -6.31
N ILE A 125 -6.32 14.84 -5.35
CA ILE A 125 -7.65 15.39 -5.64
C ILE A 125 -7.58 16.88 -5.97
N GLU A 126 -6.95 17.65 -5.09
CA GLU A 126 -6.91 19.11 -5.25
C GLU A 126 -5.60 19.52 -5.94
#